data_1ZMF
# 
_entry.id   1ZMF 
# 
_audit_conform.dict_name       mmcif_pdbx.dic 
_audit_conform.dict_version    5.388 
_audit_conform.dict_location   http://mmcif.pdb.org/dictionaries/ascii/mmcif_pdbx.dic 
# 
loop_
_database_2.database_id 
_database_2.database_code 
_database_2.pdbx_database_accession 
_database_2.pdbx_DOI 
PDB   1ZMF         pdb_00001zmf 10.2210/pdb1zmf/pdb 
RCSB  RCSB032890   ?            ?                   
WWPDB D_1000032890 ?            ?                   
# 
loop_
_pdbx_audit_revision_history.ordinal 
_pdbx_audit_revision_history.data_content_type 
_pdbx_audit_revision_history.major_revision 
_pdbx_audit_revision_history.minor_revision 
_pdbx_audit_revision_history.revision_date 
1 'Structure model' 1 0 2005-08-02 
2 'Structure model' 1 1 2008-04-30 
3 'Structure model' 1 2 2011-07-13 
4 'Structure model' 1 3 2017-10-11 
5 'Structure model' 1 4 2024-03-13 
# 
_pdbx_audit_revision_details.ordinal             1 
_pdbx_audit_revision_details.revision_ordinal    1 
_pdbx_audit_revision_details.data_content_type   'Structure model' 
_pdbx_audit_revision_details.provider            repository 
_pdbx_audit_revision_details.type                'Initial release' 
_pdbx_audit_revision_details.description         ? 
_pdbx_audit_revision_details.details             ? 
# 
loop_
_pdbx_audit_revision_group.ordinal 
_pdbx_audit_revision_group.revision_ordinal 
_pdbx_audit_revision_group.data_content_type 
_pdbx_audit_revision_group.group 
1 2 'Structure model' 'Version format compliance' 
2 3 'Structure model' 'Version format compliance' 
3 4 'Structure model' 'Refinement description'    
4 5 'Structure model' 'Data collection'           
5 5 'Structure model' 'Database references'       
# 
loop_
_pdbx_audit_revision_category.ordinal 
_pdbx_audit_revision_category.revision_ordinal 
_pdbx_audit_revision_category.data_content_type 
_pdbx_audit_revision_category.category 
1 4 'Structure model' software       
2 5 'Structure model' chem_comp_atom 
3 5 'Structure model' chem_comp_bond 
4 5 'Structure model' database_2     
# 
loop_
_pdbx_audit_revision_item.ordinal 
_pdbx_audit_revision_item.revision_ordinal 
_pdbx_audit_revision_item.data_content_type 
_pdbx_audit_revision_item.item 
1 5 'Structure model' '_database_2.pdbx_DOI'                
2 5 'Structure model' '_database_2.pdbx_database_accession' 
# 
_pdbx_database_status.status_code                     REL 
_pdbx_database_status.entry_id                        1ZMF 
_pdbx_database_status.recvd_initial_deposition_date   2005-05-10 
_pdbx_database_status.deposit_site                    RCSB 
_pdbx_database_status.process_site                    PDBJ 
_pdbx_database_status.status_code_sf                  REL 
_pdbx_database_status.status_code_mr                  ? 
_pdbx_database_status.SG_entry                        ? 
_pdbx_database_status.pdb_format_compatible           Y 
_pdbx_database_status.status_code_cs                  ? 
_pdbx_database_status.methods_development_category    ? 
_pdbx_database_status.status_code_nmr_data            ? 
# 
loop_
_audit_author.name 
_audit_author.pdbx_ordinal 
'Wang, T.'     1 
'Yun, C.-H.'   2 
'Gu, S.-Y.'    3 
'Chang, W.-R.' 4 
'Liang, D.-C.' 5 
# 
_citation.id                        primary 
_citation.title                     
'1.88A crystal structure of the C domain of hCyP33: A novel domain of peptidyl-prolyl cis-trans isomerase' 
_citation.journal_abbrev            Biochem.Biophys.Res.Commun. 
_citation.journal_volume            333 
_citation.page_first                845 
_citation.page_last                 849 
_citation.year                      2005 
_citation.journal_id_ASTM           BBRCA9 
_citation.country                   US 
_citation.journal_id_ISSN           0006-291X 
_citation.journal_id_CSD            0146 
_citation.book_publisher            ? 
_citation.pdbx_database_id_PubMed   15963461 
_citation.pdbx_database_id_DOI      10.1016/j.bbrc.2005.06.006 
# 
loop_
_citation_author.citation_id 
_citation_author.name 
_citation_author.ordinal 
_citation_author.identifier_ORCID 
primary 'Wang, T.'     1 ? 
primary 'Yun, C.-H.'   2 ? 
primary 'Gu, S.-Y.'    3 ? 
primary 'Chang, W.-R.' 4 ? 
primary 'Liang, D.-C.' 5 ? 
# 
loop_
_entity.id 
_entity.type 
_entity.src_method 
_entity.pdbx_description 
_entity.formula_weight 
_entity.pdbx_number_of_molecules 
_entity.pdbx_ec 
_entity.pdbx_mutation 
_entity.pdbx_fragment 
_entity.details 
1 polymer man 'Peptidyl-prolyl cis-trans isomerase E' 18230.746 1   5.2.1.8 ? 'residues 137-301' ? 
2 water   nat water                                   18.015    142 ?       ? ?                  ? 
# 
_entity_name_com.entity_id   1 
_entity_name_com.name        'PPIase E, Rotamase E, Cyclophilin E, Cyclophilin 33, Hcyp33' 
# 
_entity_poly.entity_id                      1 
_entity_poly.type                           'polypeptide(L)' 
_entity_poly.nstd_linkage                   no 
_entity_poly.nstd_monomer                   no 
_entity_poly.pdbx_seq_one_letter_code       
;RSNPQVYMDIKIGNKPAGRIQMLLRSDVVPMTAENFRCLCTHEKGFGFKGSSFHRIIPQFMCQGGDFTNHNGTGGKSIYG
KKFDDENFILKHTGPGLLSMANSGPNTNGSQFFLTCDKTDWLDGKHVVFGEVTEGLDVLRQIEAQGSKDGKPKQKVIIAD
CGEYV
;
_entity_poly.pdbx_seq_one_letter_code_can   
;RSNPQVYMDIKIGNKPAGRIQMLLRSDVVPMTAENFRCLCTHEKGFGFKGSSFHRIIPQFMCQGGDFTNHNGTGGKSIYG
KKFDDENFILKHTGPGLLSMANSGPNTNGSQFFLTCDKTDWLDGKHVVFGEVTEGLDVLRQIEAQGSKDGKPKQKVIIAD
CGEYV
;
_entity_poly.pdbx_strand_id                 A 
_entity_poly.pdbx_target_identifier         ? 
# 
_pdbx_entity_nonpoly.entity_id   2 
_pdbx_entity_nonpoly.name        water 
_pdbx_entity_nonpoly.comp_id     HOH 
# 
loop_
_entity_poly_seq.entity_id 
_entity_poly_seq.num 
_entity_poly_seq.mon_id 
_entity_poly_seq.hetero 
1 1   ARG n 
1 2   SER n 
1 3   ASN n 
1 4   PRO n 
1 5   GLN n 
1 6   VAL n 
1 7   TYR n 
1 8   MET n 
1 9   ASP n 
1 10  ILE n 
1 11  LYS n 
1 12  ILE n 
1 13  GLY n 
1 14  ASN n 
1 15  LYS n 
1 16  PRO n 
1 17  ALA n 
1 18  GLY n 
1 19  ARG n 
1 20  ILE n 
1 21  GLN n 
1 22  MET n 
1 23  LEU n 
1 24  LEU n 
1 25  ARG n 
1 26  SER n 
1 27  ASP n 
1 28  VAL n 
1 29  VAL n 
1 30  PRO n 
1 31  MET n 
1 32  THR n 
1 33  ALA n 
1 34  GLU n 
1 35  ASN n 
1 36  PHE n 
1 37  ARG n 
1 38  CYS n 
1 39  LEU n 
1 40  CYS n 
1 41  THR n 
1 42  HIS n 
1 43  GLU n 
1 44  LYS n 
1 45  GLY n 
1 46  PHE n 
1 47  GLY n 
1 48  PHE n 
1 49  LYS n 
1 50  GLY n 
1 51  SER n 
1 52  SER n 
1 53  PHE n 
1 54  HIS n 
1 55  ARG n 
1 56  ILE n 
1 57  ILE n 
1 58  PRO n 
1 59  GLN n 
1 60  PHE n 
1 61  MET n 
1 62  CYS n 
1 63  GLN n 
1 64  GLY n 
1 65  GLY n 
1 66  ASP n 
1 67  PHE n 
1 68  THR n 
1 69  ASN n 
1 70  HIS n 
1 71  ASN n 
1 72  GLY n 
1 73  THR n 
1 74  GLY n 
1 75  GLY n 
1 76  LYS n 
1 77  SER n 
1 78  ILE n 
1 79  TYR n 
1 80  GLY n 
1 81  LYS n 
1 82  LYS n 
1 83  PHE n 
1 84  ASP n 
1 85  ASP n 
1 86  GLU n 
1 87  ASN n 
1 88  PHE n 
1 89  ILE n 
1 90  LEU n 
1 91  LYS n 
1 92  HIS n 
1 93  THR n 
1 94  GLY n 
1 95  PRO n 
1 96  GLY n 
1 97  LEU n 
1 98  LEU n 
1 99  SER n 
1 100 MET n 
1 101 ALA n 
1 102 ASN n 
1 103 SER n 
1 104 GLY n 
1 105 PRO n 
1 106 ASN n 
1 107 THR n 
1 108 ASN n 
1 109 GLY n 
1 110 SER n 
1 111 GLN n 
1 112 PHE n 
1 113 PHE n 
1 114 LEU n 
1 115 THR n 
1 116 CYS n 
1 117 ASP n 
1 118 LYS n 
1 119 THR n 
1 120 ASP n 
1 121 TRP n 
1 122 LEU n 
1 123 ASP n 
1 124 GLY n 
1 125 LYS n 
1 126 HIS n 
1 127 VAL n 
1 128 VAL n 
1 129 PHE n 
1 130 GLY n 
1 131 GLU n 
1 132 VAL n 
1 133 THR n 
1 134 GLU n 
1 135 GLY n 
1 136 LEU n 
1 137 ASP n 
1 138 VAL n 
1 139 LEU n 
1 140 ARG n 
1 141 GLN n 
1 142 ILE n 
1 143 GLU n 
1 144 ALA n 
1 145 GLN n 
1 146 GLY n 
1 147 SER n 
1 148 LYS n 
1 149 ASP n 
1 150 GLY n 
1 151 LYS n 
1 152 PRO n 
1 153 LYS n 
1 154 GLN n 
1 155 LYS n 
1 156 VAL n 
1 157 ILE n 
1 158 ILE n 
1 159 ALA n 
1 160 ASP n 
1 161 CYS n 
1 162 GLY n 
1 163 GLU n 
1 164 TYR n 
1 165 VAL n 
# 
_entity_src_gen.entity_id                          1 
_entity_src_gen.pdbx_src_id                        1 
_entity_src_gen.pdbx_alt_source_flag               sample 
_entity_src_gen.pdbx_seq_type                      ? 
_entity_src_gen.pdbx_beg_seq_num                   ? 
_entity_src_gen.pdbx_end_seq_num                   ? 
_entity_src_gen.gene_src_common_name               human 
_entity_src_gen.gene_src_genus                     Homo 
_entity_src_gen.pdbx_gene_src_gene                 ? 
_entity_src_gen.gene_src_species                   ? 
_entity_src_gen.gene_src_strain                    ? 
_entity_src_gen.gene_src_tissue                    ? 
_entity_src_gen.gene_src_tissue_fraction           ? 
_entity_src_gen.gene_src_details                   ? 
_entity_src_gen.pdbx_gene_src_fragment             ? 
_entity_src_gen.pdbx_gene_src_scientific_name      'Homo sapiens' 
_entity_src_gen.pdbx_gene_src_ncbi_taxonomy_id     9606 
_entity_src_gen.pdbx_gene_src_variant              ? 
_entity_src_gen.pdbx_gene_src_cell_line            ? 
_entity_src_gen.pdbx_gene_src_atcc                 ? 
_entity_src_gen.pdbx_gene_src_organ                ? 
_entity_src_gen.pdbx_gene_src_organelle            ? 
_entity_src_gen.pdbx_gene_src_cell                 ? 
_entity_src_gen.pdbx_gene_src_cellular_location    ? 
_entity_src_gen.host_org_common_name               ? 
_entity_src_gen.pdbx_host_org_scientific_name      'Escherichia coli' 
_entity_src_gen.pdbx_host_org_ncbi_taxonomy_id     562 
_entity_src_gen.host_org_genus                     Escherichia 
_entity_src_gen.pdbx_host_org_gene                 ? 
_entity_src_gen.pdbx_host_org_organ                ? 
_entity_src_gen.host_org_species                   ? 
_entity_src_gen.pdbx_host_org_tissue               ? 
_entity_src_gen.pdbx_host_org_tissue_fraction      ? 
_entity_src_gen.pdbx_host_org_strain               M15 
_entity_src_gen.pdbx_host_org_variant              ? 
_entity_src_gen.pdbx_host_org_cell_line            ? 
_entity_src_gen.pdbx_host_org_atcc                 ? 
_entity_src_gen.pdbx_host_org_culture_collection   ? 
_entity_src_gen.pdbx_host_org_cell                 ? 
_entity_src_gen.pdbx_host_org_organelle            ? 
_entity_src_gen.pdbx_host_org_cellular_location    ? 
_entity_src_gen.pdbx_host_org_vector_type          plasmid 
_entity_src_gen.pdbx_host_org_vector               ? 
_entity_src_gen.host_org_details                   ? 
_entity_src_gen.expression_system_id               ? 
_entity_src_gen.plasmid_name                       PQE30 
_entity_src_gen.plasmid_details                    ? 
_entity_src_gen.pdbx_description                   ? 
# 
loop_
_chem_comp.id 
_chem_comp.type 
_chem_comp.mon_nstd_flag 
_chem_comp.name 
_chem_comp.pdbx_synonyms 
_chem_comp.formula 
_chem_comp.formula_weight 
ALA 'L-peptide linking' y ALANINE         ? 'C3 H7 N O2'     89.093  
ARG 'L-peptide linking' y ARGININE        ? 'C6 H15 N4 O2 1' 175.209 
ASN 'L-peptide linking' y ASPARAGINE      ? 'C4 H8 N2 O3'    132.118 
ASP 'L-peptide linking' y 'ASPARTIC ACID' ? 'C4 H7 N O4'     133.103 
CYS 'L-peptide linking' y CYSTEINE        ? 'C3 H7 N O2 S'   121.158 
GLN 'L-peptide linking' y GLUTAMINE       ? 'C5 H10 N2 O3'   146.144 
GLU 'L-peptide linking' y 'GLUTAMIC ACID' ? 'C5 H9 N O4'     147.129 
GLY 'peptide linking'   y GLYCINE         ? 'C2 H5 N O2'     75.067  
HIS 'L-peptide linking' y HISTIDINE       ? 'C6 H10 N3 O2 1' 156.162 
HOH non-polymer         . WATER           ? 'H2 O'           18.015  
ILE 'L-peptide linking' y ISOLEUCINE      ? 'C6 H13 N O2'    131.173 
LEU 'L-peptide linking' y LEUCINE         ? 'C6 H13 N O2'    131.173 
LYS 'L-peptide linking' y LYSINE          ? 'C6 H15 N2 O2 1' 147.195 
MET 'L-peptide linking' y METHIONINE      ? 'C5 H11 N O2 S'  149.211 
PHE 'L-peptide linking' y PHENYLALANINE   ? 'C9 H11 N O2'    165.189 
PRO 'L-peptide linking' y PROLINE         ? 'C5 H9 N O2'     115.130 
SER 'L-peptide linking' y SERINE          ? 'C3 H7 N O3'     105.093 
THR 'L-peptide linking' y THREONINE       ? 'C4 H9 N O3'     119.119 
TRP 'L-peptide linking' y TRYPTOPHAN      ? 'C11 H12 N2 O2'  204.225 
TYR 'L-peptide linking' y TYROSINE        ? 'C9 H11 N O3'    181.189 
VAL 'L-peptide linking' y VALINE          ? 'C5 H11 N O2'    117.146 
# 
loop_
_pdbx_poly_seq_scheme.asym_id 
_pdbx_poly_seq_scheme.entity_id 
_pdbx_poly_seq_scheme.seq_id 
_pdbx_poly_seq_scheme.mon_id 
_pdbx_poly_seq_scheme.ndb_seq_num 
_pdbx_poly_seq_scheme.pdb_seq_num 
_pdbx_poly_seq_scheme.auth_seq_num 
_pdbx_poly_seq_scheme.pdb_mon_id 
_pdbx_poly_seq_scheme.auth_mon_id 
_pdbx_poly_seq_scheme.pdb_strand_id 
_pdbx_poly_seq_scheme.pdb_ins_code 
_pdbx_poly_seq_scheme.hetero 
A 1 1   ARG 1   137 ?   ?   ?   A . n 
A 1 2   SER 2   138 ?   ?   ?   A . n 
A 1 3   ASN 3   139 139 ASN ASN A . n 
A 1 4   PRO 4   140 140 PRO PRO A . n 
A 1 5   GLN 5   141 141 GLN GLN A . n 
A 1 6   VAL 6   142 142 VAL VAL A . n 
A 1 7   TYR 7   143 143 TYR TYR A . n 
A 1 8   MET 8   144 144 MET MET A . n 
A 1 9   ASP 9   145 145 ASP ASP A . n 
A 1 10  ILE 10  146 146 ILE ILE A . n 
A 1 11  LYS 11  147 147 LYS LYS A . n 
A 1 12  ILE 12  148 148 ILE ILE A . n 
A 1 13  GLY 13  149 149 GLY GLY A . n 
A 1 14  ASN 14  150 150 ASN ASN A . n 
A 1 15  LYS 15  151 151 LYS LYS A . n 
A 1 16  PRO 16  152 152 PRO PRO A . n 
A 1 17  ALA 17  153 153 ALA ALA A . n 
A 1 18  GLY 18  154 154 GLY GLY A . n 
A 1 19  ARG 19  155 155 ARG ARG A . n 
A 1 20  ILE 20  156 156 ILE ILE A . n 
A 1 21  GLN 21  157 157 GLN GLN A . n 
A 1 22  MET 22  158 158 MET MET A . n 
A 1 23  LEU 23  159 159 LEU LEU A . n 
A 1 24  LEU 24  160 160 LEU LEU A . n 
A 1 25  ARG 25  161 161 ARG ARG A . n 
A 1 26  SER 26  162 162 SER SER A . n 
A 1 27  ASP 27  163 163 ASP ASP A . n 
A 1 28  VAL 28  164 164 VAL VAL A . n 
A 1 29  VAL 29  165 165 VAL VAL A . n 
A 1 30  PRO 30  166 166 PRO PRO A . n 
A 1 31  MET 31  167 167 MET MET A . n 
A 1 32  THR 32  168 168 THR THR A . n 
A 1 33  ALA 33  169 169 ALA ALA A . n 
A 1 34  GLU 34  170 170 GLU GLU A . n 
A 1 35  ASN 35  171 171 ASN ASN A . n 
A 1 36  PHE 36  172 172 PHE PHE A . n 
A 1 37  ARG 37  173 173 ARG ARG A . n 
A 1 38  CYS 38  174 174 CYS CYS A . n 
A 1 39  LEU 39  175 175 LEU LEU A . n 
A 1 40  CYS 40  176 176 CYS CYS A . n 
A 1 41  THR 41  177 177 THR THR A . n 
A 1 42  HIS 42  178 178 HIS HIS A . n 
A 1 43  GLU 43  179 179 GLU GLU A . n 
A 1 44  LYS 44  180 180 LYS LYS A . n 
A 1 45  GLY 45  181 181 GLY GLY A . n 
A 1 46  PHE 46  182 182 PHE PHE A . n 
A 1 47  GLY 47  183 183 GLY GLY A . n 
A 1 48  PHE 48  184 184 PHE PHE A . n 
A 1 49  LYS 49  185 185 LYS LYS A . n 
A 1 50  GLY 50  186 186 GLY GLY A . n 
A 1 51  SER 51  187 187 SER SER A . n 
A 1 52  SER 52  188 188 SER SER A . n 
A 1 53  PHE 53  189 189 PHE PHE A . n 
A 1 54  HIS 54  190 190 HIS HIS A . n 
A 1 55  ARG 55  191 191 ARG ARG A . n 
A 1 56  ILE 56  192 192 ILE ILE A . n 
A 1 57  ILE 57  193 193 ILE ILE A . n 
A 1 58  PRO 58  194 194 PRO PRO A . n 
A 1 59  GLN 59  195 195 GLN GLN A . n 
A 1 60  PHE 60  196 196 PHE PHE A . n 
A 1 61  MET 61  197 197 MET MET A . n 
A 1 62  CYS 62  198 198 CYS CYS A . n 
A 1 63  GLN 63  199 199 GLN GLN A . n 
A 1 64  GLY 64  200 200 GLY GLY A . n 
A 1 65  GLY 65  201 201 GLY GLY A . n 
A 1 66  ASP 66  202 202 ASP ASP A . n 
A 1 67  PHE 67  203 203 PHE PHE A . n 
A 1 68  THR 68  204 204 THR THR A . n 
A 1 69  ASN 69  205 205 ASN ASN A . n 
A 1 70  HIS 70  206 206 HIS HIS A . n 
A 1 71  ASN 71  207 207 ASN ASN A . n 
A 1 72  GLY 72  208 208 GLY GLY A . n 
A 1 73  THR 73  209 209 THR THR A . n 
A 1 74  GLY 74  210 210 GLY GLY A . n 
A 1 75  GLY 75  211 211 GLY GLY A . n 
A 1 76  LYS 76  212 212 LYS LYS A . n 
A 1 77  SER 77  213 213 SER SER A . n 
A 1 78  ILE 78  214 214 ILE ILE A . n 
A 1 79  TYR 79  215 215 TYR TYR A . n 
A 1 80  GLY 80  216 216 GLY GLY A . n 
A 1 81  LYS 81  217 217 LYS LYS A . n 
A 1 82  LYS 82  218 218 LYS LYS A . n 
A 1 83  PHE 83  219 219 PHE PHE A . n 
A 1 84  ASP 84  220 220 ASP ASP A . n 
A 1 85  ASP 85  221 221 ASP ASP A . n 
A 1 86  GLU 86  222 222 GLU GLU A . n 
A 1 87  ASN 87  223 223 ASN ASN A . n 
A 1 88  PHE 88  224 224 PHE PHE A . n 
A 1 89  ILE 89  225 225 ILE ILE A . n 
A 1 90  LEU 90  226 226 LEU LEU A . n 
A 1 91  LYS 91  227 227 LYS LYS A . n 
A 1 92  HIS 92  228 228 HIS HIS A . n 
A 1 93  THR 93  229 229 THR THR A . n 
A 1 94  GLY 94  230 230 GLY GLY A . n 
A 1 95  PRO 95  231 231 PRO PRO A . n 
A 1 96  GLY 96  232 232 GLY GLY A . n 
A 1 97  LEU 97  233 233 LEU LEU A . n 
A 1 98  LEU 98  234 234 LEU LEU A . n 
A 1 99  SER 99  235 235 SER SER A . n 
A 1 100 MET 100 236 236 MET MET A . n 
A 1 101 ALA 101 237 237 ALA ALA A . n 
A 1 102 ASN 102 238 238 ASN ASN A . n 
A 1 103 SER 103 239 239 SER SER A . n 
A 1 104 GLY 104 240 240 GLY GLY A . n 
A 1 105 PRO 105 241 241 PRO PRO A . n 
A 1 106 ASN 106 242 242 ASN ASN A . n 
A 1 107 THR 107 243 243 THR THR A . n 
A 1 108 ASN 108 244 244 ASN ASN A . n 
A 1 109 GLY 109 245 245 GLY GLY A . n 
A 1 110 SER 110 246 246 SER SER A . n 
A 1 111 GLN 111 247 247 GLN GLN A . n 
A 1 112 PHE 112 248 248 PHE PHE A . n 
A 1 113 PHE 113 249 249 PHE PHE A . n 
A 1 114 LEU 114 250 250 LEU LEU A . n 
A 1 115 THR 115 251 251 THR THR A . n 
A 1 116 CYS 116 252 252 CYS CYS A . n 
A 1 117 ASP 117 253 253 ASP ASP A . n 
A 1 118 LYS 118 254 254 LYS LYS A . n 
A 1 119 THR 119 255 255 THR THR A . n 
A 1 120 ASP 120 256 256 ASP ASP A . n 
A 1 121 TRP 121 257 257 TRP TRP A . n 
A 1 122 LEU 122 258 258 LEU LEU A . n 
A 1 123 ASP 123 259 259 ASP ASP A . n 
A 1 124 GLY 124 260 260 GLY GLY A . n 
A 1 125 LYS 125 261 261 LYS LYS A . n 
A 1 126 HIS 126 262 262 HIS HIS A . n 
A 1 127 VAL 127 263 263 VAL VAL A . n 
A 1 128 VAL 128 264 264 VAL VAL A . n 
A 1 129 PHE 129 265 265 PHE PHE A . n 
A 1 130 GLY 130 266 266 GLY GLY A . n 
A 1 131 GLU 131 267 267 GLU GLU A . n 
A 1 132 VAL 132 268 268 VAL VAL A . n 
A 1 133 THR 133 269 269 THR THR A . n 
A 1 134 GLU 134 270 270 GLU GLU A . n 
A 1 135 GLY 135 271 271 GLY GLY A . n 
A 1 136 LEU 136 272 272 LEU LEU A . n 
A 1 137 ASP 137 273 273 ASP ASP A . n 
A 1 138 VAL 138 274 274 VAL VAL A . n 
A 1 139 LEU 139 275 275 LEU LEU A . n 
A 1 140 ARG 140 276 276 ARG ARG A . n 
A 1 141 GLN 141 277 277 GLN GLN A . n 
A 1 142 ILE 142 278 278 ILE ILE A . n 
A 1 143 GLU 143 279 279 GLU GLU A . n 
A 1 144 ALA 144 280 280 ALA ALA A . n 
A 1 145 GLN 145 281 281 GLN GLN A . n 
A 1 146 GLY 146 282 282 GLY GLY A . n 
A 1 147 SER 147 283 283 SER SER A . n 
A 1 148 LYS 148 284 284 LYS LYS A . n 
A 1 149 ASP 149 285 285 ASP ASP A . n 
A 1 150 GLY 150 286 286 GLY GLY A . n 
A 1 151 LYS 151 287 287 LYS LYS A . n 
A 1 152 PRO 152 288 288 PRO PRO A . n 
A 1 153 LYS 153 289 289 LYS LYS A . n 
A 1 154 GLN 154 290 290 GLN GLN A . n 
A 1 155 LYS 155 291 291 LYS LYS A . n 
A 1 156 VAL 156 292 292 VAL VAL A . n 
A 1 157 ILE 157 293 293 ILE ILE A . n 
A 1 158 ILE 158 294 294 ILE ILE A . n 
A 1 159 ALA 159 295 295 ALA ALA A . n 
A 1 160 ASP 160 296 296 ASP ASP A . n 
A 1 161 CYS 161 297 297 CYS CYS A . n 
A 1 162 GLY 162 298 298 GLY GLY A . n 
A 1 163 GLU 163 299 299 GLU GLU A . n 
A 1 164 TYR 164 300 300 TYR TYR A . n 
A 1 165 VAL 165 301 ?   ?   ?   A . n 
# 
loop_
_pdbx_nonpoly_scheme.asym_id 
_pdbx_nonpoly_scheme.entity_id 
_pdbx_nonpoly_scheme.mon_id 
_pdbx_nonpoly_scheme.ndb_seq_num 
_pdbx_nonpoly_scheme.pdb_seq_num 
_pdbx_nonpoly_scheme.auth_seq_num 
_pdbx_nonpoly_scheme.pdb_mon_id 
_pdbx_nonpoly_scheme.auth_mon_id 
_pdbx_nonpoly_scheme.pdb_strand_id 
_pdbx_nonpoly_scheme.pdb_ins_code 
B 2 HOH 1   302 1   HOH WAT A . 
B 2 HOH 2   303 2   HOH WAT A . 
B 2 HOH 3   304 3   HOH WAT A . 
B 2 HOH 4   305 4   HOH WAT A . 
B 2 HOH 5   306 5   HOH WAT A . 
B 2 HOH 6   307 6   HOH WAT A . 
B 2 HOH 7   308 7   HOH WAT A . 
B 2 HOH 8   309 8   HOH WAT A . 
B 2 HOH 9   310 9   HOH WAT A . 
B 2 HOH 10  311 10  HOH WAT A . 
B 2 HOH 11  312 11  HOH WAT A . 
B 2 HOH 12  313 12  HOH WAT A . 
B 2 HOH 13  314 13  HOH WAT A . 
B 2 HOH 14  315 14  HOH WAT A . 
B 2 HOH 15  316 15  HOH WAT A . 
B 2 HOH 16  317 16  HOH WAT A . 
B 2 HOH 17  318 17  HOH WAT A . 
B 2 HOH 18  319 18  HOH WAT A . 
B 2 HOH 19  320 19  HOH WAT A . 
B 2 HOH 20  321 20  HOH WAT A . 
B 2 HOH 21  322 21  HOH WAT A . 
B 2 HOH 22  323 22  HOH WAT A . 
B 2 HOH 23  324 23  HOH WAT A . 
B 2 HOH 24  325 24  HOH WAT A . 
B 2 HOH 25  326 25  HOH WAT A . 
B 2 HOH 26  327 26  HOH WAT A . 
B 2 HOH 27  328 27  HOH WAT A . 
B 2 HOH 28  329 28  HOH WAT A . 
B 2 HOH 29  330 29  HOH WAT A . 
B 2 HOH 30  331 30  HOH WAT A . 
B 2 HOH 31  332 31  HOH WAT A . 
B 2 HOH 32  333 32  HOH WAT A . 
B 2 HOH 33  334 33  HOH WAT A . 
B 2 HOH 34  335 34  HOH WAT A . 
B 2 HOH 35  336 35  HOH WAT A . 
B 2 HOH 36  337 36  HOH WAT A . 
B 2 HOH 37  338 37  HOH WAT A . 
B 2 HOH 38  339 38  HOH WAT A . 
B 2 HOH 39  340 39  HOH WAT A . 
B 2 HOH 40  341 40  HOH WAT A . 
B 2 HOH 41  342 41  HOH WAT A . 
B 2 HOH 42  343 42  HOH WAT A . 
B 2 HOH 43  344 43  HOH WAT A . 
B 2 HOH 44  345 44  HOH WAT A . 
B 2 HOH 45  346 45  HOH WAT A . 
B 2 HOH 46  347 46  HOH WAT A . 
B 2 HOH 47  348 47  HOH WAT A . 
B 2 HOH 48  349 48  HOH WAT A . 
B 2 HOH 49  350 49  HOH WAT A . 
B 2 HOH 50  351 50  HOH WAT A . 
B 2 HOH 51  352 51  HOH WAT A . 
B 2 HOH 52  353 52  HOH WAT A . 
B 2 HOH 53  354 53  HOH WAT A . 
B 2 HOH 54  355 54  HOH WAT A . 
B 2 HOH 55  356 55  HOH WAT A . 
B 2 HOH 56  357 56  HOH WAT A . 
B 2 HOH 57  358 57  HOH WAT A . 
B 2 HOH 58  359 58  HOH WAT A . 
B 2 HOH 59  360 59  HOH WAT A . 
B 2 HOH 60  361 60  HOH WAT A . 
B 2 HOH 61  362 61  HOH WAT A . 
B 2 HOH 62  363 62  HOH WAT A . 
B 2 HOH 63  364 63  HOH WAT A . 
B 2 HOH 64  365 64  HOH WAT A . 
B 2 HOH 65  366 65  HOH WAT A . 
B 2 HOH 66  367 66  HOH WAT A . 
B 2 HOH 67  368 67  HOH WAT A . 
B 2 HOH 68  369 68  HOH WAT A . 
B 2 HOH 69  370 69  HOH WAT A . 
B 2 HOH 70  371 70  HOH WAT A . 
B 2 HOH 71  372 71  HOH WAT A . 
B 2 HOH 72  373 72  HOH WAT A . 
B 2 HOH 73  374 73  HOH WAT A . 
B 2 HOH 74  375 74  HOH WAT A . 
B 2 HOH 75  376 75  HOH WAT A . 
B 2 HOH 76  377 76  HOH WAT A . 
B 2 HOH 77  378 77  HOH WAT A . 
B 2 HOH 78  379 78  HOH WAT A . 
B 2 HOH 79  380 79  HOH WAT A . 
B 2 HOH 80  381 80  HOH WAT A . 
B 2 HOH 81  382 81  HOH WAT A . 
B 2 HOH 82  383 82  HOH WAT A . 
B 2 HOH 83  384 83  HOH WAT A . 
B 2 HOH 84  385 84  HOH WAT A . 
B 2 HOH 85  386 85  HOH WAT A . 
B 2 HOH 86  387 86  HOH WAT A . 
B 2 HOH 87  388 87  HOH WAT A . 
B 2 HOH 88  389 88  HOH WAT A . 
B 2 HOH 89  390 89  HOH WAT A . 
B 2 HOH 90  391 90  HOH WAT A . 
B 2 HOH 91  392 91  HOH WAT A . 
B 2 HOH 92  393 92  HOH WAT A . 
B 2 HOH 93  394 93  HOH WAT A . 
B 2 HOH 94  395 94  HOH WAT A . 
B 2 HOH 95  396 95  HOH WAT A . 
B 2 HOH 96  397 96  HOH WAT A . 
B 2 HOH 97  398 97  HOH WAT A . 
B 2 HOH 98  399 98  HOH WAT A . 
B 2 HOH 99  400 99  HOH WAT A . 
B 2 HOH 100 401 100 HOH WAT A . 
B 2 HOH 101 402 101 HOH WAT A . 
B 2 HOH 102 403 102 HOH WAT A . 
B 2 HOH 103 404 103 HOH WAT A . 
B 2 HOH 104 405 104 HOH WAT A . 
B 2 HOH 105 406 105 HOH WAT A . 
B 2 HOH 106 407 106 HOH WAT A . 
B 2 HOH 107 408 107 HOH WAT A . 
B 2 HOH 108 409 108 HOH WAT A . 
B 2 HOH 109 410 109 HOH WAT A . 
B 2 HOH 110 411 110 HOH WAT A . 
B 2 HOH 111 412 111 HOH WAT A . 
B 2 HOH 112 413 112 HOH WAT A . 
B 2 HOH 113 414 113 HOH WAT A . 
B 2 HOH 114 415 114 HOH WAT A . 
B 2 HOH 115 416 115 HOH WAT A . 
B 2 HOH 116 417 116 HOH WAT A . 
B 2 HOH 117 418 117 HOH WAT A . 
B 2 HOH 118 419 118 HOH WAT A . 
B 2 HOH 119 420 119 HOH WAT A . 
B 2 HOH 120 421 120 HOH WAT A . 
B 2 HOH 121 422 121 HOH WAT A . 
B 2 HOH 122 423 122 HOH WAT A . 
B 2 HOH 123 424 123 HOH WAT A . 
B 2 HOH 124 425 124 HOH WAT A . 
B 2 HOH 125 426 125 HOH WAT A . 
B 2 HOH 126 427 126 HOH WAT A . 
B 2 HOH 127 428 127 HOH WAT A . 
B 2 HOH 128 429 128 HOH WAT A . 
B 2 HOH 129 430 129 HOH WAT A . 
B 2 HOH 130 431 130 HOH WAT A . 
B 2 HOH 131 432 131 HOH WAT A . 
B 2 HOH 132 433 132 HOH WAT A . 
B 2 HOH 133 434 133 HOH WAT A . 
B 2 HOH 134 435 134 HOH WAT A . 
B 2 HOH 135 436 135 HOH WAT A . 
B 2 HOH 136 437 136 HOH WAT A . 
B 2 HOH 137 438 137 HOH WAT A . 
B 2 HOH 138 439 138 HOH WAT A . 
B 2 HOH 139 440 139 HOH WAT A . 
B 2 HOH 140 441 140 HOH WAT A . 
B 2 HOH 141 442 141 HOH WAT A . 
B 2 HOH 142 443 142 HOH WAT A . 
# 
loop_
_pdbx_unobs_or_zero_occ_atoms.id 
_pdbx_unobs_or_zero_occ_atoms.PDB_model_num 
_pdbx_unobs_or_zero_occ_atoms.polymer_flag 
_pdbx_unobs_or_zero_occ_atoms.occupancy_flag 
_pdbx_unobs_or_zero_occ_atoms.auth_asym_id 
_pdbx_unobs_or_zero_occ_atoms.auth_comp_id 
_pdbx_unobs_or_zero_occ_atoms.auth_seq_id 
_pdbx_unobs_or_zero_occ_atoms.PDB_ins_code 
_pdbx_unobs_or_zero_occ_atoms.auth_atom_id 
_pdbx_unobs_or_zero_occ_atoms.label_alt_id 
_pdbx_unobs_or_zero_occ_atoms.label_asym_id 
_pdbx_unobs_or_zero_occ_atoms.label_comp_id 
_pdbx_unobs_or_zero_occ_atoms.label_seq_id 
_pdbx_unobs_or_zero_occ_atoms.label_atom_id 
1 1 Y 1 A LYS 147 ? CE  ? A LYS 11  CE  
2 1 Y 1 A ASN 150 ? ND2 ? A ASN 14  ND2 
3 1 Y 1 A LYS 287 ? CE  ? A LYS 151 CE  
# 
loop_
_software.name 
_software.classification 
_software.version 
_software.citation_id 
_software.pdbx_ordinal 
MAR345    'data collection' .   ? 1 
SCALEPACK 'data scaling'    .   ? 2 
MOLREP    phasing           .   ? 3 
REFMAC    refinement        5.0 ? 4 
# 
_cell.entry_id           1ZMF 
_cell.length_a           66.61 
_cell.length_b           66.61 
_cell.length_c           76.78 
_cell.angle_alpha        90.00 
_cell.angle_beta         90.00 
_cell.angle_gamma        90.00 
_cell.Z_PDB              8 
_cell.pdbx_unique_axis   ? 
# 
_symmetry.entry_id                         1ZMF 
_symmetry.space_group_name_H-M             'P 42 21 2' 
_symmetry.pdbx_full_space_group_name_H-M   ? 
_symmetry.Int_Tables_number                94 
_symmetry.cell_setting                     ? 
_symmetry.space_group_name_Hall            ? 
# 
_exptl.entry_id          1ZMF 
_exptl.method            'X-RAY DIFFRACTION' 
_exptl.crystals_number   1 
# 
_exptl_crystal.id                    1 
_exptl_crystal.density_meas          ? 
_exptl_crystal.density_Matthews      2.3 
_exptl_crystal.density_percent_sol   47.1 
_exptl_crystal.description           ? 
_exptl_crystal.F_000                 ? 
_exptl_crystal.preparation           ? 
# 
_exptl_crystal_grow.crystal_id      1 
_exptl_crystal_grow.method          'VAPOR DIFFUSION, HANGING DROP' 
_exptl_crystal_grow.temp            293 
_exptl_crystal_grow.temp_details    ? 
_exptl_crystal_grow.pH              7.5 
_exptl_crystal_grow.pdbx_details    'PEG3350, pH 7.5, VAPOR DIFFUSION, HANGING DROP, temperature 293K' 
_exptl_crystal_grow.pdbx_pH_range   . 
# 
_diffrn.id                     1 
_diffrn.ambient_temp           100 
_diffrn.ambient_temp_details   ? 
_diffrn.crystal_id             1 
# 
_diffrn_detector.diffrn_id              1 
_diffrn_detector.detector               'IMAGE PLATE' 
_diffrn_detector.type                   MARRESEARCH 
_diffrn_detector.pdbx_collection_date   2004-08-25 
_diffrn_detector.details                ? 
# 
_diffrn_radiation.diffrn_id                        1 
_diffrn_radiation.wavelength_id                    1 
_diffrn_radiation.pdbx_monochromatic_or_laue_m_l   M 
_diffrn_radiation.monochromator                    ? 
_diffrn_radiation.pdbx_diffrn_protocol             'SINGLE WAVELENGTH' 
_diffrn_radiation.pdbx_scattering_type             x-ray 
# 
_diffrn_radiation_wavelength.id           1 
_diffrn_radiation_wavelength.wavelength   1.5418 
_diffrn_radiation_wavelength.wt           1.0 
# 
_diffrn_source.diffrn_id                   1 
_diffrn_source.source                      'SEALED TUBE' 
_diffrn_source.type                        'HOME SOURCE' 
_diffrn_source.pdbx_synchrotron_site       ? 
_diffrn_source.pdbx_synchrotron_beamline   ? 
_diffrn_source.pdbx_wavelength             ? 
_diffrn_source.pdbx_wavelength_list        1.5418 
# 
_reflns.entry_id                     1ZMF 
_reflns.observed_criterion_sigma_F   ? 
_reflns.observed_criterion_sigma_I   ? 
_reflns.d_resolution_high            1.88 
_reflns.d_resolution_low             47.10 
_reflns.number_all                   14600 
_reflns.number_obs                   14600 
_reflns.percent_possible_obs         99.9 
_reflns.pdbx_Rmerge_I_obs            0.082 
_reflns.pdbx_Rsym_value              ? 
_reflns.pdbx_netI_over_sigmaI        ? 
_reflns.B_iso_Wilson_estimate        ? 
_reflns.pdbx_redundancy              13.6 
_reflns.R_free_details               ? 
_reflns.limit_h_max                  ? 
_reflns.limit_h_min                  ? 
_reflns.limit_k_max                  ? 
_reflns.limit_k_min                  ? 
_reflns.limit_l_max                  ? 
_reflns.limit_l_min                  ? 
_reflns.observed_criterion_F_max     ? 
_reflns.observed_criterion_F_min     ? 
_reflns.pdbx_chi_squared             ? 
_reflns.pdbx_scaling_rejects         ? 
_reflns.pdbx_diffrn_id               1 
_reflns.pdbx_ordinal                 1 
# 
_reflns_shell.d_res_high             1.88 
_reflns_shell.d_res_low              1.93 
_reflns_shell.percent_possible_all   6.9 
_reflns_shell.Rmerge_I_obs           ? 
_reflns_shell.pdbx_Rsym_value        ? 
_reflns_shell.meanI_over_sigI_obs    ? 
_reflns_shell.pdbx_redundancy        ? 
_reflns_shell.percent_possible_obs   ? 
_reflns_shell.number_unique_all      ? 
_reflns_shell.number_measured_all    ? 
_reflns_shell.number_measured_obs    ? 
_reflns_shell.number_unique_obs      ? 
_reflns_shell.pdbx_chi_squared       ? 
_reflns_shell.pdbx_diffrn_id         ? 
_reflns_shell.pdbx_ordinal           1 
# 
_refine.entry_id                                 1ZMF 
_refine.ls_d_res_high                            1.88 
_refine.ls_d_res_low                             47.1 
_refine.pdbx_ls_sigma_F                          -3 
_refine.pdbx_ls_sigma_I                          ? 
_refine.ls_number_reflns_all                     14600 
_refine.ls_number_reflns_obs                     14600 
_refine.ls_number_reflns_R_free                  ? 
_refine.ls_percent_reflns_obs                    ? 
_refine.ls_R_factor_all                          0.184 
_refine.ls_R_factor_obs                          0.172 
_refine.ls_R_factor_R_work                       0.169 
_refine.ls_R_factor_R_free                       0.225 
_refine.ls_redundancy_reflns_obs                 ? 
_refine.pdbx_data_cutoff_high_absF               ? 
_refine.pdbx_data_cutoff_low_absF                ? 
_refine.ls_number_parameters                     ? 
_refine.ls_number_restraints                     ? 
_refine.ls_percent_reflns_R_free                 ? 
_refine.ls_R_factor_R_free_error                 ? 
_refine.ls_R_factor_R_free_error_details         ? 
_refine.pdbx_method_to_determine_struct          'MOLECULAR REPLACEMENT' 
_refine.pdbx_starting_model                      ? 
_refine.pdbx_ls_cross_valid_method               ? 
_refine.pdbx_R_Free_selection_details            random 
_refine.pdbx_stereochem_target_val_spec_case     ? 
_refine.pdbx_stereochemistry_target_values       'Engh & Huber' 
_refine.solvent_model_details                    ? 
_refine.solvent_model_param_bsol                 ? 
_refine.solvent_model_param_ksol                 ? 
_refine.occupancy_max                            ? 
_refine.occupancy_min                            ? 
_refine.pdbx_isotropic_thermal_model             ? 
_refine.B_iso_mean                               ? 
_refine.aniso_B[1][1]                            ? 
_refine.aniso_B[1][2]                            ? 
_refine.aniso_B[1][3]                            ? 
_refine.aniso_B[2][2]                            ? 
_refine.aniso_B[2][3]                            ? 
_refine.aniso_B[3][3]                            ? 
_refine.details                                  ? 
_refine.B_iso_min                                ? 
_refine.B_iso_max                                ? 
_refine.correlation_coeff_Fo_to_Fc               ? 
_refine.correlation_coeff_Fo_to_Fc_free          ? 
_refine.pdbx_solvent_vdw_probe_radii             ? 
_refine.pdbx_solvent_ion_probe_radii             ? 
_refine.pdbx_solvent_shrinkage_radii             ? 
_refine.overall_SU_R_Cruickshank_DPI             ? 
_refine.overall_SU_R_free                        ? 
_refine.overall_SU_ML                            ? 
_refine.overall_SU_B                             ? 
_refine.pdbx_overall_ESU_R_Free                  ? 
_refine.pdbx_data_cutoff_high_rms_absF           ? 
_refine.pdbx_overall_ESU_R                       ? 
_refine.ls_wR_factor_R_free                      ? 
_refine.ls_wR_factor_R_work                      ? 
_refine.overall_FOM_free_R_set                   ? 
_refine.overall_FOM_work_R_set                   ? 
_refine.pdbx_refine_id                           'X-RAY DIFFRACTION' 
_refine.pdbx_diffrn_id                           1 
_refine.pdbx_TLS_residual_ADP_flag               ? 
_refine.pdbx_overall_phase_error                 ? 
_refine.pdbx_overall_SU_R_free_Cruickshank_DPI   ? 
_refine.pdbx_overall_SU_R_Blow_DPI               ? 
_refine.pdbx_overall_SU_R_free_Blow_DPI          ? 
# 
_refine_hist.pdbx_refine_id                   'X-RAY DIFFRACTION' 
_refine_hist.cycle_id                         LAST 
_refine_hist.pdbx_number_atoms_protein        1249 
_refine_hist.pdbx_number_atoms_nucleic_acid   0 
_refine_hist.pdbx_number_atoms_ligand         0 
_refine_hist.number_atoms_solvent             142 
_refine_hist.number_atoms_total               1391 
_refine_hist.d_res_high                       1.88 
_refine_hist.d_res_low                        47.1 
# 
_struct.entry_id                  1ZMF 
_struct.title                     'C domain of human cyclophilin-33(hcyp33)' 
_struct.pdbx_model_details        ? 
_struct.pdbx_CASP_flag            ? 
_struct.pdbx_model_type_details   ? 
# 
_struct_keywords.entry_id        1ZMF 
_struct_keywords.pdbx_keywords   ISOMERASE 
_struct_keywords.text            'Human cyclophilin-33, PPIase, ISOMERASE' 
# 
loop_
_struct_asym.id 
_struct_asym.pdbx_blank_PDB_chainid_flag 
_struct_asym.pdbx_modified 
_struct_asym.entity_id 
_struct_asym.details 
A N N 1 ? 
B N N 2 ? 
# 
_struct_ref.id                         1 
_struct_ref.db_name                    UNP 
_struct_ref.db_code                    PPIE_HUMAN 
_struct_ref.pdbx_db_accession          Q9UNP9 
_struct_ref.entity_id                  1 
_struct_ref.pdbx_seq_one_letter_code   
;RSNPQVYMDIKIGNKPAGRIQMLLRSDVVPMTAENFRCLCTHEKGFGFKGSSFHRIIPQFMCQGGDFTNHNGTGGKSIYG
KKFDDENFILKHTGPGLLSMANSGPNTNGSQFFLTCDKTDWLDGKHVVFGEVTEGLDVLRQIEAQGSKDGKPKQKVIIAD
CGEYV
;
_struct_ref.pdbx_align_begin           137 
_struct_ref.pdbx_db_isoform            ? 
# 
_struct_ref_seq.align_id                      1 
_struct_ref_seq.ref_id                        1 
_struct_ref_seq.pdbx_PDB_id_code              1ZMF 
_struct_ref_seq.pdbx_strand_id                A 
_struct_ref_seq.seq_align_beg                 1 
_struct_ref_seq.pdbx_seq_align_beg_ins_code   ? 
_struct_ref_seq.seq_align_end                 165 
_struct_ref_seq.pdbx_seq_align_end_ins_code   ? 
_struct_ref_seq.pdbx_db_accession             Q9UNP9 
_struct_ref_seq.db_align_beg                  137 
_struct_ref_seq.pdbx_db_align_beg_ins_code    ? 
_struct_ref_seq.db_align_end                  301 
_struct_ref_seq.pdbx_db_align_end_ins_code    ? 
_struct_ref_seq.pdbx_auth_seq_align_beg       137 
_struct_ref_seq.pdbx_auth_seq_align_end       301 
# 
_pdbx_struct_assembly.id                   1 
_pdbx_struct_assembly.details              author_defined_assembly 
_pdbx_struct_assembly.method_details       ? 
_pdbx_struct_assembly.oligomeric_details   monomeric 
_pdbx_struct_assembly.oligomeric_count     1 
# 
_pdbx_struct_assembly_gen.assembly_id       1 
_pdbx_struct_assembly_gen.oper_expression   1 
_pdbx_struct_assembly_gen.asym_id_list      A,B 
# 
_pdbx_struct_oper_list.id                   1 
_pdbx_struct_oper_list.type                 'identity operation' 
_pdbx_struct_oper_list.name                 1_555 
_pdbx_struct_oper_list.symmetry_operation   x,y,z 
_pdbx_struct_oper_list.matrix[1][1]         1.0000000000 
_pdbx_struct_oper_list.matrix[1][2]         0.0000000000 
_pdbx_struct_oper_list.matrix[1][3]         0.0000000000 
_pdbx_struct_oper_list.vector[1]            0.0000000000 
_pdbx_struct_oper_list.matrix[2][1]         0.0000000000 
_pdbx_struct_oper_list.matrix[2][2]         1.0000000000 
_pdbx_struct_oper_list.matrix[2][3]         0.0000000000 
_pdbx_struct_oper_list.vector[2]            0.0000000000 
_pdbx_struct_oper_list.matrix[3][1]         0.0000000000 
_pdbx_struct_oper_list.matrix[3][2]         0.0000000000 
_pdbx_struct_oper_list.matrix[3][3]         1.0000000000 
_pdbx_struct_oper_list.vector[3]            0.0000000000 
# 
_struct_biol.id                    1 
_struct_biol.pdbx_parent_biol_id   ? 
_struct_biol.details               ? 
# 
loop_
_struct_conf.conf_type_id 
_struct_conf.id 
_struct_conf.pdbx_PDB_helix_id 
_struct_conf.beg_label_comp_id 
_struct_conf.beg_label_asym_id 
_struct_conf.beg_label_seq_id 
_struct_conf.pdbx_beg_PDB_ins_code 
_struct_conf.end_label_comp_id 
_struct_conf.end_label_asym_id 
_struct_conf.end_label_seq_id 
_struct_conf.pdbx_end_PDB_ins_code 
_struct_conf.beg_auth_comp_id 
_struct_conf.beg_auth_asym_id 
_struct_conf.beg_auth_seq_id 
_struct_conf.end_auth_comp_id 
_struct_conf.end_auth_asym_id 
_struct_conf.end_auth_seq_id 
_struct_conf.pdbx_PDB_helix_class 
_struct_conf.details 
_struct_conf.pdbx_PDB_helix_length 
HELX_P HELX_P1 1 VAL A 29  ? HIS A 42  ? VAL A 165 HIS A 178 1 ? 14 
HELX_P HELX_P2 2 THR A 119 ? ASP A 123 ? THR A 255 ASP A 259 5 ? 5  
HELX_P HELX_P3 3 GLY A 135 ? ALA A 144 ? GLY A 271 ALA A 280 1 ? 10 
# 
_struct_conf_type.id          HELX_P 
_struct_conf_type.criteria    ? 
_struct_conf_type.reference   ? 
# 
_struct_sheet.id               A 
_struct_sheet.type             ? 
_struct_sheet.number_strands   8 
_struct_sheet.details          ? 
# 
loop_
_struct_sheet_order.sheet_id 
_struct_sheet_order.range_id_1 
_struct_sheet_order.range_id_2 
_struct_sheet_order.offset 
_struct_sheet_order.sense 
A 1 2 ? anti-parallel 
A 2 3 ? anti-parallel 
A 3 4 ? anti-parallel 
A 4 5 ? anti-parallel 
A 5 6 ? anti-parallel 
A 6 7 ? anti-parallel 
A 7 8 ? anti-parallel 
# 
loop_
_struct_sheet_range.sheet_id 
_struct_sheet_range.id 
_struct_sheet_range.beg_label_comp_id 
_struct_sheet_range.beg_label_asym_id 
_struct_sheet_range.beg_label_seq_id 
_struct_sheet_range.pdbx_beg_PDB_ins_code 
_struct_sheet_range.end_label_comp_id 
_struct_sheet_range.end_label_asym_id 
_struct_sheet_range.end_label_seq_id 
_struct_sheet_range.pdbx_end_PDB_ins_code 
_struct_sheet_range.beg_auth_comp_id 
_struct_sheet_range.beg_auth_asym_id 
_struct_sheet_range.beg_auth_seq_id 
_struct_sheet_range.end_auth_comp_id 
_struct_sheet_range.end_auth_asym_id 
_struct_sheet_range.end_auth_seq_id 
A 1 PHE A 53  ? ILE A 57  ? PHE A 189 ILE A 193 
A 2 MET A 61  ? GLY A 64  ? MET A 197 GLY A 200 
A 3 PHE A 112 ? THR A 115 ? PHE A 248 THR A 251 
A 4 LEU A 97  ? MET A 100 ? LEU A 233 MET A 236 
A 5 VAL A 128 ? GLU A 134 ? VAL A 264 GLU A 270 
A 6 LYS A 15  ? LEU A 24  ? LYS A 151 LEU A 160 
A 7 GLN A 5   ? ILE A 12  ? GLN A 141 ILE A 148 
A 8 VAL A 156 ? GLU A 163 ? VAL A 292 GLU A 299 
# 
loop_
_pdbx_struct_sheet_hbond.sheet_id 
_pdbx_struct_sheet_hbond.range_id_1 
_pdbx_struct_sheet_hbond.range_id_2 
_pdbx_struct_sheet_hbond.range_1_label_atom_id 
_pdbx_struct_sheet_hbond.range_1_label_comp_id 
_pdbx_struct_sheet_hbond.range_1_label_asym_id 
_pdbx_struct_sheet_hbond.range_1_label_seq_id 
_pdbx_struct_sheet_hbond.range_1_PDB_ins_code 
_pdbx_struct_sheet_hbond.range_1_auth_atom_id 
_pdbx_struct_sheet_hbond.range_1_auth_comp_id 
_pdbx_struct_sheet_hbond.range_1_auth_asym_id 
_pdbx_struct_sheet_hbond.range_1_auth_seq_id 
_pdbx_struct_sheet_hbond.range_2_label_atom_id 
_pdbx_struct_sheet_hbond.range_2_label_comp_id 
_pdbx_struct_sheet_hbond.range_2_label_asym_id 
_pdbx_struct_sheet_hbond.range_2_label_seq_id 
_pdbx_struct_sheet_hbond.range_2_PDB_ins_code 
_pdbx_struct_sheet_hbond.range_2_auth_atom_id 
_pdbx_struct_sheet_hbond.range_2_auth_comp_id 
_pdbx_struct_sheet_hbond.range_2_auth_asym_id 
_pdbx_struct_sheet_hbond.range_2_auth_seq_id 
A 1 2 N ARG A 55  ? N ARG A 191 O GLN A 63  ? O GLN A 199 
A 2 3 N GLY A 64  ? N GLY A 200 O PHE A 112 ? O PHE A 248 
A 3 4 O PHE A 113 ? O PHE A 249 N SER A 99  ? N SER A 235 
A 4 5 N LEU A 98  ? N LEU A 234 O PHE A 129 ? O PHE A 265 
A 5 6 O GLU A 131 ? O GLU A 267 N LEU A 23  ? N LEU A 159 
A 6 7 O ALA A 17  ? O ALA A 153 N ILE A 10  ? N ILE A 146 
A 7 8 N LYS A 11  ? N LYS A 147 O ILE A 157 ? O ILE A 293 
# 
_pdbx_validate_rmsd_angle.id                         1 
_pdbx_validate_rmsd_angle.PDB_model_num              1 
_pdbx_validate_rmsd_angle.auth_atom_id_1             CB 
_pdbx_validate_rmsd_angle.auth_asym_id_1             A 
_pdbx_validate_rmsd_angle.auth_comp_id_1             ASP 
_pdbx_validate_rmsd_angle.auth_seq_id_1              221 
_pdbx_validate_rmsd_angle.PDB_ins_code_1             ? 
_pdbx_validate_rmsd_angle.label_alt_id_1             ? 
_pdbx_validate_rmsd_angle.auth_atom_id_2             CG 
_pdbx_validate_rmsd_angle.auth_asym_id_2             A 
_pdbx_validate_rmsd_angle.auth_comp_id_2             ASP 
_pdbx_validate_rmsd_angle.auth_seq_id_2              221 
_pdbx_validate_rmsd_angle.PDB_ins_code_2             ? 
_pdbx_validate_rmsd_angle.label_alt_id_2             ? 
_pdbx_validate_rmsd_angle.auth_atom_id_3             OD2 
_pdbx_validate_rmsd_angle.auth_asym_id_3             A 
_pdbx_validate_rmsd_angle.auth_comp_id_3             ASP 
_pdbx_validate_rmsd_angle.auth_seq_id_3              221 
_pdbx_validate_rmsd_angle.PDB_ins_code_3             ? 
_pdbx_validate_rmsd_angle.label_alt_id_3             ? 
_pdbx_validate_rmsd_angle.angle_value                123.81 
_pdbx_validate_rmsd_angle.angle_target_value         118.30 
_pdbx_validate_rmsd_angle.angle_deviation            5.51 
_pdbx_validate_rmsd_angle.angle_standard_deviation   0.90 
_pdbx_validate_rmsd_angle.linker_flag                N 
# 
loop_
_pdbx_validate_torsion.id 
_pdbx_validate_torsion.PDB_model_num 
_pdbx_validate_torsion.auth_comp_id 
_pdbx_validate_torsion.auth_asym_id 
_pdbx_validate_torsion.auth_seq_id 
_pdbx_validate_torsion.PDB_ins_code 
_pdbx_validate_torsion.label_alt_id 
_pdbx_validate_torsion.phi 
_pdbx_validate_torsion.psi 
1 1 GLN A 195 ? ? 58.53   18.12  
2 1 PHE A 196 ? ? -133.02 -74.01 
3 1 LYS A 218 ? ? -49.15  158.12 
# 
_pdbx_validate_peptide_omega.id               1 
_pdbx_validate_peptide_omega.PDB_model_num    1 
_pdbx_validate_peptide_omega.auth_comp_id_1   ASN 
_pdbx_validate_peptide_omega.auth_asym_id_1   A 
_pdbx_validate_peptide_omega.auth_seq_id_1    150 
_pdbx_validate_peptide_omega.PDB_ins_code_1   ? 
_pdbx_validate_peptide_omega.label_alt_id_1   ? 
_pdbx_validate_peptide_omega.auth_comp_id_2   LYS 
_pdbx_validate_peptide_omega.auth_asym_id_2   A 
_pdbx_validate_peptide_omega.auth_seq_id_2    151 
_pdbx_validate_peptide_omega.PDB_ins_code_2   ? 
_pdbx_validate_peptide_omega.label_alt_id_2   ? 
_pdbx_validate_peptide_omega.omega            -149.86 
# 
loop_
_pdbx_unobs_or_zero_occ_residues.id 
_pdbx_unobs_or_zero_occ_residues.PDB_model_num 
_pdbx_unobs_or_zero_occ_residues.polymer_flag 
_pdbx_unobs_or_zero_occ_residues.occupancy_flag 
_pdbx_unobs_or_zero_occ_residues.auth_asym_id 
_pdbx_unobs_or_zero_occ_residues.auth_comp_id 
_pdbx_unobs_or_zero_occ_residues.auth_seq_id 
_pdbx_unobs_or_zero_occ_residues.PDB_ins_code 
_pdbx_unobs_or_zero_occ_residues.label_asym_id 
_pdbx_unobs_or_zero_occ_residues.label_comp_id 
_pdbx_unobs_or_zero_occ_residues.label_seq_id 
1 1 Y 1 A ARG 137 ? A ARG 1   
2 1 Y 1 A SER 138 ? A SER 2   
3 1 Y 1 A VAL 301 ? A VAL 165 
# 
loop_
_chem_comp_atom.comp_id 
_chem_comp_atom.atom_id 
_chem_comp_atom.type_symbol 
_chem_comp_atom.pdbx_aromatic_flag 
_chem_comp_atom.pdbx_stereo_config 
_chem_comp_atom.pdbx_ordinal 
ALA N    N N N 1   
ALA CA   C N S 2   
ALA C    C N N 3   
ALA O    O N N 4   
ALA CB   C N N 5   
ALA OXT  O N N 6   
ALA H    H N N 7   
ALA H2   H N N 8   
ALA HA   H N N 9   
ALA HB1  H N N 10  
ALA HB2  H N N 11  
ALA HB3  H N N 12  
ALA HXT  H N N 13  
ARG N    N N N 14  
ARG CA   C N S 15  
ARG C    C N N 16  
ARG O    O N N 17  
ARG CB   C N N 18  
ARG CG   C N N 19  
ARG CD   C N N 20  
ARG NE   N N N 21  
ARG CZ   C N N 22  
ARG NH1  N N N 23  
ARG NH2  N N N 24  
ARG OXT  O N N 25  
ARG H    H N N 26  
ARG H2   H N N 27  
ARG HA   H N N 28  
ARG HB2  H N N 29  
ARG HB3  H N N 30  
ARG HG2  H N N 31  
ARG HG3  H N N 32  
ARG HD2  H N N 33  
ARG HD3  H N N 34  
ARG HE   H N N 35  
ARG HH11 H N N 36  
ARG HH12 H N N 37  
ARG HH21 H N N 38  
ARG HH22 H N N 39  
ARG HXT  H N N 40  
ASN N    N N N 41  
ASN CA   C N S 42  
ASN C    C N N 43  
ASN O    O N N 44  
ASN CB   C N N 45  
ASN CG   C N N 46  
ASN OD1  O N N 47  
ASN ND2  N N N 48  
ASN OXT  O N N 49  
ASN H    H N N 50  
ASN H2   H N N 51  
ASN HA   H N N 52  
ASN HB2  H N N 53  
ASN HB3  H N N 54  
ASN HD21 H N N 55  
ASN HD22 H N N 56  
ASN HXT  H N N 57  
ASP N    N N N 58  
ASP CA   C N S 59  
ASP C    C N N 60  
ASP O    O N N 61  
ASP CB   C N N 62  
ASP CG   C N N 63  
ASP OD1  O N N 64  
ASP OD2  O N N 65  
ASP OXT  O N N 66  
ASP H    H N N 67  
ASP H2   H N N 68  
ASP HA   H N N 69  
ASP HB2  H N N 70  
ASP HB3  H N N 71  
ASP HD2  H N N 72  
ASP HXT  H N N 73  
CYS N    N N N 74  
CYS CA   C N R 75  
CYS C    C N N 76  
CYS O    O N N 77  
CYS CB   C N N 78  
CYS SG   S N N 79  
CYS OXT  O N N 80  
CYS H    H N N 81  
CYS H2   H N N 82  
CYS HA   H N N 83  
CYS HB2  H N N 84  
CYS HB3  H N N 85  
CYS HG   H N N 86  
CYS HXT  H N N 87  
GLN N    N N N 88  
GLN CA   C N S 89  
GLN C    C N N 90  
GLN O    O N N 91  
GLN CB   C N N 92  
GLN CG   C N N 93  
GLN CD   C N N 94  
GLN OE1  O N N 95  
GLN NE2  N N N 96  
GLN OXT  O N N 97  
GLN H    H N N 98  
GLN H2   H N N 99  
GLN HA   H N N 100 
GLN HB2  H N N 101 
GLN HB3  H N N 102 
GLN HG2  H N N 103 
GLN HG3  H N N 104 
GLN HE21 H N N 105 
GLN HE22 H N N 106 
GLN HXT  H N N 107 
GLU N    N N N 108 
GLU CA   C N S 109 
GLU C    C N N 110 
GLU O    O N N 111 
GLU CB   C N N 112 
GLU CG   C N N 113 
GLU CD   C N N 114 
GLU OE1  O N N 115 
GLU OE2  O N N 116 
GLU OXT  O N N 117 
GLU H    H N N 118 
GLU H2   H N N 119 
GLU HA   H N N 120 
GLU HB2  H N N 121 
GLU HB3  H N N 122 
GLU HG2  H N N 123 
GLU HG3  H N N 124 
GLU HE2  H N N 125 
GLU HXT  H N N 126 
GLY N    N N N 127 
GLY CA   C N N 128 
GLY C    C N N 129 
GLY O    O N N 130 
GLY OXT  O N N 131 
GLY H    H N N 132 
GLY H2   H N N 133 
GLY HA2  H N N 134 
GLY HA3  H N N 135 
GLY HXT  H N N 136 
HIS N    N N N 137 
HIS CA   C N S 138 
HIS C    C N N 139 
HIS O    O N N 140 
HIS CB   C N N 141 
HIS CG   C Y N 142 
HIS ND1  N Y N 143 
HIS CD2  C Y N 144 
HIS CE1  C Y N 145 
HIS NE2  N Y N 146 
HIS OXT  O N N 147 
HIS H    H N N 148 
HIS H2   H N N 149 
HIS HA   H N N 150 
HIS HB2  H N N 151 
HIS HB3  H N N 152 
HIS HD1  H N N 153 
HIS HD2  H N N 154 
HIS HE1  H N N 155 
HIS HE2  H N N 156 
HIS HXT  H N N 157 
HOH O    O N N 158 
HOH H1   H N N 159 
HOH H2   H N N 160 
ILE N    N N N 161 
ILE CA   C N S 162 
ILE C    C N N 163 
ILE O    O N N 164 
ILE CB   C N S 165 
ILE CG1  C N N 166 
ILE CG2  C N N 167 
ILE CD1  C N N 168 
ILE OXT  O N N 169 
ILE H    H N N 170 
ILE H2   H N N 171 
ILE HA   H N N 172 
ILE HB   H N N 173 
ILE HG12 H N N 174 
ILE HG13 H N N 175 
ILE HG21 H N N 176 
ILE HG22 H N N 177 
ILE HG23 H N N 178 
ILE HD11 H N N 179 
ILE HD12 H N N 180 
ILE HD13 H N N 181 
ILE HXT  H N N 182 
LEU N    N N N 183 
LEU CA   C N S 184 
LEU C    C N N 185 
LEU O    O N N 186 
LEU CB   C N N 187 
LEU CG   C N N 188 
LEU CD1  C N N 189 
LEU CD2  C N N 190 
LEU OXT  O N N 191 
LEU H    H N N 192 
LEU H2   H N N 193 
LEU HA   H N N 194 
LEU HB2  H N N 195 
LEU HB3  H N N 196 
LEU HG   H N N 197 
LEU HD11 H N N 198 
LEU HD12 H N N 199 
LEU HD13 H N N 200 
LEU HD21 H N N 201 
LEU HD22 H N N 202 
LEU HD23 H N N 203 
LEU HXT  H N N 204 
LYS N    N N N 205 
LYS CA   C N S 206 
LYS C    C N N 207 
LYS O    O N N 208 
LYS CB   C N N 209 
LYS CG   C N N 210 
LYS CD   C N N 211 
LYS CE   C N N 212 
LYS NZ   N N N 213 
LYS OXT  O N N 214 
LYS H    H N N 215 
LYS H2   H N N 216 
LYS HA   H N N 217 
LYS HB2  H N N 218 
LYS HB3  H N N 219 
LYS HG2  H N N 220 
LYS HG3  H N N 221 
LYS HD2  H N N 222 
LYS HD3  H N N 223 
LYS HE2  H N N 224 
LYS HE3  H N N 225 
LYS HZ1  H N N 226 
LYS HZ2  H N N 227 
LYS HZ3  H N N 228 
LYS HXT  H N N 229 
MET N    N N N 230 
MET CA   C N S 231 
MET C    C N N 232 
MET O    O N N 233 
MET CB   C N N 234 
MET CG   C N N 235 
MET SD   S N N 236 
MET CE   C N N 237 
MET OXT  O N N 238 
MET H    H N N 239 
MET H2   H N N 240 
MET HA   H N N 241 
MET HB2  H N N 242 
MET HB3  H N N 243 
MET HG2  H N N 244 
MET HG3  H N N 245 
MET HE1  H N N 246 
MET HE2  H N N 247 
MET HE3  H N N 248 
MET HXT  H N N 249 
PHE N    N N N 250 
PHE CA   C N S 251 
PHE C    C N N 252 
PHE O    O N N 253 
PHE CB   C N N 254 
PHE CG   C Y N 255 
PHE CD1  C Y N 256 
PHE CD2  C Y N 257 
PHE CE1  C Y N 258 
PHE CE2  C Y N 259 
PHE CZ   C Y N 260 
PHE OXT  O N N 261 
PHE H    H N N 262 
PHE H2   H N N 263 
PHE HA   H N N 264 
PHE HB2  H N N 265 
PHE HB3  H N N 266 
PHE HD1  H N N 267 
PHE HD2  H N N 268 
PHE HE1  H N N 269 
PHE HE2  H N N 270 
PHE HZ   H N N 271 
PHE HXT  H N N 272 
PRO N    N N N 273 
PRO CA   C N S 274 
PRO C    C N N 275 
PRO O    O N N 276 
PRO CB   C N N 277 
PRO CG   C N N 278 
PRO CD   C N N 279 
PRO OXT  O N N 280 
PRO H    H N N 281 
PRO HA   H N N 282 
PRO HB2  H N N 283 
PRO HB3  H N N 284 
PRO HG2  H N N 285 
PRO HG3  H N N 286 
PRO HD2  H N N 287 
PRO HD3  H N N 288 
PRO HXT  H N N 289 
SER N    N N N 290 
SER CA   C N S 291 
SER C    C N N 292 
SER O    O N N 293 
SER CB   C N N 294 
SER OG   O N N 295 
SER OXT  O N N 296 
SER H    H N N 297 
SER H2   H N N 298 
SER HA   H N N 299 
SER HB2  H N N 300 
SER HB3  H N N 301 
SER HG   H N N 302 
SER HXT  H N N 303 
THR N    N N N 304 
THR CA   C N S 305 
THR C    C N N 306 
THR O    O N N 307 
THR CB   C N R 308 
THR OG1  O N N 309 
THR CG2  C N N 310 
THR OXT  O N N 311 
THR H    H N N 312 
THR H2   H N N 313 
THR HA   H N N 314 
THR HB   H N N 315 
THR HG1  H N N 316 
THR HG21 H N N 317 
THR HG22 H N N 318 
THR HG23 H N N 319 
THR HXT  H N N 320 
TRP N    N N N 321 
TRP CA   C N S 322 
TRP C    C N N 323 
TRP O    O N N 324 
TRP CB   C N N 325 
TRP CG   C Y N 326 
TRP CD1  C Y N 327 
TRP CD2  C Y N 328 
TRP NE1  N Y N 329 
TRP CE2  C Y N 330 
TRP CE3  C Y N 331 
TRP CZ2  C Y N 332 
TRP CZ3  C Y N 333 
TRP CH2  C Y N 334 
TRP OXT  O N N 335 
TRP H    H N N 336 
TRP H2   H N N 337 
TRP HA   H N N 338 
TRP HB2  H N N 339 
TRP HB3  H N N 340 
TRP HD1  H N N 341 
TRP HE1  H N N 342 
TRP HE3  H N N 343 
TRP HZ2  H N N 344 
TRP HZ3  H N N 345 
TRP HH2  H N N 346 
TRP HXT  H N N 347 
TYR N    N N N 348 
TYR CA   C N S 349 
TYR C    C N N 350 
TYR O    O N N 351 
TYR CB   C N N 352 
TYR CG   C Y N 353 
TYR CD1  C Y N 354 
TYR CD2  C Y N 355 
TYR CE1  C Y N 356 
TYR CE2  C Y N 357 
TYR CZ   C Y N 358 
TYR OH   O N N 359 
TYR OXT  O N N 360 
TYR H    H N N 361 
TYR H2   H N N 362 
TYR HA   H N N 363 
TYR HB2  H N N 364 
TYR HB3  H N N 365 
TYR HD1  H N N 366 
TYR HD2  H N N 367 
TYR HE1  H N N 368 
TYR HE2  H N N 369 
TYR HH   H N N 370 
TYR HXT  H N N 371 
VAL N    N N N 372 
VAL CA   C N S 373 
VAL C    C N N 374 
VAL O    O N N 375 
VAL CB   C N N 376 
VAL CG1  C N N 377 
VAL CG2  C N N 378 
VAL OXT  O N N 379 
VAL H    H N N 380 
VAL H2   H N N 381 
VAL HA   H N N 382 
VAL HB   H N N 383 
VAL HG11 H N N 384 
VAL HG12 H N N 385 
VAL HG13 H N N 386 
VAL HG21 H N N 387 
VAL HG22 H N N 388 
VAL HG23 H N N 389 
VAL HXT  H N N 390 
# 
loop_
_chem_comp_bond.comp_id 
_chem_comp_bond.atom_id_1 
_chem_comp_bond.atom_id_2 
_chem_comp_bond.value_order 
_chem_comp_bond.pdbx_aromatic_flag 
_chem_comp_bond.pdbx_stereo_config 
_chem_comp_bond.pdbx_ordinal 
ALA N   CA   sing N N 1   
ALA N   H    sing N N 2   
ALA N   H2   sing N N 3   
ALA CA  C    sing N N 4   
ALA CA  CB   sing N N 5   
ALA CA  HA   sing N N 6   
ALA C   O    doub N N 7   
ALA C   OXT  sing N N 8   
ALA CB  HB1  sing N N 9   
ALA CB  HB2  sing N N 10  
ALA CB  HB3  sing N N 11  
ALA OXT HXT  sing N N 12  
ARG N   CA   sing N N 13  
ARG N   H    sing N N 14  
ARG N   H2   sing N N 15  
ARG CA  C    sing N N 16  
ARG CA  CB   sing N N 17  
ARG CA  HA   sing N N 18  
ARG C   O    doub N N 19  
ARG C   OXT  sing N N 20  
ARG CB  CG   sing N N 21  
ARG CB  HB2  sing N N 22  
ARG CB  HB3  sing N N 23  
ARG CG  CD   sing N N 24  
ARG CG  HG2  sing N N 25  
ARG CG  HG3  sing N N 26  
ARG CD  NE   sing N N 27  
ARG CD  HD2  sing N N 28  
ARG CD  HD3  sing N N 29  
ARG NE  CZ   sing N N 30  
ARG NE  HE   sing N N 31  
ARG CZ  NH1  sing N N 32  
ARG CZ  NH2  doub N N 33  
ARG NH1 HH11 sing N N 34  
ARG NH1 HH12 sing N N 35  
ARG NH2 HH21 sing N N 36  
ARG NH2 HH22 sing N N 37  
ARG OXT HXT  sing N N 38  
ASN N   CA   sing N N 39  
ASN N   H    sing N N 40  
ASN N   H2   sing N N 41  
ASN CA  C    sing N N 42  
ASN CA  CB   sing N N 43  
ASN CA  HA   sing N N 44  
ASN C   O    doub N N 45  
ASN C   OXT  sing N N 46  
ASN CB  CG   sing N N 47  
ASN CB  HB2  sing N N 48  
ASN CB  HB3  sing N N 49  
ASN CG  OD1  doub N N 50  
ASN CG  ND2  sing N N 51  
ASN ND2 HD21 sing N N 52  
ASN ND2 HD22 sing N N 53  
ASN OXT HXT  sing N N 54  
ASP N   CA   sing N N 55  
ASP N   H    sing N N 56  
ASP N   H2   sing N N 57  
ASP CA  C    sing N N 58  
ASP CA  CB   sing N N 59  
ASP CA  HA   sing N N 60  
ASP C   O    doub N N 61  
ASP C   OXT  sing N N 62  
ASP CB  CG   sing N N 63  
ASP CB  HB2  sing N N 64  
ASP CB  HB3  sing N N 65  
ASP CG  OD1  doub N N 66  
ASP CG  OD2  sing N N 67  
ASP OD2 HD2  sing N N 68  
ASP OXT HXT  sing N N 69  
CYS N   CA   sing N N 70  
CYS N   H    sing N N 71  
CYS N   H2   sing N N 72  
CYS CA  C    sing N N 73  
CYS CA  CB   sing N N 74  
CYS CA  HA   sing N N 75  
CYS C   O    doub N N 76  
CYS C   OXT  sing N N 77  
CYS CB  SG   sing N N 78  
CYS CB  HB2  sing N N 79  
CYS CB  HB3  sing N N 80  
CYS SG  HG   sing N N 81  
CYS OXT HXT  sing N N 82  
GLN N   CA   sing N N 83  
GLN N   H    sing N N 84  
GLN N   H2   sing N N 85  
GLN CA  C    sing N N 86  
GLN CA  CB   sing N N 87  
GLN CA  HA   sing N N 88  
GLN C   O    doub N N 89  
GLN C   OXT  sing N N 90  
GLN CB  CG   sing N N 91  
GLN CB  HB2  sing N N 92  
GLN CB  HB3  sing N N 93  
GLN CG  CD   sing N N 94  
GLN CG  HG2  sing N N 95  
GLN CG  HG3  sing N N 96  
GLN CD  OE1  doub N N 97  
GLN CD  NE2  sing N N 98  
GLN NE2 HE21 sing N N 99  
GLN NE2 HE22 sing N N 100 
GLN OXT HXT  sing N N 101 
GLU N   CA   sing N N 102 
GLU N   H    sing N N 103 
GLU N   H2   sing N N 104 
GLU CA  C    sing N N 105 
GLU CA  CB   sing N N 106 
GLU CA  HA   sing N N 107 
GLU C   O    doub N N 108 
GLU C   OXT  sing N N 109 
GLU CB  CG   sing N N 110 
GLU CB  HB2  sing N N 111 
GLU CB  HB3  sing N N 112 
GLU CG  CD   sing N N 113 
GLU CG  HG2  sing N N 114 
GLU CG  HG3  sing N N 115 
GLU CD  OE1  doub N N 116 
GLU CD  OE2  sing N N 117 
GLU OE2 HE2  sing N N 118 
GLU OXT HXT  sing N N 119 
GLY N   CA   sing N N 120 
GLY N   H    sing N N 121 
GLY N   H2   sing N N 122 
GLY CA  C    sing N N 123 
GLY CA  HA2  sing N N 124 
GLY CA  HA3  sing N N 125 
GLY C   O    doub N N 126 
GLY C   OXT  sing N N 127 
GLY OXT HXT  sing N N 128 
HIS N   CA   sing N N 129 
HIS N   H    sing N N 130 
HIS N   H2   sing N N 131 
HIS CA  C    sing N N 132 
HIS CA  CB   sing N N 133 
HIS CA  HA   sing N N 134 
HIS C   O    doub N N 135 
HIS C   OXT  sing N N 136 
HIS CB  CG   sing N N 137 
HIS CB  HB2  sing N N 138 
HIS CB  HB3  sing N N 139 
HIS CG  ND1  sing Y N 140 
HIS CG  CD2  doub Y N 141 
HIS ND1 CE1  doub Y N 142 
HIS ND1 HD1  sing N N 143 
HIS CD2 NE2  sing Y N 144 
HIS CD2 HD2  sing N N 145 
HIS CE1 NE2  sing Y N 146 
HIS CE1 HE1  sing N N 147 
HIS NE2 HE2  sing N N 148 
HIS OXT HXT  sing N N 149 
HOH O   H1   sing N N 150 
HOH O   H2   sing N N 151 
ILE N   CA   sing N N 152 
ILE N   H    sing N N 153 
ILE N   H2   sing N N 154 
ILE CA  C    sing N N 155 
ILE CA  CB   sing N N 156 
ILE CA  HA   sing N N 157 
ILE C   O    doub N N 158 
ILE C   OXT  sing N N 159 
ILE CB  CG1  sing N N 160 
ILE CB  CG2  sing N N 161 
ILE CB  HB   sing N N 162 
ILE CG1 CD1  sing N N 163 
ILE CG1 HG12 sing N N 164 
ILE CG1 HG13 sing N N 165 
ILE CG2 HG21 sing N N 166 
ILE CG2 HG22 sing N N 167 
ILE CG2 HG23 sing N N 168 
ILE CD1 HD11 sing N N 169 
ILE CD1 HD12 sing N N 170 
ILE CD1 HD13 sing N N 171 
ILE OXT HXT  sing N N 172 
LEU N   CA   sing N N 173 
LEU N   H    sing N N 174 
LEU N   H2   sing N N 175 
LEU CA  C    sing N N 176 
LEU CA  CB   sing N N 177 
LEU CA  HA   sing N N 178 
LEU C   O    doub N N 179 
LEU C   OXT  sing N N 180 
LEU CB  CG   sing N N 181 
LEU CB  HB2  sing N N 182 
LEU CB  HB3  sing N N 183 
LEU CG  CD1  sing N N 184 
LEU CG  CD2  sing N N 185 
LEU CG  HG   sing N N 186 
LEU CD1 HD11 sing N N 187 
LEU CD1 HD12 sing N N 188 
LEU CD1 HD13 sing N N 189 
LEU CD2 HD21 sing N N 190 
LEU CD2 HD22 sing N N 191 
LEU CD2 HD23 sing N N 192 
LEU OXT HXT  sing N N 193 
LYS N   CA   sing N N 194 
LYS N   H    sing N N 195 
LYS N   H2   sing N N 196 
LYS CA  C    sing N N 197 
LYS CA  CB   sing N N 198 
LYS CA  HA   sing N N 199 
LYS C   O    doub N N 200 
LYS C   OXT  sing N N 201 
LYS CB  CG   sing N N 202 
LYS CB  HB2  sing N N 203 
LYS CB  HB3  sing N N 204 
LYS CG  CD   sing N N 205 
LYS CG  HG2  sing N N 206 
LYS CG  HG3  sing N N 207 
LYS CD  CE   sing N N 208 
LYS CD  HD2  sing N N 209 
LYS CD  HD3  sing N N 210 
LYS CE  NZ   sing N N 211 
LYS CE  HE2  sing N N 212 
LYS CE  HE3  sing N N 213 
LYS NZ  HZ1  sing N N 214 
LYS NZ  HZ2  sing N N 215 
LYS NZ  HZ3  sing N N 216 
LYS OXT HXT  sing N N 217 
MET N   CA   sing N N 218 
MET N   H    sing N N 219 
MET N   H2   sing N N 220 
MET CA  C    sing N N 221 
MET CA  CB   sing N N 222 
MET CA  HA   sing N N 223 
MET C   O    doub N N 224 
MET C   OXT  sing N N 225 
MET CB  CG   sing N N 226 
MET CB  HB2  sing N N 227 
MET CB  HB3  sing N N 228 
MET CG  SD   sing N N 229 
MET CG  HG2  sing N N 230 
MET CG  HG3  sing N N 231 
MET SD  CE   sing N N 232 
MET CE  HE1  sing N N 233 
MET CE  HE2  sing N N 234 
MET CE  HE3  sing N N 235 
MET OXT HXT  sing N N 236 
PHE N   CA   sing N N 237 
PHE N   H    sing N N 238 
PHE N   H2   sing N N 239 
PHE CA  C    sing N N 240 
PHE CA  CB   sing N N 241 
PHE CA  HA   sing N N 242 
PHE C   O    doub N N 243 
PHE C   OXT  sing N N 244 
PHE CB  CG   sing N N 245 
PHE CB  HB2  sing N N 246 
PHE CB  HB3  sing N N 247 
PHE CG  CD1  doub Y N 248 
PHE CG  CD2  sing Y N 249 
PHE CD1 CE1  sing Y N 250 
PHE CD1 HD1  sing N N 251 
PHE CD2 CE2  doub Y N 252 
PHE CD2 HD2  sing N N 253 
PHE CE1 CZ   doub Y N 254 
PHE CE1 HE1  sing N N 255 
PHE CE2 CZ   sing Y N 256 
PHE CE2 HE2  sing N N 257 
PHE CZ  HZ   sing N N 258 
PHE OXT HXT  sing N N 259 
PRO N   CA   sing N N 260 
PRO N   CD   sing N N 261 
PRO N   H    sing N N 262 
PRO CA  C    sing N N 263 
PRO CA  CB   sing N N 264 
PRO CA  HA   sing N N 265 
PRO C   O    doub N N 266 
PRO C   OXT  sing N N 267 
PRO CB  CG   sing N N 268 
PRO CB  HB2  sing N N 269 
PRO CB  HB3  sing N N 270 
PRO CG  CD   sing N N 271 
PRO CG  HG2  sing N N 272 
PRO CG  HG3  sing N N 273 
PRO CD  HD2  sing N N 274 
PRO CD  HD3  sing N N 275 
PRO OXT HXT  sing N N 276 
SER N   CA   sing N N 277 
SER N   H    sing N N 278 
SER N   H2   sing N N 279 
SER CA  C    sing N N 280 
SER CA  CB   sing N N 281 
SER CA  HA   sing N N 282 
SER C   O    doub N N 283 
SER C   OXT  sing N N 284 
SER CB  OG   sing N N 285 
SER CB  HB2  sing N N 286 
SER CB  HB3  sing N N 287 
SER OG  HG   sing N N 288 
SER OXT HXT  sing N N 289 
THR N   CA   sing N N 290 
THR N   H    sing N N 291 
THR N   H2   sing N N 292 
THR CA  C    sing N N 293 
THR CA  CB   sing N N 294 
THR CA  HA   sing N N 295 
THR C   O    doub N N 296 
THR C   OXT  sing N N 297 
THR CB  OG1  sing N N 298 
THR CB  CG2  sing N N 299 
THR CB  HB   sing N N 300 
THR OG1 HG1  sing N N 301 
THR CG2 HG21 sing N N 302 
THR CG2 HG22 sing N N 303 
THR CG2 HG23 sing N N 304 
THR OXT HXT  sing N N 305 
TRP N   CA   sing N N 306 
TRP N   H    sing N N 307 
TRP N   H2   sing N N 308 
TRP CA  C    sing N N 309 
TRP CA  CB   sing N N 310 
TRP CA  HA   sing N N 311 
TRP C   O    doub N N 312 
TRP C   OXT  sing N N 313 
TRP CB  CG   sing N N 314 
TRP CB  HB2  sing N N 315 
TRP CB  HB3  sing N N 316 
TRP CG  CD1  doub Y N 317 
TRP CG  CD2  sing Y N 318 
TRP CD1 NE1  sing Y N 319 
TRP CD1 HD1  sing N N 320 
TRP CD2 CE2  doub Y N 321 
TRP CD2 CE3  sing Y N 322 
TRP NE1 CE2  sing Y N 323 
TRP NE1 HE1  sing N N 324 
TRP CE2 CZ2  sing Y N 325 
TRP CE3 CZ3  doub Y N 326 
TRP CE3 HE3  sing N N 327 
TRP CZ2 CH2  doub Y N 328 
TRP CZ2 HZ2  sing N N 329 
TRP CZ3 CH2  sing Y N 330 
TRP CZ3 HZ3  sing N N 331 
TRP CH2 HH2  sing N N 332 
TRP OXT HXT  sing N N 333 
TYR N   CA   sing N N 334 
TYR N   H    sing N N 335 
TYR N   H2   sing N N 336 
TYR CA  C    sing N N 337 
TYR CA  CB   sing N N 338 
TYR CA  HA   sing N N 339 
TYR C   O    doub N N 340 
TYR C   OXT  sing N N 341 
TYR CB  CG   sing N N 342 
TYR CB  HB2  sing N N 343 
TYR CB  HB3  sing N N 344 
TYR CG  CD1  doub Y N 345 
TYR CG  CD2  sing Y N 346 
TYR CD1 CE1  sing Y N 347 
TYR CD1 HD1  sing N N 348 
TYR CD2 CE2  doub Y N 349 
TYR CD2 HD2  sing N N 350 
TYR CE1 CZ   doub Y N 351 
TYR CE1 HE1  sing N N 352 
TYR CE2 CZ   sing Y N 353 
TYR CE2 HE2  sing N N 354 
TYR CZ  OH   sing N N 355 
TYR OH  HH   sing N N 356 
TYR OXT HXT  sing N N 357 
VAL N   CA   sing N N 358 
VAL N   H    sing N N 359 
VAL N   H2   sing N N 360 
VAL CA  C    sing N N 361 
VAL CA  CB   sing N N 362 
VAL CA  HA   sing N N 363 
VAL C   O    doub N N 364 
VAL C   OXT  sing N N 365 
VAL CB  CG1  sing N N 366 
VAL CB  CG2  sing N N 367 
VAL CB  HB   sing N N 368 
VAL CG1 HG11 sing N N 369 
VAL CG1 HG12 sing N N 370 
VAL CG1 HG13 sing N N 371 
VAL CG2 HG21 sing N N 372 
VAL CG2 HG22 sing N N 373 
VAL CG2 HG23 sing N N 374 
VAL OXT HXT  sing N N 375 
# 
_atom_sites.entry_id                    1ZMF 
_atom_sites.fract_transf_matrix[1][1]   -0.01098253 
_atom_sites.fract_transf_matrix[1][2]   0.00810483 
_atom_sites.fract_transf_matrix[1][3]   0.00625187 
_atom_sites.fract_transf_matrix[2][1]   -0.00317560 
_atom_sites.fract_transf_matrix[2][2]   -0.01141501 
_atom_sites.fract_transf_matrix[2][3]   0.00921972 
_atom_sites.fract_transf_matrix[3][1]   0.00844232 
_atom_sites.fract_transf_matrix[3][2]   0.00470414 
_atom_sites.fract_transf_matrix[3][3]   0.00873207 
_atom_sites.fract_transf_vector[1]      0.234883 
_atom_sites.fract_transf_vector[2]      0.264327 
_atom_sites.fract_transf_vector[3]      0.282503 
# 
loop_
_atom_type.symbol 
C 
N 
O 
S 
# 
loop_
_atom_site.group_PDB 
_atom_site.id 
_atom_site.type_symbol 
_atom_site.label_atom_id 
_atom_site.label_alt_id 
_atom_site.label_comp_id 
_atom_site.label_asym_id 
_atom_site.label_entity_id 
_atom_site.label_seq_id 
_atom_site.pdbx_PDB_ins_code 
_atom_site.Cartn_x 
_atom_site.Cartn_y 
_atom_site.Cartn_z 
_atom_site.occupancy 
_atom_site.B_iso_or_equiv 
_atom_site.pdbx_formal_charge 
_atom_site.auth_seq_id 
_atom_site.auth_comp_id 
_atom_site.auth_asym_id 
_atom_site.auth_atom_id 
_atom_site.pdbx_PDB_model_num 
ATOM   1    N N   . ASN A 1 3   ? -14.055 -3.211  11.262  1.00 21.01 ? 139 ASN A N   1 
ATOM   2    C CA  . ASN A 1 3   ? -13.121 -2.835  10.118  1.00 19.15 ? 139 ASN A CA  1 
ATOM   3    C C   . ASN A 1 3   ? -11.885 -3.749  10.286  1.00 17.48 ? 139 ASN A C   1 
ATOM   4    O O   . ASN A 1 3   ? -11.395 -3.912  11.387  1.00 17.47 ? 139 ASN A O   1 
ATOM   5    C CB  . ASN A 1 3   ? -12.640 -1.360  10.157  1.00 18.54 ? 139 ASN A CB  1 
ATOM   6    C CG  . ASN A 1 3   ? -13.604 -0.395  9.522   1.00 20.29 ? 139 ASN A CG  1 
ATOM   7    O OD1 . ASN A 1 3   ? -13.624 0.814   9.911   1.00 23.03 ? 139 ASN A OD1 1 
ATOM   8    N ND2 . ASN A 1 3   ? -14.361 -0.854  8.503   1.00 16.99 ? 139 ASN A ND2 1 
ATOM   9    N N   . PRO A 1 4   ? -11.406 -4.345  9.216   1.00 16.16 ? 140 PRO A N   1 
ATOM   10   C CA  . PRO A 1 4   ? -10.200 -5.211  9.340   1.00 17.89 ? 140 PRO A CA  1 
ATOM   11   C C   . PRO A 1 4   ? -8.922  -4.448  9.825   1.00 17.93 ? 140 PRO A C   1 
ATOM   12   O O   . PRO A 1 4   ? -8.734  -3.277  9.502   1.00 17.45 ? 140 PRO A O   1 
ATOM   13   C CB  . PRO A 1 4   ? -9.995  -5.811  7.907   1.00 17.52 ? 140 PRO A CB  1 
ATOM   14   C CG  . PRO A 1 4   ? -11.189 -5.314  7.040   1.00 19.11 ? 140 PRO A CG  1 
ATOM   15   C CD  . PRO A 1 4   ? -12.042 -4.331  7.880   1.00 16.61 ? 140 PRO A CD  1 
ATOM   16   N N   . GLN A 1 5   ? -8.093  -5.131  10.629  1.00 18.29 ? 141 GLN A N   1 
ATOM   17   C CA  . GLN A 1 5   ? -6.734  -4.653  10.987  1.00 17.90 ? 141 GLN A CA  1 
ATOM   18   C C   . GLN A 1 5   ? -5.738  -5.664  10.446  1.00 16.23 ? 141 GLN A C   1 
ATOM   19   O O   . GLN A 1 5   ? -5.888  -6.908  10.616  1.00 15.32 ? 141 GLN A O   1 
ATOM   20   C CB  . GLN A 1 5   ? -6.605  -4.581  12.489  1.00 20.07 ? 141 GLN A CB  1 
ATOM   21   C CG  . GLN A 1 5   ? -7.531  -3.536  13.076  1.00 26.53 ? 141 GLN A CG  1 
ATOM   22   C CD  . GLN A 1 5   ? -7.300  -3.460  14.534  1.00 39.28 ? 141 GLN A CD  1 
ATOM   23   O OE1 . GLN A 1 5   ? -6.405  -2.754  14.978  1.00 42.45 ? 141 GLN A OE1 1 
ATOM   24   N NE2 . GLN A 1 5   ? -8.054  -4.240  15.289  1.00 41.14 ? 141 GLN A NE2 1 
ATOM   25   N N   . VAL A 1 6   ? -4.735  -5.144  9.750   1.00 14.43 ? 142 VAL A N   1 
ATOM   26   C CA  . VAL A 1 6   ? -3.779  -6.031  9.061   1.00 13.81 ? 142 VAL A CA  1 
ATOM   27   C C   . VAL A 1 6   ? -2.382  -5.494  9.397   1.00 13.84 ? 142 VAL A C   1 
ATOM   28   O O   . VAL A 1 6   ? -2.231  -4.402  10.023  1.00 13.76 ? 142 VAL A O   1 
ATOM   29   C CB  . VAL A 1 6   ? -3.979  -6.083  7.517   1.00 12.48 ? 142 VAL A CB  1 
ATOM   30   C CG1 . VAL A 1 6   ? -5.330  -6.805  7.124   1.00 14.15 ? 142 VAL A CG1 1 
ATOM   31   C CG2 . VAL A 1 6   ? -3.930  -4.641  6.874   1.00 10.75 ? 142 VAL A CG2 1 
ATOM   32   N N   . TYR A 1 7   ? -1.364  -6.264  9.052   1.00 13.96 ? 143 TYR A N   1 
ATOM   33   C CA  . TYR A 1 7   ? -0.019  -5.863  9.384   1.00 14.00 ? 143 TYR A CA  1 
ATOM   34   C C   . TYR A 1 7   ? 0.978   -6.302  8.269   1.00 13.15 ? 143 TYR A C   1 
ATOM   35   O O   . TYR A 1 7   ? 0.716   -7.232  7.496   1.00 13.85 ? 143 TYR A O   1 
ATOM   36   C CB  . TYR A 1 7   ? 0.437   -6.488  10.732  1.00 13.36 ? 143 TYR A CB  1 
ATOM   37   C CG  . TYR A 1 7   ? 0.507   -8.027  10.717  1.00 16.14 ? 143 TYR A CG  1 
ATOM   38   C CD1 . TYR A 1 7   ? 1.665   -8.679  10.281  1.00 17.82 ? 143 TYR A CD1 1 
ATOM   39   C CD2 . TYR A 1 7   ? -0.607  -8.811  11.122  1.00 18.47 ? 143 TYR A CD2 1 
ATOM   40   C CE1 . TYR A 1 7   ? 1.724   -10.067 10.205  1.00 20.81 ? 143 TYR A CE1 1 
ATOM   41   C CE2 . TYR A 1 7   ? -0.546  -10.203 11.100  1.00 21.39 ? 143 TYR A CE2 1 
ATOM   42   C CZ  . TYR A 1 7   ? 0.611   -10.823 10.641  1.00 20.97 ? 143 TYR A CZ  1 
ATOM   43   O OH  . TYR A 1 7   ? 0.676   -12.192 10.537  1.00 22.79 ? 143 TYR A OH  1 
ATOM   44   N N   . MET A 1 8   ? 2.108   -5.611  8.238   1.00 12.79 ? 144 MET A N   1 
ATOM   45   C CA  . MET A 1 8   ? 3.239   -5.957  7.391   1.00 11.67 ? 144 MET A CA  1 
ATOM   46   C C   . MET A 1 8   ? 4.482   -5.755  8.219   1.00 12.80 ? 144 MET A C   1 
ATOM   47   O O   . MET A 1 8   ? 4.646   -4.712  8.813   1.00 10.28 ? 144 MET A O   1 
ATOM   48   C CB  . MET A 1 8   ? 3.302   -5.042  6.168   1.00 11.60 ? 144 MET A CB  1 
ATOM   49   C CG  . MET A 1 8   ? 2.142   -5.181  5.210   1.00 12.80 ? 144 MET A CG  1 
ATOM   50   S SD  . MET A 1 8   ? 2.154   -3.918  3.913   1.00 12.18 ? 144 MET A SD  1 
ATOM   51   C CE  . MET A 1 8   ? 1.045   -4.632  2.732   1.00 14.15 ? 144 MET A CE  1 
ATOM   52   N N   . ASP A 1 9   ? 5.320   -6.784  8.257   1.00 13.45 ? 145 ASP A N   1 
ATOM   53   C CA  . ASP A 1 9   ? 6.664   -6.719  8.837   1.00 14.40 ? 145 ASP A CA  1 
ATOM   54   C C   . ASP A 1 9   ? 7.567   -6.391  7.667   1.00 13.17 ? 145 ASP A C   1 
ATOM   55   O O   . ASP A 1 9   ? 7.469   -6.998  6.568   1.00 13.42 ? 145 ASP A O   1 
ATOM   56   C CB  . ASP A 1 9   ? 7.038   -8.102  9.411   1.00 14.90 ? 145 ASP A CB  1 
ATOM   57   C CG  . ASP A 1 9   ? 6.193   -8.463  10.583  1.00 21.01 ? 145 ASP A CG  1 
ATOM   58   O OD1 . ASP A 1 9   ? 6.021   -7.573  11.465  1.00 18.73 ? 145 ASP A OD1 1 
ATOM   59   O OD2 . ASP A 1 9   ? 5.578   -9.575  10.645  1.00 20.56 ? 145 ASP A OD2 1 
ATOM   60   N N   . ILE A 1 10  ? 8.417   -5.398  7.893   1.00 14.27 ? 146 ILE A N   1 
ATOM   61   C CA  . ILE A 1 10  ? 9.197   -4.767  6.856   1.00 12.68 ? 146 ILE A CA  1 
ATOM   62   C C   . ILE A 1 10  ? 10.635  -5.077  7.119   1.00 13.73 ? 146 ILE A C   1 
ATOM   63   O O   . ILE A 1 10  ? 11.106  -4.978  8.287   1.00 14.20 ? 146 ILE A O   1 
ATOM   64   C CB  . ILE A 1 10  ? 8.978   -3.169  6.892   1.00 12.86 ? 146 ILE A CB  1 
ATOM   65   C CG1 . ILE A 1 10  ? 7.477   -2.805  6.723   1.00 12.25 ? 146 ILE A CG1 1 
ATOM   66   C CG2 . ILE A 1 10  ? 9.915   -2.438  5.833   1.00 10.81 ? 146 ILE A CG2 1 
ATOM   67   C CD1 . ILE A 1 10  ? 6.900   -3.344  5.337   1.00 14.97 ? 146 ILE A CD1 1 
ATOM   68   N N   . LYS A 1 11  ? 11.348  -5.361  6.042   1.00 13.87 ? 147 LYS A N   1 
ATOM   69   C CA  . LYS A 1 11  ? 12.796  -5.588  6.132   1.00 14.94 ? 147 LYS A CA  1 
ATOM   70   C C   . LYS A 1 11  ? 13.471  -4.669  5.160   1.00 13.68 ? 147 LYS A C   1 
ATOM   71   O O   . LYS A 1 11  ? 13.018  -4.539  4.022   1.00 15.28 ? 147 LYS A O   1 
ATOM   72   C CB  . LYS A 1 11  ? 13.089  -7.038  5.756   1.00 17.14 ? 147 LYS A CB  1 
ATOM   73   C CG  . LYS A 1 11  ? 14.564  -7.446  5.859   1.00 22.57 ? 147 LYS A CG  1 
ATOM   74   C CD  . LYS A 1 11  ? 14.643  -9.069  5.680   1.00 28.54 ? 147 LYS A CD  1 
ATOM   75   N NZ  . LYS A 1 11  ? 14.497  -9.129  3.155   1.00 24.34 ? 147 LYS A NZ  1 
ATOM   76   N N   . ILE A 1 12  ? 14.520  -3.985  5.606   1.00 14.59 ? 148 ILE A N   1 
ATOM   77   C CA  . ILE A 1 12  ? 15.196  -3.050  4.719   1.00 13.02 ? 148 ILE A CA  1 
ATOM   78   C C   . ILE A 1 12  ? 16.626  -3.486  4.541   1.00 14.76 ? 148 ILE A C   1 
ATOM   79   O O   . ILE A 1 12  ? 17.407  -3.523  5.518   1.00 16.04 ? 148 ILE A O   1 
ATOM   80   C CB  . ILE A 1 12  ? 15.106  -1.594  5.322   1.00 12.46 ? 148 ILE A CB  1 
ATOM   81   C CG1 . ILE A 1 12  ? 13.599  -1.169  5.403   1.00 14.08 ? 148 ILE A CG1 1 
ATOM   82   C CG2 . ILE A 1 12  ? 15.879  -0.574  4.397   1.00 13.90 ? 148 ILE A CG2 1 
ATOM   83   C CD1 . ILE A 1 12  ? 13.349  0.108   6.255   1.00 18.83 ? 148 ILE A CD1 1 
ATOM   84   N N   . GLY A 1 13  ? 17.006  -3.711  3.298   1.00 17.33 ? 149 GLY A N   1 
ATOM   85   C CA  . GLY A 1 13  ? 18.306  -4.331  3.010   1.00 20.36 ? 149 GLY A CA  1 
ATOM   86   C C   . GLY A 1 13  ? 18.329  -5.617  3.812   1.00 24.35 ? 149 GLY A C   1 
ATOM   87   O O   . GLY A 1 13  ? 17.430  -6.429  3.718   1.00 24.15 ? 149 GLY A O   1 
ATOM   88   N N   . ASN A 1 14  ? 19.340  -5.868  4.617   1.00 25.91 ? 150 ASN A N   1 
ATOM   89   C CA  . ASN A 1 14  ? 19.184  -7.182  5.297   1.00 31.49 ? 150 ASN A CA  1 
ATOM   90   C C   . ASN A 1 14  ? 18.305  -7.157  6.614   1.00 31.27 ? 150 ASN A C   1 
ATOM   91   O O   . ASN A 1 14  ? 17.941  -8.202  7.186   1.00 32.91 ? 150 ASN A O   1 
ATOM   92   C CB  . ASN A 1 14  ? 20.572  -7.885  5.462   1.00 33.88 ? 150 ASN A CB  1 
ATOM   93   C CG  . ASN A 1 14  ? 21.680  -6.938  6.012   1.00 37.62 ? 150 ASN A CG  1 
ATOM   94   O OD1 . ASN A 1 14  ? 22.900  -7.182  5.823   1.00 44.45 ? 150 ASN A OD1 1 
ATOM   95   N N   . LYS A 1 15  ? 17.890  -5.962  7.026   1.00 27.42 ? 151 LYS A N   1 
ATOM   96   C CA  . LYS A 1 15  ? 17.676  -5.690  8.423   1.00 26.23 ? 151 LYS A CA  1 
ATOM   97   C C   . LYS A 1 15  ? 16.181  -5.497  8.742   1.00 25.62 ? 151 LYS A C   1 
ATOM   98   O O   . LYS A 1 15  ? 15.507  -4.662  8.114   1.00 23.13 ? 151 LYS A O   1 
ATOM   99   C CB  . LYS A 1 15  ? 18.460  -4.428  8.653   1.00 27.01 ? 151 LYS A CB  1 
ATOM   100  C CG  . LYS A 1 15  ? 18.241  -3.689  9.861   1.00 29.59 ? 151 LYS A CG  1 
ATOM   101  C CD  . LYS A 1 15  ? 19.468  -2.711  10.000  1.00 34.12 ? 151 LYS A CD  1 
ATOM   102  C CE  . LYS A 1 15  ? 19.676  -2.239  11.448  1.00 35.95 ? 151 LYS A CE  1 
ATOM   103  N NZ  . LYS A 1 15  ? 20.614  -3.139  12.199  1.00 36.16 ? 151 LYS A NZ  1 
ATOM   104  N N   . PRO A 1 16  ? 15.671  -6.232  9.724   1.00 24.40 ? 152 PRO A N   1 
ATOM   105  C CA  . PRO A 1 16  ? 14.260  -6.078  10.111  1.00 23.38 ? 152 PRO A CA  1 
ATOM   106  C C   . PRO A 1 16  ? 14.036  -4.665  10.582  1.00 23.10 ? 152 PRO A C   1 
ATOM   107  O O   . PRO A 1 16  ? 14.839  -4.177  11.423  1.00 22.02 ? 152 PRO A O   1 
ATOM   108  C CB  . PRO A 1 16  ? 14.051  -7.111  11.239  1.00 24.86 ? 152 PRO A CB  1 
ATOM   109  C CG  . PRO A 1 16  ? 15.245  -7.977  11.247  1.00 26.39 ? 152 PRO A CG  1 
ATOM   110  C CD  . PRO A 1 16  ? 16.377  -7.269  10.495  1.00 24.97 ? 152 PRO A CD  1 
ATOM   111  N N   . ALA A 1 17  ? 12.969  -3.990  10.085  1.00 19.81 ? 153 ALA A N   1 
ATOM   112  C CA  . ALA A 1 17  ? 12.714  -2.583  10.502  1.00 20.36 ? 153 ALA A CA  1 
ATOM   113  C C   . ALA A 1 17  ? 11.576  -2.527  11.493  1.00 20.89 ? 153 ALA A C   1 
ATOM   114  O O   . ALA A 1 17  ? 11.511  -1.642  12.323  1.00 23.92 ? 153 ALA A O   1 
ATOM   115  C CB  . ALA A 1 17  ? 12.347  -1.690  9.235   1.00 20.43 ? 153 ALA A CB  1 
ATOM   116  N N   . GLY A 1 18  ? 10.657  -3.484  11.436  1.00 18.22 ? 154 GLY A N   1 
ATOM   117  C CA  . GLY A 1 18  ? 9.576   -3.453  12.413  1.00 16.05 ? 154 GLY A CA  1 
ATOM   118  C C   . GLY A 1 18  ? 8.232   -3.686  11.685  1.00 14.28 ? 154 GLY A C   1 
ATOM   119  O O   . GLY A 1 18  ? 8.183   -3.990  10.486  1.00 12.94 ? 154 GLY A O   1 
ATOM   120  N N   . ARG A 1 19  ? 7.141   -3.493  12.397  1.00 14.13 ? 155 ARG A N   1 
ATOM   121  C CA  . ARG A 1 19  ? 5.836   -3.868  11.825  1.00 14.62 ? 155 ARG A CA  1 
ATOM   122  C C   . ARG A 1 19  ? 4.964   -2.605  11.649  1.00 14.74 ? 155 ARG A C   1 
ATOM   123  O O   . ARG A 1 19  ? 4.887   -1.675  12.547  1.00 14.44 ? 155 ARG A O   1 
ATOM   124  C CB  . ARG A 1 19  ? 5.129   -4.807  12.799  1.00 13.33 ? 155 ARG A CB  1 
ATOM   125  C CG  . ARG A 1 19  ? 3.596   -4.967  12.599  1.00 19.73 ? 155 ARG A CG  1 
ATOM   126  C CD  . ARG A 1 19  ? 3.002   -6.237  13.320  1.00 19.03 ? 155 ARG A CD  1 
ATOM   127  N NE  . ARG A 1 19  ? 3.678   -7.521  12.940  1.00 20.68 ? 155 ARG A NE  1 
ATOM   128  C CZ  . ARG A 1 19  ? 3.287   -8.744  13.346  1.00 22.57 ? 155 ARG A CZ  1 
ATOM   129  N NH1 . ARG A 1 19  ? 2.195   -8.848  14.123  1.00 21.03 ? 155 ARG A NH1 1 
ATOM   130  N NH2 . ARG A 1 19  ? 3.964   -9.860  12.973  1.00 18.58 ? 155 ARG A NH2 1 
ATOM   131  N N   . ILE A 1 20  ? 4.239   -2.580  10.543  1.00 12.77 ? 156 ILE A N   1 
ATOM   132  C CA  . ILE A 1 20  ? 3.217   -1.529  10.346  1.00 13.84 ? 156 ILE A CA  1 
ATOM   133  C C   . ILE A 1 20  ? 1.827   -2.175  10.483  1.00 14.45 ? 156 ILE A C   1 
ATOM   134  O O   . ILE A 1 20  ? 1.562   -3.224  9.880   1.00 14.62 ? 156 ILE A O   1 
ATOM   135  C CB  . ILE A 1 20  ? 3.332   -0.872  8.893   1.00 12.86 ? 156 ILE A CB  1 
ATOM   136  C CG1 . ILE A 1 20  ? 4.789   -0.318  8.703   1.00 10.31 ? 156 ILE A CG1 1 
ATOM   137  C CG2 . ILE A 1 20  ? 2.177   0.189   8.653   1.00 9.80  ? 156 ILE A CG2 1 
ATOM   138  C CD1 . ILE A 1 20  ? 5.026   0.275   7.290   1.00 11.69 ? 156 ILE A CD1 1 
ATOM   139  N N   . GLN A 1 21  ? 0.980   -1.569  11.309  1.00 13.90 ? 157 GLN A N   1 
ATOM   140  C CA  . GLN A 1 21  ? -0.380  -2.063  11.456  1.00 12.78 ? 157 GLN A CA  1 
ATOM   141  C C   . GLN A 1 21  ? -1.263  -1.072  10.795  1.00 11.73 ? 157 GLN A C   1 
ATOM   142  O O   . GLN A 1 21  ? -1.059  0.147   10.953  1.00 13.78 ? 157 GLN A O   1 
ATOM   143  C CB  . GLN A 1 21  ? -0.761  -2.084  12.972  1.00 13.44 ? 157 GLN A CB  1 
ATOM   144  C CG  . GLN A 1 21  ? 0.077   -3.151  13.683  1.00 22.07 ? 157 GLN A CG  1 
ATOM   145  C CD  . GLN A 1 21  ? -0.250  -3.181  15.196  1.00 32.52 ? 157 GLN A CD  1 
ATOM   146  O OE1 . GLN A 1 21  ? -1.441  -3.183  15.579  1.00 26.31 ? 157 GLN A OE1 1 
ATOM   147  N NE2 . GLN A 1 21  ? 0.785   -3.151  16.022  1.00 33.68 ? 157 GLN A NE2 1 
ATOM   148  N N   . MET A 1 22  ? -2.291  -1.572  10.123  1.00 13.46 ? 158 MET A N   1 
ATOM   149  C CA  . MET A 1 22  ? -3.185  -0.768  9.307   1.00 12.89 ? 158 MET A CA  1 
ATOM   150  C C   . MET A 1 22  ? -4.656  -1.143  9.545   1.00 13.79 ? 158 MET A C   1 
ATOM   151  O O   . MET A 1 22  ? -4.985  -2.301  9.674   1.00 14.45 ? 158 MET A O   1 
ATOM   152  C CB  . MET A 1 22  ? -2.811  -0.921  7.829   1.00 12.31 ? 158 MET A CB  1 
ATOM   153  C CG  . MET A 1 22  ? -1.465  -0.329  7.488   1.00 13.19 ? 158 MET A CG  1 
ATOM   154  S SD  . MET A 1 22  ? -0.702  -1.025  6.023   1.00 12.19 ? 158 MET A SD  1 
ATOM   155  C CE  . MET A 1 22  ? -0.142  -2.592  6.663   1.00 13.41 ? 158 MET A CE  1 
ATOM   156  N N   . LEU A 1 23  ? -5.509  -0.127  9.617   1.00 14.32 ? 159 LEU A N   1 
ATOM   157  C CA  . LEU A 1 23  ? -6.942  -0.276  9.738   1.00 14.10 ? 159 LEU A CA  1 
ATOM   158  C C   . LEU A 1 23  ? -7.488  -0.096  8.330   1.00 13.54 ? 159 LEU A C   1 
ATOM   159  O O   . LEU A 1 23  ? -7.106  0.862   7.650   1.00 14.50 ? 159 LEU A O   1 
ATOM   160  C CB  . LEU A 1 23  ? -7.470  0.906   10.588  1.00 14.85 ? 159 LEU A CB  1 
ATOM   161  C CG  . LEU A 1 23  ? -9.001  1.116   10.580  1.00 18.83 ? 159 LEU A CG  1 
ATOM   162  C CD1 . LEU A 1 23  ? -9.569  -0.045  11.276  1.00 23.04 ? 159 LEU A CD1 1 
ATOM   163  C CD2 . LEU A 1 23  ? -9.242  2.410   11.436  1.00 23.58 ? 159 LEU A CD2 1 
ATOM   164  N N   . LEU A 1 24  ? -8.325  -1.014  7.871   1.00 11.08 ? 160 LEU A N   1 
ATOM   165  C CA  . LEU A 1 24  ? -8.892  -0.891  6.543   1.00 12.01 ? 160 LEU A CA  1 
ATOM   166  C C   . LEU A 1 24  ? -10.348 -0.453  6.679   1.00 12.40 ? 160 LEU A C   1 
ATOM   167  O O   . LEU A 1 24  ? -11.102 -1.044  7.392   1.00 13.04 ? 160 LEU A O   1 
ATOM   168  C CB  . LEU A 1 24  ? -8.866  -2.235  5.777   1.00 10.36 ? 160 LEU A CB  1 
ATOM   169  C CG  . LEU A 1 24  ? -7.431  -2.851  5.767   1.00 12.31 ? 160 LEU A CG  1 
ATOM   170  C CD1 . LEU A 1 24  ? -7.448  -4.226  5.083   1.00 12.32 ? 160 LEU A CD1 1 
ATOM   171  C CD2 . LEU A 1 24  ? -6.380  -1.860  5.051   1.00 14.17 ? 160 LEU A CD2 1 
ATOM   172  N N   . ARG A 1 25  ? -10.734 0.537   5.877   1.00 12.15 ? 161 ARG A N   1 
ATOM   173  C CA  . ARG A 1 25  ? -12.036 1.186   6.034   1.00 12.64 ? 161 ARG A CA  1 
ATOM   174  C C   . ARG A 1 25  ? -13.105 0.451   5.224   1.00 12.23 ? 161 ARG A C   1 
ATOM   175  O O   . ARG A 1 25  ? -13.621 0.990   4.268   1.00 14.12 ? 161 ARG A O   1 
ATOM   176  C CB  . ARG A 1 25  ? -11.888 2.663   5.718   1.00 13.38 ? 161 ARG A CB  1 
ATOM   177  C CG  . ARG A 1 25  ? -10.949 3.349   6.678   1.00 9.86  ? 161 ARG A CG  1 
ATOM   178  C CD  . ARG A 1 25  ? -11.561 3.424   8.138   1.00 13.89 ? 161 ARG A CD  1 
ATOM   179  N NE  . ARG A 1 25  ? -12.933 3.947   8.153   1.00 16.15 ? 161 ARG A NE  1 
ATOM   180  C CZ  . ARG A 1 25  ? -13.201 5.270   8.260   1.00 15.64 ? 161 ARG A CZ  1 
ATOM   181  N NH1 . ARG A 1 25  ? -12.213 6.200   8.369   1.00 15.09 ? 161 ARG A NH1 1 
ATOM   182  N NH2 . ARG A 1 25  ? -14.446 5.679   8.225   1.00 14.32 ? 161 ARG A NH2 1 
ATOM   183  N N   . SER A 1 26  ? -13.419 -0.814  5.594   1.00 12.99 ? 162 SER A N   1 
ATOM   184  C CA  . SER A 1 26  ? -14.526 -1.532  4.946   1.00 13.64 ? 162 SER A CA  1 
ATOM   185  C C   . SER A 1 26  ? -15.872 -0.819  5.021   1.00 15.21 ? 162 SER A C   1 
ATOM   186  O O   . SER A 1 26  ? -16.734 -1.035  4.172   1.00 15.72 ? 162 SER A O   1 
ATOM   187  C CB  . SER A 1 26  ? -14.784 -2.882  5.726   1.00 16.33 ? 162 SER A CB  1 
ATOM   188  O OG  . SER A 1 26  ? -13.559 -3.582  5.502   1.00 25.26 ? 162 SER A OG  1 
ATOM   189  N N   . ASP A 1 27  ? -16.078 -0.055  6.080   1.00 16.10 ? 163 ASP A N   1 
ATOM   190  C CA  . ASP A 1 27  ? -17.291 0.743   6.171   1.00 17.48 ? 163 ASP A CA  1 
ATOM   191  C C   . ASP A 1 27  ? -17.456 1.773   5.032   1.00 18.08 ? 163 ASP A C   1 
ATOM   192  O O   . ASP A 1 27  ? -18.588 2.100   4.661   1.00 18.25 ? 163 ASP A O   1 
ATOM   193  C CB  . ASP A 1 27  ? -17.385 1.423   7.546   1.00 17.24 ? 163 ASP A CB  1 
ATOM   194  C CG  . ASP A 1 27  ? -16.311 2.520   7.764   1.00 21.62 ? 163 ASP A CG  1 
ATOM   195  O OD1 . ASP A 1 27  ? -15.108 2.256   7.482   1.00 15.34 ? 163 ASP A OD1 1 
ATOM   196  O OD2 . ASP A 1 27  ? -16.572 3.656   8.257   1.00 19.03 ? 163 ASP A OD2 1 
ATOM   197  N N   . VAL A 1 28  ? -16.349 2.314   4.521   1.00 17.04 ? 164 VAL A N   1 
ATOM   198  C CA  . VAL A 1 28  ? -16.402 3.305   3.465   1.00 16.88 ? 164 VAL A CA  1 
ATOM   199  C C   . VAL A 1 28  ? -16.222 2.669   2.086   1.00 16.18 ? 164 VAL A C   1 
ATOM   200  O O   . VAL A 1 28  ? -16.905 3.048   1.090   1.00 14.81 ? 164 VAL A O   1 
ATOM   201  C CB  . VAL A 1 28  ? -15.330 4.415   3.694   1.00 17.30 ? 164 VAL A CB  1 
ATOM   202  C CG1 . VAL A 1 28  ? -15.433 5.516   2.574   1.00 18.07 ? 164 VAL A CG1 1 
ATOM   203  C CG2 . VAL A 1 28  ? -15.519 5.071   5.096   1.00 19.96 ? 164 VAL A CG2 1 
ATOM   204  N N   . VAL A 1 29  ? -15.259 1.740   1.995   1.00 13.93 ? 165 VAL A N   1 
ATOM   205  C CA  . VAL A 1 29  ? -14.847 1.219   0.700   1.00 12.48 ? 165 VAL A CA  1 
ATOM   206  C C   . VAL A 1 29  ? -14.623 -0.334  0.887   1.00 15.99 ? 165 VAL A C   1 
ATOM   207  O O   . VAL A 1 29  ? -13.495 -0.886  0.915   1.00 13.87 ? 165 VAL A O   1 
ATOM   208  C CB  . VAL A 1 29  ? -13.522 1.901   0.114   1.00 13.71 ? 165 VAL A CB  1 
ATOM   209  C CG1 . VAL A 1 29  ? -13.795 3.273   -0.675  1.00 9.75  ? 165 VAL A CG1 1 
ATOM   210  C CG2 . VAL A 1 29  ? -12.392 2.122   1.232   1.00 11.44 ? 165 VAL A CG2 1 
ATOM   211  N N   . PRO A 1 30  ? -15.728 -1.043  1.006   1.00 16.73 ? 166 PRO A N   1 
ATOM   212  C CA  . PRO A 1 30  ? -15.679 -2.481  1.283   1.00 17.53 ? 166 PRO A CA  1 
ATOM   213  C C   . PRO A 1 30  ? -14.952 -3.342  0.239   1.00 15.82 ? 166 PRO A C   1 
ATOM   214  O O   . PRO A 1 30  ? -14.213 -4.249  0.623   1.00 17.26 ? 166 PRO A O   1 
ATOM   215  C CB  . PRO A 1 30  ? -17.189 -2.890  1.293   1.00 19.08 ? 166 PRO A CB  1 
ATOM   216  C CG  . PRO A 1 30  ? -17.880 -1.784  0.476   1.00 15.35 ? 166 PRO A CG  1 
ATOM   217  C CD  . PRO A 1 30  ? -17.121 -0.514  0.871   1.00 16.81 ? 166 PRO A CD  1 
ATOM   218  N N   . MET A 1 31  ? -15.147 -3.097  -1.032  1.00 16.19 ? 167 MET A N   1 
ATOM   219  C CA  . MET A 1 31  ? -14.492 -3.926  -2.030  1.00 17.39 ? 167 MET A CA  1 
ATOM   220  C C   . MET A 1 31  ? -12.973 -3.708  -2.019  1.00 15.29 ? 167 MET A C   1 
ATOM   221  O O   . MET A 1 31  ? -12.180 -4.610  -2.203  1.00 15.76 ? 167 MET A O   1 
ATOM   222  C CB  . MET A 1 31  ? -15.107 -3.691  -3.398  1.00 17.33 ? 167 MET A CB  1 
ATOM   223  C CG  . MET A 1 31  ? -16.540 -4.212  -3.493  1.00 29.66 ? 167 MET A CG  1 
ATOM   224  S SD  . MET A 1 31  ? -17.235 -4.065  -5.129  1.00 43.74 ? 167 MET A SD  1 
ATOM   225  C CE  . MET A 1 31  ? -15.749 -4.016  -6.112  1.00 39.12 ? 167 MET A CE  1 
ATOM   226  N N   . THR A 1 32  ? -12.601 -2.478  -1.767  1.00 12.42 ? 168 THR A N   1 
ATOM   227  C CA  . THR A 1 32  ? -11.171 -2.080  -1.776  1.00 12.97 ? 168 THR A CA  1 
ATOM   228  C C   . THR A 1 32  ? -10.450 -2.651  -0.514  1.00 12.20 ? 168 THR A C   1 
ATOM   229  O O   . THR A 1 32  ? -9.311  -3.195  -0.562  1.00 11.50 ? 168 THR A O   1 
ATOM   230  C CB  . THR A 1 32  ? -11.097 -0.549  -1.786  1.00 12.36 ? 168 THR A CB  1 
ATOM   231  O OG1 . THR A 1 32  ? -11.743 -0.089  -2.995  1.00 13.70 ? 168 THR A OG1 1 
ATOM   232  C CG2 . THR A 1 32  ? -9.555  -0.054  -1.943  1.00 10.32 ? 168 THR A CG2 1 
ATOM   233  N N   . ALA A 1 33  ? -11.110 -2.485  0.613   1.00 12.17 ? 169 ALA A N   1 
ATOM   234  C CA  . ALA A 1 33  ? -10.587 -2.945  1.921   1.00 11.92 ? 169 ALA A CA  1 
ATOM   235  C C   . ALA A 1 33  ? -10.498 -4.456  1.858   1.00 13.95 ? 169 ALA A C   1 
ATOM   236  O O   . ALA A 1 33  ? -9.492  -5.008  2.288   1.00 14.16 ? 169 ALA A O   1 
ATOM   237  C CB  . ALA A 1 33  ? -11.507 -2.550  2.977   1.00 10.93 ? 169 ALA A CB  1 
ATOM   238  N N   . GLU A 1 34  ? -11.515 -5.130  1.280   1.00 12.94 ? 170 GLU A N   1 
ATOM   239  C CA  . GLU A 1 34  ? -11.449 -6.600  1.253   1.00 15.43 ? 170 GLU A CA  1 
ATOM   240  C C   . GLU A 1 34  ? -10.329 -7.177  0.369   1.00 14.46 ? 170 GLU A C   1 
ATOM   241  O O   . GLU A 1 34  ? -9.660  -8.236  0.708   1.00 14.09 ? 170 GLU A O   1 
ATOM   242  C CB  . GLU A 1 34  ? -12.802 -7.195  0.807   1.00 15.97 ? 170 GLU A CB  1 
ATOM   243  C CG  . GLU A 1 34  ? -12.745 -8.719  0.542   1.00 15.48 ? 170 GLU A CG  1 
ATOM   244  C CD  . GLU A 1 34  ? -12.643 -9.578  1.803   1.00 16.41 ? 170 GLU A CD  1 
ATOM   245  O OE1 . GLU A 1 34  ? -12.628 -9.074  2.922   1.00 14.73 ? 170 GLU A OE1 1 
ATOM   246  O OE2 . GLU A 1 34  ? -12.638 -10.826 1.640   1.00 18.85 ? 170 GLU A OE2 1 
ATOM   247  N N   . ASN A 1 35  ? -10.113 -6.521  -0.754  1.00 11.86 ? 171 ASN A N   1 
ATOM   248  C CA  . ASN A 1 35  ? -9.013  -6.851  -1.643  1.00 12.13 ? 171 ASN A CA  1 
ATOM   249  C C   . ASN A 1 35  ? -7.712  -6.808  -0.870  1.00 14.11 ? 171 ASN A C   1 
ATOM   250  O O   . ASN A 1 35  ? -6.902  -7.743  -0.934  1.00 11.92 ? 171 ASN A O   1 
ATOM   251  C CB  . ASN A 1 35  ? -8.988  -5.841  -2.814  1.00 13.52 ? 171 ASN A CB  1 
ATOM   252  C CG  . ASN A 1 35  ? -7.873  -6.120  -3.844  1.00 16.08 ? 171 ASN A CG  1 
ATOM   253  O OD1 . ASN A 1 35  ? -7.772  -7.244  -4.422  1.00 13.24 ? 171 ASN A OD1 1 
ATOM   254  N ND2 . ASN A 1 35  ? -7.013  -5.086  -4.082  1.00 15.84 ? 171 ASN A ND2 1 
ATOM   255  N N   . PHE A 1 36  ? -7.469  -5.668  -0.211  1.00 11.10 ? 172 PHE A N   1 
ATOM   256  C CA  . PHE A 1 36  ? -6.154  -5.469  0.414   1.00 12.52 ? 172 PHE A CA  1 
ATOM   257  C C   . PHE A 1 36  ? -6.036  -6.478  1.575   1.00 11.02 ? 172 PHE A C   1 
ATOM   258  O O   . PHE A 1 36  ? -4.982  -7.080  1.830   1.00 9.24  ? 172 PHE A O   1 
ATOM   259  C CB  . PHE A 1 36  ? -6.085  -4.045  1.012   1.00 11.75 ? 172 PHE A CB  1 
ATOM   260  C CG  . PHE A 1 36  ? -4.699  -3.673  1.554   1.00 11.40 ? 172 PHE A CG  1 
ATOM   261  C CD1 . PHE A 1 36  ? -3.744  -3.110  0.666   1.00 9.20  ? 172 PHE A CD1 1 
ATOM   262  C CD2 . PHE A 1 36  ? -4.378  -3.831  2.959   1.00 11.44 ? 172 PHE A CD2 1 
ATOM   263  C CE1 . PHE A 1 36  ? -2.481  -2.729  1.152   1.00 10.25 ? 172 PHE A CE1 1 
ATOM   264  C CE2 . PHE A 1 36  ? -3.083  -3.482  3.411   1.00 12.03 ? 172 PHE A CE2 1 
ATOM   265  C CZ  . PHE A 1 36  ? -2.166  -2.886  2.524   1.00 11.32 ? 172 PHE A CZ  1 
ATOM   266  N N   . ARG A 1 37  ? -7.149  -6.693  2.283   1.00 10.62 ? 173 ARG A N   1 
ATOM   267  C CA  . ARG A 1 37  ? -7.131  -7.683  3.381   1.00 12.88 ? 173 ARG A CA  1 
ATOM   268  C C   . ARG A 1 37  ? -6.666  -9.070  2.929   1.00 11.84 ? 173 ARG A C   1 
ATOM   269  O O   . ARG A 1 37  ? -5.803  -9.706  3.560   1.00 12.71 ? 173 ARG A O   1 
ATOM   270  C CB  . ARG A 1 37  ? -8.571  -7.759  4.022   1.00 12.42 ? 173 ARG A CB  1 
ATOM   271  C CG  . ARG A 1 37  ? -8.591  -8.612  5.369   1.00 13.65 ? 173 ARG A CG  1 
ATOM   272  C CD  . ARG A 1 37  ? -10.084 -9.120  5.779   1.00 12.37 ? 173 ARG A CD  1 
ATOM   273  N NE  . ARG A 1 37  ? -10.696 -9.939  4.745   1.00 13.98 ? 173 ARG A NE  1 
ATOM   274  C CZ  . ARG A 1 37  ? -10.431 -11.253 4.615   1.00 18.39 ? 173 ARG A CZ  1 
ATOM   275  N NH1 . ARG A 1 37  ? -9.565  -11.856 5.466   1.00 17.46 ? 173 ARG A NH1 1 
ATOM   276  N NH2 . ARG A 1 37  ? -11.057 -11.936 3.694   1.00 17.90 ? 173 ARG A NH2 1 
ATOM   277  N N   . CYS A 1 38  ? -7.275  -9.573  1.855   1.00 13.02 ? 174 CYS A N   1 
ATOM   278  C CA  . CYS A 1 38  ? -6.946  -10.880 1.310   1.00 14.53 ? 174 CYS A CA  1 
ATOM   279  C C   . CYS A 1 38  ? -5.521  -10.932 0.785   1.00 14.70 ? 174 CYS A C   1 
ATOM   280  O O   . CYS A 1 38  ? -4.854  -11.998 0.858   1.00 13.35 ? 174 CYS A O   1 
ATOM   281  C CB  . CYS A 1 38  ? -7.841  -11.227 0.104   1.00 14.84 ? 174 CYS A CB  1 
ATOM   282  S SG  . CYS A 1 38  ? -9.515  -11.659 0.704   1.00 17.38 ? 174 CYS A SG  1 
ATOM   283  N N   . LEU A 1 39  ? -5.087  -9.817  0.209   1.00 13.75 ? 175 LEU A N   1 
ATOM   284  C CA  . LEU A 1 39  ? -3.664  -9.782  -0.183  1.00 13.66 ? 175 LEU A CA  1 
ATOM   285  C C   . LEU A 1 39  ? -2.688  -9.790  0.964   1.00 13.42 ? 175 LEU A C   1 
ATOM   286  O O   . LEU A 1 39  ? -1.550  -10.301 0.797   1.00 12.29 ? 175 LEU A O   1 
ATOM   287  C CB  . LEU A 1 39  ? -3.381  -8.641  -1.216  1.00 13.60 ? 175 LEU A CB  1 
ATOM   288  C CG  . LEU A 1 39  ? -4.234  -8.714  -2.500  1.00 13.19 ? 175 LEU A CG  1 
ATOM   289  C CD1 . LEU A 1 39  ? -4.230  -7.291  -3.205  1.00 15.76 ? 175 LEU A CD1 1 
ATOM   290  C CD2 . LEU A 1 39  ? -3.556  -9.691  -3.466  1.00 14.12 ? 175 LEU A CD2 1 
ATOM   291  N N   . CYS A 1 40  ? -3.105  -9.303  2.133   1.00 13.91 ? 176 CYS A N   1 
ATOM   292  C CA  . CYS A 1 40  ? -2.290  -9.523  3.311   1.00 13.71 ? 176 CYS A CA  1 
ATOM   293  C C   . CYS A 1 40  ? -2.369  -10.977 3.809   1.00 14.56 ? 176 CYS A C   1 
ATOM   294  O O   . CYS A 1 40  ? -1.374  -11.484 4.297   1.00 13.54 ? 176 CYS A O   1 
ATOM   295  C CB  . CYS A 1 40  ? -2.695  -8.638  4.458   1.00 12.69 ? 176 CYS A CB  1 
ATOM   296  S SG  . CYS A 1 40  ? -2.324  -6.883  4.094   1.00 12.69 ? 176 CYS A SG  1 
ATOM   297  N N   . THR A 1 41  ? -3.543  -11.599 3.783   1.00 14.40 ? 177 THR A N   1 
ATOM   298  C CA  . THR A 1 41  ? -3.581  -13.008 4.346   1.00 16.34 ? 177 THR A CA  1 
ATOM   299  C C   . THR A 1 41  ? -3.142  -14.140 3.406   1.00 16.57 ? 177 THR A C   1 
ATOM   300  O O   . THR A 1 41  ? -2.864  -15.260 3.890   1.00 16.90 ? 177 THR A O   1 
ATOM   301  C CB  . THR A 1 41  ? -4.956  -13.379 4.782   1.00 15.63 ? 177 THR A CB  1 
ATOM   302  O OG1 . THR A 1 41  ? -5.800  -13.366 3.627   1.00 11.73 ? 177 THR A OG1 1 
ATOM   303  C CG2 . THR A 1 41  ? -5.509  -12.362 5.879   1.00 16.31 ? 177 THR A CG2 1 
ATOM   304  N N   . HIS A 1 42  ? -3.082  -13.831 2.119   1.00 14.07 ? 178 HIS A N   1 
ATOM   305  C CA  . HIS A 1 42  ? -2.868  -14.768 0.966   1.00 17.43 ? 178 HIS A CA  1 
ATOM   306  C C   . HIS A 1 42  ? -3.976  -15.840 0.933   1.00 16.99 ? 178 HIS A C   1 
ATOM   307  O O   . HIS A 1 42  ? -3.761  -16.886 0.320   1.00 16.65 ? 178 HIS A O   1 
ATOM   308  C CB  . HIS A 1 42  ? -1.515  -15.523 1.032   1.00 18.16 ? 178 HIS A CB  1 
ATOM   309  C CG  . HIS A 1 42  ? -0.310  -14.695 0.668   1.00 16.39 ? 178 HIS A CG  1 
ATOM   310  N ND1 . HIS A 1 42  ? -0.039  -13.454 1.259   1.00 22.99 ? 178 HIS A ND1 1 
ATOM   311  C CD2 . HIS A 1 42  ? 0.694   -14.930 -0.208  1.00 15.17 ? 178 HIS A CD2 1 
ATOM   312  C CE1 . HIS A 1 42  ? 1.096   -12.968 0.749   1.00 15.38 ? 178 HIS A CE1 1 
ATOM   313  N NE2 . HIS A 1 42  ? 1.580   -13.872 -0.103  1.00 21.71 ? 178 HIS A NE2 1 
ATOM   314  N N   . GLU A 1 43  ? -5.102  -15.586 1.577   1.00 16.86 ? 179 GLU A N   1 
ATOM   315  C CA  . GLU A 1 43  ? -6.201  -16.564 1.532   1.00 17.09 ? 179 GLU A CA  1 
ATOM   316  C C   . GLU A 1 43  ? -6.780  -16.909 0.128   1.00 20.52 ? 179 GLU A C   1 
ATOM   317  O O   . GLU A 1 43  ? -7.437  -17.976 -0.024  1.00 21.70 ? 179 GLU A O   1 
ATOM   318  C CB  . GLU A 1 43  ? -7.279  -16.198 2.515   1.00 16.57 ? 179 GLU A CB  1 
ATOM   319  C CG  . GLU A 1 43  ? -8.148  -14.988 2.065   1.00 15.47 ? 179 GLU A CG  1 
ATOM   320  C CD  . GLU A 1 43  ? -8.946  -14.521 3.193   1.00 18.26 ? 179 GLU A CD  1 
ATOM   321  O OE1 . GLU A 1 43  ? -10.172 -14.684 3.099   1.00 23.19 ? 179 GLU A OE1 1 
ATOM   322  O OE2 . GLU A 1 43  ? -8.395  -14.135 4.275   1.00 18.62 ? 179 GLU A OE2 1 
ATOM   323  N N   . LYS A 1 44  ? -6.517  -16.102 -0.907  1.00 19.80 ? 180 LYS A N   1 
ATOM   324  C CA  . LYS A 1 44  ? -6.918  -16.430 -2.247  1.00 21.18 ? 180 LYS A CA  1 
ATOM   325  C C   . LYS A 1 44  ? -5.811  -17.068 -3.052  1.00 22.61 ? 180 LYS A C   1 
ATOM   326  O O   . LYS A 1 44  ? -6.015  -17.324 -4.222  1.00 22.52 ? 180 LYS A O   1 
ATOM   327  C CB  . LYS A 1 44  ? -7.518  -15.198 -3.007  1.00 22.37 ? 180 LYS A CB  1 
ATOM   328  C CG  . LYS A 1 44  ? -8.611  -14.530 -2.135  1.00 21.89 ? 180 LYS A CG  1 
ATOM   329  C CD  . LYS A 1 44  ? -9.746  -15.510 -1.734  1.00 27.73 ? 180 LYS A CD  1 
ATOM   330  C CE  . LYS A 1 44  ? -11.069 -14.763 -1.372  1.00 26.40 ? 180 LYS A CE  1 
ATOM   331  N NZ  . LYS A 1 44  ? -12.209 -15.753 -0.879  1.00 28.67 ? 180 LYS A NZ  1 
ATOM   332  N N   . GLY A 1 45  ? -4.656  -17.359 -2.435  1.00 21.62 ? 181 GLY A N   1 
ATOM   333  C CA  . GLY A 1 45  ? -3.619  -18.094 -3.133  1.00 21.89 ? 181 GLY A CA  1 
ATOM   334  C C   . GLY A 1 45  ? -2.432  -17.275 -3.535  1.00 22.04 ? 181 GLY A C   1 
ATOM   335  O O   . GLY A 1 45  ? -1.491  -17.780 -4.180  1.00 21.92 ? 181 GLY A O   1 
ATOM   336  N N   . PHE A 1 46  ? -2.470  -15.967 -3.208  1.00 20.41 ? 182 PHE A N   1 
ATOM   337  C CA  . PHE A 1 46  ? -1.390  -15.074 -3.668  1.00 18.74 ? 182 PHE A CA  1 
ATOM   338  C C   . PHE A 1 46  ? -1.519  -13.789 -2.848  1.00 18.56 ? 182 PHE A C   1 
ATOM   339  O O   . PHE A 1 46  ? -2.582  -13.522 -2.233  1.00 15.82 ? 182 PHE A O   1 
ATOM   340  C CB  . PHE A 1 46  ? -1.463  -14.736 -5.189  1.00 20.09 ? 182 PHE A CB  1 
ATOM   341  C CG  . PHE A 1 46  ? -2.835  -14.184 -5.640  1.00 21.57 ? 182 PHE A CG  1 
ATOM   342  C CD1 . PHE A 1 46  ? -3.155  -12.812 -5.525  1.00 23.33 ? 182 PHE A CD1 1 
ATOM   343  C CD2 . PHE A 1 46  ? -3.795  -15.064 -6.164  1.00 27.11 ? 182 PHE A CD2 1 
ATOM   344  C CE1 . PHE A 1 46  ? -4.408  -12.336 -5.955  1.00 22.68 ? 182 PHE A CE1 1 
ATOM   345  C CE2 . PHE A 1 46  ? -5.067  -14.630 -6.575  1.00 22.83 ? 182 PHE A CE2 1 
ATOM   346  C CZ  . PHE A 1 46  ? -5.385  -13.261 -6.484  1.00 23.66 ? 182 PHE A CZ  1 
ATOM   347  N N   . GLY A 1 47  ? -0.489  -12.939 -2.908  1.00 17.68 ? 183 GLY A N   1 
ATOM   348  C CA  . GLY A 1 47  ? -0.567  -11.723 -2.112  1.00 15.86 ? 183 GLY A CA  1 
ATOM   349  C C   . GLY A 1 47  ? 0.771   -11.034 -1.937  1.00 13.91 ? 183 GLY A C   1 
ATOM   350  O O   . GLY A 1 47  ? 1.681   -11.365 -2.731  1.00 14.03 ? 183 GLY A O   1 
ATOM   351  N N   . PHE A 1 48  ? 0.918   -10.242 -0.864  1.00 12.40 ? 184 PHE A N   1 
ATOM   352  C CA  . PHE A 1 48  ? 2.014   -9.244  -0.724  1.00 12.81 ? 184 PHE A CA  1 
ATOM   353  C C   . PHE A 1 48  ? 3.280   -9.846  -0.133  1.00 12.98 ? 184 PHE A C   1 
ATOM   354  O O   . PHE A 1 48  ? 4.348   -9.263  -0.254  1.00 12.94 ? 184 PHE A O   1 
ATOM   355  C CB  . PHE A 1 48  ? 1.620   -8.111  0.223   1.00 11.66 ? 184 PHE A CB  1 
ATOM   356  C CG  . PHE A 1 48  ? 0.482   -7.230  -0.296  1.00 13.54 ? 184 PHE A CG  1 
ATOM   357  C CD1 . PHE A 1 48  ? 0.487   -6.769  -1.611  1.00 14.29 ? 184 PHE A CD1 1 
ATOM   358  C CD2 . PHE A 1 48  ? -0.539  -6.791  0.594   1.00 12.22 ? 184 PHE A CD2 1 
ATOM   359  C CE1 . PHE A 1 48  ? -0.547  -5.906  -2.074  1.00 16.12 ? 184 PHE A CE1 1 
ATOM   360  C CE2 . PHE A 1 48  ? -1.520  -5.928  0.163   1.00 10.15 ? 184 PHE A CE2 1 
ATOM   361  C CZ  . PHE A 1 48  ? -1.546  -5.497  -1.142  1.00 10.79 ? 184 PHE A CZ  1 
ATOM   362  N N   . LYS A 1 49  ? 3.199   -11.017 0.490   1.00 13.26 ? 185 LYS A N   1 
ATOM   363  C CA  . LYS A 1 49  ? 4.381   -11.441 1.231   1.00 14.00 ? 185 LYS A CA  1 
ATOM   364  C C   . LYS A 1 49  ? 5.542   -11.684 0.278   1.00 14.22 ? 185 LYS A C   1 
ATOM   365  O O   . LYS A 1 49  ? 5.409   -12.360 -0.756  1.00 14.77 ? 185 LYS A O   1 
ATOM   366  C CB  . LYS A 1 49  ? 4.098   -12.658 2.159   1.00 14.26 ? 185 LYS A CB  1 
ATOM   367  C CG  . LYS A 1 49  ? 5.341   -13.287 2.816   1.00 17.62 ? 185 LYS A CG  1 
ATOM   368  C CD  . LYS A 1 49  ? 4.890   -14.544 3.684   1.00 21.52 ? 185 LYS A CD  1 
ATOM   369  C CE  . LYS A 1 49  ? 5.893   -14.841 4.815   1.00 29.07 ? 185 LYS A CE  1 
ATOM   370  N NZ  . LYS A 1 49  ? 5.774   -16.324 5.159   1.00 32.90 ? 185 LYS A NZ  1 
ATOM   371  N N   . GLY A 1 50  ? 6.698   -11.111 0.674   1.00 14.95 ? 186 GLY A N   1 
ATOM   372  C CA  . GLY A 1 50  ? 7.955   -11.231 -0.070  1.00 14.73 ? 186 GLY A CA  1 
ATOM   373  C C   . GLY A 1 50  ? 8.077   -10.201 -1.215  1.00 14.73 ? 186 GLY A C   1 
ATOM   374  O O   . GLY A 1 50  ? 9.135   -10.160 -1.912  1.00 14.79 ? 186 GLY A O   1 
ATOM   375  N N   . SER A 1 51  ? 7.019   -9.421  -1.450  1.00 12.97 ? 187 SER A N   1 
ATOM   376  C CA  . SER A 1 51  ? 7.077   -8.399  -2.485  1.00 13.21 ? 187 SER A CA  1 
ATOM   377  C C   . SER A 1 51  ? 7.771   -7.091  -1.901  1.00 12.13 ? 187 SER A C   1 
ATOM   378  O O   . SER A 1 51  ? 8.130   -7.037  -0.701  1.00 12.65 ? 187 SER A O   1 
ATOM   379  C CB  . SER A 1 51  ? 5.675   -8.022  -3.098  1.00 12.33 ? 187 SER A CB  1 
ATOM   380  O OG  . SER A 1 51  ? 4.769   -7.488  -2.112  1.00 12.92 ? 187 SER A OG  1 
ATOM   381  N N   . SER A 1 52  ? 7.909   -6.077  -2.730  1.00 11.16 ? 188 SER A N   1 
ATOM   382  C CA  . SER A 1 52  ? 8.737   -4.934  -2.384  1.00 12.58 ? 188 SER A CA  1 
ATOM   383  C C   . SER A 1 52  ? 7.985   -3.621  -2.457  1.00 12.76 ? 188 SER A C   1 
ATOM   384  O O   . SER A 1 52  ? 6.937   -3.523  -3.165  1.00 12.81 ? 188 SER A O   1 
ATOM   385  C CB  . SER A 1 52  ? 9.929   -4.848  -3.363  1.00 12.24 ? 188 SER A CB  1 
ATOM   386  O OG  . SER A 1 52  ? 9.561   -4.478  -4.697  1.00 14.78 ? 188 SER A OG  1 
ATOM   387  N N   . PHE A 1 53  ? 8.557   -2.593  -1.835  1.00 11.29 ? 189 PHE A N   1 
ATOM   388  C CA  . PHE A 1 53  ? 8.111   -1.204  -2.155  1.00 11.96 ? 189 PHE A CA  1 
ATOM   389  C C   . PHE A 1 53  ? 9.043   -0.744  -3.216  1.00 11.92 ? 189 PHE A C   1 
ATOM   390  O O   . PHE A 1 53  ? 10.224  -0.435  -2.945  1.00 13.05 ? 189 PHE A O   1 
ATOM   391  C CB  . PHE A 1 53  ? 8.177   -0.317  -0.890  1.00 10.83 ? 189 PHE A CB  1 
ATOM   392  C CG  . PHE A 1 53  ? 6.980   -0.549  0.051   1.00 11.80 ? 189 PHE A CG  1 
ATOM   393  C CD1 . PHE A 1 53  ? 5.883   0.337   0.051   1.00 12.89 ? 189 PHE A CD1 1 
ATOM   394  C CD2 . PHE A 1 53  ? 6.993   -1.576  0.944   1.00 10.44 ? 189 PHE A CD2 1 
ATOM   395  C CE1 . PHE A 1 53  ? 4.728   0.124   0.885   1.00 9.69  ? 189 PHE A CE1 1 
ATOM   396  C CE2 . PHE A 1 53  ? 5.825   -1.826  1.793   1.00 10.29 ? 189 PHE A CE2 1 
ATOM   397  C CZ  . PHE A 1 53  ? 4.758   -0.955  1.767   1.00 8.24  ? 189 PHE A CZ  1 
ATOM   398  N N   . HIS A 1 54  ? 8.557   -0.716  -4.469  1.00 12.83 ? 190 HIS A N   1 
ATOM   399  C CA  . HIS A 1 54  ? 9.462   -0.531  -5.611  1.00 11.40 ? 190 HIS A CA  1 
ATOM   400  C C   . HIS A 1 54  ? 9.626   0.927   -5.995  1.00 13.53 ? 190 HIS A C   1 
ATOM   401  O O   . HIS A 1 54  ? 10.464  1.260   -6.862  1.00 14.33 ? 190 HIS A O   1 
ATOM   402  C CB  . HIS A 1 54  ? 8.922   -1.277  -6.838  1.00 12.78 ? 190 HIS A CB  1 
ATOM   403  C CG  . HIS A 1 54  ? 7.616   -0.726  -7.339  1.00 11.82 ? 190 HIS A CG  1 
ATOM   404  N ND1 . HIS A 1 54  ? 6.417   -1.161  -6.806  1.00 13.25 ? 190 HIS A ND1 1 
ATOM   405  C CD2 . HIS A 1 54  ? 7.303   0.253   -8.224  1.00 14.07 ? 190 HIS A CD2 1 
ATOM   406  C CE1 . HIS A 1 54  ? 5.417   -0.545  -7.408  1.00 16.99 ? 190 HIS A CE1 1 
ATOM   407  N NE2 . HIS A 1 54  ? 5.911   0.333   -8.263  1.00 12.99 ? 190 HIS A NE2 1 
ATOM   408  N N   . ARG A 1 55  ? 8.809   1.818   -5.419  1.00 12.26 ? 191 ARG A N   1 
ATOM   409  C CA  . ARG A 1 55  ? 8.877   3.247   -5.848  1.00 11.63 ? 191 ARG A CA  1 
ATOM   410  C C   . ARG A 1 55  ? 8.667   4.075   -4.568  1.00 13.61 ? 191 ARG A C   1 
ATOM   411  O O   . ARG A 1 55  ? 7.592   4.004   -3.957  1.00 13.34 ? 191 ARG A O   1 
ATOM   412  C CB  . ARG A 1 55  ? 7.730   3.510   -6.820  1.00 11.56 ? 191 ARG A CB  1 
ATOM   413  C CG  . ARG A 1 55  ? 7.625   4.981   -7.255  1.00 16.71 ? 191 ARG A CG  1 
ATOM   414  C CD  . ARG A 1 55  ? 6.573   5.188   -8.419  1.00 20.57 ? 191 ARG A CD  1 
ATOM   415  N NE  . ARG A 1 55  ? 6.456   6.628   -8.627  1.00 32.23 ? 191 ARG A NE  1 
ATOM   416  C CZ  . ARG A 1 55  ? 5.319   7.233   -8.568  1.00 36.24 ? 191 ARG A CZ  1 
ATOM   417  N NH1 . ARG A 1 55  ? 4.225   6.474   -8.385  1.00 37.29 ? 191 ARG A NH1 1 
ATOM   418  N NH2 . ARG A 1 55  ? 5.263   8.582   -8.707  1.00 40.79 ? 191 ARG A NH2 1 
ATOM   419  N N   . ILE A 1 56  ? 9.715   4.776   -4.108  1.00 12.71 ? 192 ILE A N   1 
ATOM   420  C CA  . ILE A 1 56  ? 9.633   5.484   -2.795  1.00 10.78 ? 192 ILE A CA  1 
ATOM   421  C C   . ILE A 1 56  ? 10.122  6.942   -3.016  1.00 10.55 ? 192 ILE A C   1 
ATOM   422  O O   . ILE A 1 56  ? 11.293  7.101   -3.429  1.00 10.97 ? 192 ILE A O   1 
ATOM   423  C CB  . ILE A 1 56  ? 10.586  4.820   -1.809  1.00 10.04 ? 192 ILE A CB  1 
ATOM   424  C CG1 . ILE A 1 56  ? 10.171  3.327   -1.614  1.00 10.83 ? 192 ILE A CG1 1 
ATOM   425  C CG2 . ILE A 1 56  ? 10.497  5.562   -0.409  1.00 12.55 ? 192 ILE A CG2 1 
ATOM   426  C CD1 . ILE A 1 56  ? 11.149  2.440   -0.824  1.00 12.81 ? 192 ILE A CD1 1 
ATOM   427  N N   . ILE A 1 57  ? 9.281   7.953   -2.774  1.00 10.90 ? 193 ILE A N   1 
ATOM   428  C CA  . ILE A 1 57  ? 9.670   9.364   -3.053  1.00 11.29 ? 193 ILE A CA  1 
ATOM   429  C C   . ILE A 1 57  ? 9.576   10.104  -1.705  1.00 12.17 ? 193 ILE A C   1 
ATOM   430  O O   . ILE A 1 57  ? 8.488   10.144  -1.109  1.00 12.01 ? 193 ILE A O   1 
ATOM   431  C CB  . ILE A 1 57  ? 8.724   10.014  -4.082  1.00 11.56 ? 193 ILE A CB  1 
ATOM   432  C CG1 . ILE A 1 57  ? 8.887   9.312   -5.485  1.00 13.87 ? 193 ILE A CG1 1 
ATOM   433  C CG2 . ILE A 1 57  ? 9.036   11.572  -4.137  1.00 12.36 ? 193 ILE A CG2 1 
ATOM   434  C CD1 . ILE A 1 57  ? 7.824   9.718   -6.647  1.00 20.61 ? 193 ILE A CD1 1 
ATOM   435  N N   . PRO A 1 58  ? 10.683  10.574  -1.178  1.00 13.51 ? 194 PRO A N   1 
ATOM   436  C CA  . PRO A 1 58  ? 10.641  11.184  0.164   1.00 15.13 ? 194 PRO A CA  1 
ATOM   437  C C   . PRO A 1 58  ? 9.652   12.388  0.213   1.00 15.00 ? 194 PRO A C   1 
ATOM   438  O O   . PRO A 1 58  ? 9.452   13.092  -0.798  1.00 14.18 ? 194 PRO A O   1 
ATOM   439  C CB  . PRO A 1 58  ? 12.076  11.679  0.419   1.00 15.57 ? 194 PRO A CB  1 
ATOM   440  C CG  . PRO A 1 58  ? 12.892  10.758  -0.454  1.00 15.73 ? 194 PRO A CG  1 
ATOM   441  C CD  . PRO A 1 58  ? 12.065  10.471  -1.746  1.00 12.70 ? 194 PRO A CD  1 
ATOM   442  N N   . GLN A 1 59  ? 9.046   12.561  1.378   1.00 15.15 ? 195 GLN A N   1 
ATOM   443  C CA  . GLN A 1 59  ? 7.995   13.565  1.613   1.00 17.42 ? 195 GLN A CA  1 
ATOM   444  C C   . GLN A 1 59  ? 6.788   13.388  0.692   1.00 16.60 ? 195 GLN A C   1 
ATOM   445  O O   . GLN A 1 59  ? 5.934   14.287  0.492   1.00 18.41 ? 195 GLN A O   1 
ATOM   446  C CB  . GLN A 1 59  ? 8.650   15.025  1.632   1.00 18.36 ? 195 GLN A CB  1 
ATOM   447  C CG  . GLN A 1 59  ? 9.991   15.022  2.497   1.00 24.98 ? 195 GLN A CG  1 
ATOM   448  C CD  . GLN A 1 59  ? 10.582  16.484  2.627   1.00 35.08 ? 195 GLN A CD  1 
ATOM   449  O OE1 . GLN A 1 59  ? 10.348  17.289  1.726   1.00 37.33 ? 195 GLN A OE1 1 
ATOM   450  N NE2 . GLN A 1 59  ? 11.264  16.823  3.753   1.00 36.45 ? 195 GLN A NE2 1 
ATOM   451  N N   . PHE A 1 60  ? 6.638   12.213  0.087   1.00 15.09 ? 196 PHE A N   1 
ATOM   452  C CA  . PHE A 1 60  ? 5.493   12.033  -0.804  1.00 12.42 ? 196 PHE A CA  1 
ATOM   453  C C   . PHE A 1 60  ? 4.777   10.680  -0.495  1.00 13.58 ? 196 PHE A C   1 
ATOM   454  O O   . PHE A 1 60  ? 3.685   10.695  0.156   1.00 12.50 ? 196 PHE A O   1 
ATOM   455  C CB  . PHE A 1 60  ? 5.923   12.187  -2.273  1.00 14.74 ? 196 PHE A CB  1 
ATOM   456  C CG  . PHE A 1 60  ? 4.804   12.014  -3.282  1.00 16.95 ? 196 PHE A CG  1 
ATOM   457  C CD1 . PHE A 1 60  ? 3.482   12.182  -2.921  1.00 19.36 ? 196 PHE A CD1 1 
ATOM   458  C CD2 . PHE A 1 60  ? 5.079   11.736  -4.603  1.00 18.10 ? 196 PHE A CD2 1 
ATOM   459  C CE1 . PHE A 1 60  ? 2.477   12.013  -3.852  1.00 16.31 ? 196 PHE A CE1 1 
ATOM   460  C CE2 . PHE A 1 60  ? 4.072   11.593  -5.565  1.00 24.28 ? 196 PHE A CE2 1 
ATOM   461  C CZ  . PHE A 1 60  ? 2.752   11.734  -5.188  1.00 18.54 ? 196 PHE A CZ  1 
ATOM   462  N N   . MET A 1 61  ? 5.374   9.567   -0.887  1.00 11.85 ? 197 MET A N   1 
ATOM   463  C CA  . MET A 1 61  ? 4.743   8.281   -0.658  1.00 11.82 ? 197 MET A CA  1 
ATOM   464  C C   . MET A 1 61  ? 5.666   7.084   -0.888  1.00 12.18 ? 197 MET A C   1 
ATOM   465  O O   . MET A 1 61  ? 6.689   7.211   -1.515  1.00 10.81 ? 197 MET A O   1 
ATOM   466  C CB  . MET A 1 61  ? 3.466   8.139   -1.473  1.00 11.89 ? 197 MET A CB  1 
ATOM   467  C CG  . MET A 1 61  ? 3.651   8.279   -2.962  1.00 18.47 ? 197 MET A CG  1 
ATOM   468  S SD  . MET A 1 61  ? 4.078   6.732   -3.757  1.00 18.90 ? 197 MET A SD  1 
ATOM   469  C CE  . MET A 1 61  ? 5.563   7.205   -4.623  1.00 18.43 ? 197 MET A CE  1 
ATOM   470  N N   . CYS A 1 62  ? 5.249   5.934   -0.377  1.00 11.48 ? 198 CYS A N   1 
ATOM   471  C CA  . CYS A 1 62  ? 5.953   4.679   -0.541  1.00 12.61 ? 198 CYS A CA  1 
ATOM   472  C C   . CYS A 1 62  ? 4.970   3.777   -1.247  1.00 12.93 ? 198 CYS A C   1 
ATOM   473  O O   . CYS A 1 62  ? 3.895   3.463   -0.680  1.00 12.04 ? 198 CYS A O   1 
ATOM   474  C CB  . CYS A 1 62  ? 6.259   4.079   0.845   1.00 12.97 ? 198 CYS A CB  1 
ATOM   475  S SG  . CYS A 1 62  ? 7.406   5.182   1.773   1.00 13.46 ? 198 CYS A SG  1 
ATOM   476  N N   . GLN A 1 63  ? 5.318   3.369   -2.459  1.00 12.69 ? 199 GLN A N   1 
ATOM   477  C CA  . GLN A 1 63  ? 4.395   2.547   -3.245  1.00 9.64  ? 199 GLN A CA  1 
ATOM   478  C C   . GLN A 1 63  ? 4.856   1.057   -3.325  1.00 11.95 ? 199 GLN A C   1 
ATOM   479  O O   . GLN A 1 63  ? 6.046   0.758   -3.622  1.00 11.19 ? 199 GLN A O   1 
ATOM   480  C CB  . GLN A 1 63  ? 4.268   3.116   -4.679  1.00 11.27 ? 199 GLN A CB  1 
ATOM   481  C CG  . GLN A 1 63  ? 3.343   2.196   -5.605  1.00 11.64 ? 199 GLN A CG  1 
ATOM   482  C CD  . GLN A 1 63  ? 2.973   2.933   -6.890  1.00 18.45 ? 199 GLN A CD  1 
ATOM   483  O OE1 . GLN A 1 63  ? 3.134   4.149   -6.943  1.00 19.81 ? 199 GLN A OE1 1 
ATOM   484  N NE2 . GLN A 1 63  ? 2.601   2.199   -7.959  1.00 15.64 ? 199 GLN A NE2 1 
ATOM   485  N N   . GLY A 1 64  ? 3.900   0.132   -3.161  1.00 10.16 ? 200 GLY A N   1 
ATOM   486  C CA  . GLY A 1 64  ? 4.230   -1.310  -3.318  1.00 12.78 ? 200 GLY A CA  1 
ATOM   487  C C   . GLY A 1 64  ? 3.037   -2.061  -3.938  1.00 11.36 ? 200 GLY A C   1 
ATOM   488  O O   . GLY A 1 64  ? 2.232   -1.432  -4.584  1.00 11.24 ? 200 GLY A O   1 
ATOM   489  N N   . GLY A 1 65  ? 2.958   -3.380  -3.716  1.00 10.69 ? 201 GLY A N   1 
ATOM   490  C CA  . GLY A 1 65  ? 1.846   -4.228  -4.107  1.00 11.06 ? 201 GLY A CA  1 
ATOM   491  C C   . GLY A 1 65  ? 1.983   -4.794  -5.500  1.00 12.09 ? 201 GLY A C   1 
ATOM   492  O O   . GLY A 1 65  ? 1.058   -5.435  -6.013  1.00 13.92 ? 201 GLY A O   1 
ATOM   493  N N   . ASP A 1 66  ? 3.080   -4.464  -6.179  1.00 11.80 ? 202 ASP A N   1 
ATOM   494  C CA  . ASP A 1 66  ? 3.293   -5.087  -7.498  1.00 12.71 ? 202 ASP A CA  1 
ATOM   495  C C   . ASP A 1 66  ? 4.011   -6.416  -7.285  1.00 12.97 ? 202 ASP A C   1 
ATOM   496  O O   . ASP A 1 66  ? 5.214   -6.510  -7.487  1.00 13.79 ? 202 ASP A O   1 
ATOM   497  C CB  . ASP A 1 66  ? 4.115   -4.237  -8.444  1.00 10.90 ? 202 ASP A CB  1 
ATOM   498  C CG  . ASP A 1 66  ? 4.149   -4.821  -9.888  1.00 14.99 ? 202 ASP A CG  1 
ATOM   499  O OD1 . ASP A 1 66  ? 3.753   -5.994  -10.037 1.00 13.70 ? 202 ASP A OD1 1 
ATOM   500  O OD2 . ASP A 1 66  ? 4.657   -4.195  -10.875 1.00 13.80 ? 202 ASP A OD2 1 
ATOM   501  N N   . PHE A 1 67  ? 3.261   -7.432  -6.898  1.00 12.36 ? 203 PHE A N   1 
ATOM   502  C CA  . PHE A 1 67  ? 3.923   -8.684  -6.523  1.00 13.30 ? 203 PHE A CA  1 
ATOM   503  C C   . PHE A 1 67  ? 4.143   -9.633  -7.701  1.00 13.76 ? 203 PHE A C   1 
ATOM   504  O O   . PHE A 1 67  ? 4.666   -10.745 -7.504  1.00 13.82 ? 203 PHE A O   1 
ATOM   505  C CB  . PHE A 1 67  ? 3.169   -9.400  -5.409  1.00 12.65 ? 203 PHE A CB  1 
ATOM   506  C CG  . PHE A 1 67  ? 1.707   -9.697  -5.773  1.00 14.10 ? 203 PHE A CG  1 
ATOM   507  C CD1 . PHE A 1 67  ? 1.400   -10.820 -6.507  1.00 15.58 ? 203 PHE A CD1 1 
ATOM   508  C CD2 . PHE A 1 67  ? 0.679   -8.826  -5.388  1.00 19.12 ? 203 PHE A CD2 1 
ATOM   509  C CE1 . PHE A 1 67  ? 0.092   -11.148 -6.871  1.00 20.06 ? 203 PHE A CE1 1 
ATOM   510  C CE2 . PHE A 1 67  ? -0.644  -9.097  -5.759  1.00 16.58 ? 203 PHE A CE2 1 
ATOM   511  C CZ  . PHE A 1 67  ? -0.943  -10.275 -6.508  1.00 23.16 ? 203 PHE A CZ  1 
ATOM   512  N N   . THR A 1 68  ? 3.766   -9.184  -8.889  1.00 14.65 ? 204 THR A N   1 
ATOM   513  C CA  . THR A 1 68  ? 4.054   -9.905  -10.114 1.00 15.97 ? 204 THR A CA  1 
ATOM   514  C C   . THR A 1 68  ? 5.264   -9.381  -10.885 1.00 14.78 ? 204 THR A C   1 
ATOM   515  O O   . THR A 1 68  ? 6.145   -10.207 -11.318 1.00 16.26 ? 204 THR A O   1 
ATOM   516  C CB  . THR A 1 68  ? 2.820   -10.058 -11.035 1.00 15.82 ? 204 THR A CB  1 
ATOM   517  O OG1 . THR A 1 68  ? 2.381   -8.762  -11.501 1.00 18.67 ? 204 THR A OG1 1 
ATOM   518  C CG2 . THR A 1 68  ? 1.550   -10.622 -10.242 1.00 19.72 ? 204 THR A CG2 1 
ATOM   519  N N   . ASN A 1 69  ? 5.363   -8.072  -11.092 1.00 12.74 ? 205 ASN A N   1 
ATOM   520  C CA  . ASN A 1 69  ? 6.415   -7.525  -11.964 1.00 14.71 ? 205 ASN A CA  1 
ATOM   521  C C   . ASN A 1 69  ? 7.399   -6.661  -11.176 1.00 15.25 ? 205 ASN A C   1 
ATOM   522  O O   . ASN A 1 69  ? 8.500   -6.361  -11.683 1.00 17.68 ? 205 ASN A O   1 
ATOM   523  C CB  . ASN A 1 69  ? 5.875   -6.704  -13.174 1.00 14.44 ? 205 ASN A CB  1 
ATOM   524  C CG  . ASN A 1 69  ? 4.991   -7.544  -14.145 1.00 20.01 ? 205 ASN A CG  1 
ATOM   525  O OD1 . ASN A 1 69  ? 4.973   -8.745  -14.083 1.00 23.68 ? 205 ASN A OD1 1 
ATOM   526  N ND2 . ASN A 1 69  ? 4.259   -6.890  -14.987 1.00 21.56 ? 205 ASN A ND2 1 
ATOM   527  N N   . HIS A 1 70  ? 7.027   -6.308  -9.942  1.00 14.50 ? 206 HIS A N   1 
ATOM   528  C CA  . HIS A 1 70  ? 7.893   -5.577  -9.021  1.00 13.56 ? 206 HIS A CA  1 
ATOM   529  C C   . HIS A 1 70  ? 8.415   -4.215  -9.595  1.00 13.22 ? 206 HIS A C   1 
ATOM   530  O O   . HIS A 1 70  ? 9.526   -3.755  -9.228  1.00 14.73 ? 206 HIS A O   1 
ATOM   531  C CB  . HIS A 1 70  ? 9.059   -6.496  -8.605  1.00 14.51 ? 206 HIS A CB  1 
ATOM   532  C CG  . HIS A 1 70  ? 8.620   -7.874  -8.294  1.00 15.01 ? 206 HIS A CG  1 
ATOM   533  N ND1 . HIS A 1 70  ? 8.111   -8.232  -7.059  1.00 14.77 ? 206 HIS A ND1 1 
ATOM   534  C CD2 . HIS A 1 70  ? 8.637   -9.003  -9.055  1.00 17.05 ? 206 HIS A CD2 1 
ATOM   535  C CE1 . HIS A 1 70  ? 7.775   -9.514  -7.098  1.00 16.30 ? 206 HIS A CE1 1 
ATOM   536  N NE2 . HIS A 1 70  ? 8.135   -10.014 -8.276  1.00 15.99 ? 206 HIS A NE2 1 
ATOM   537  N N   . ASN A 1 71  ? 7.643   -3.578  -10.452 1.00 12.76 ? 207 ASN A N   1 
ATOM   538  C CA  . ASN A 1 71  ? 8.125   -2.329  -11.103 1.00 16.20 ? 207 ASN A CA  1 
ATOM   539  C C   . ASN A 1 71  ? 7.036   -1.314  -11.370 1.00 16.20 ? 207 ASN A C   1 
ATOM   540  O O   . ASN A 1 71  ? 7.307   -0.230  -11.958 1.00 14.25 ? 207 ASN A O   1 
ATOM   541  C CB  . ASN A 1 71  ? 8.903   -2.608  -12.413 1.00 16.82 ? 207 ASN A CB  1 
ATOM   542  C CG  . ASN A 1 71  ? 8.058   -3.345  -13.454 1.00 18.47 ? 207 ASN A CG  1 
ATOM   543  O OD1 . ASN A 1 71  ? 6.833   -3.486  -13.305 1.00 15.16 ? 207 ASN A OD1 1 
ATOM   544  N ND2 . ASN A 1 71  ? 8.721   -3.835  -14.532 1.00 17.93 ? 207 ASN A ND2 1 
ATOM   545  N N   . GLY A 1 72  ? 5.805   -1.633  -10.944 1.00 14.19 ? 208 GLY A N   1 
ATOM   546  C CA  . GLY A 1 72  ? 4.725   -0.697  -11.225 1.00 15.48 ? 208 GLY A CA  1 
ATOM   547  C C   . GLY A 1 72  ? 3.843   -1.090  -12.417 1.00 17.66 ? 208 GLY A C   1 
ATOM   548  O O   . GLY A 1 72  ? 2.812   -0.504  -12.623 1.00 16.86 ? 208 GLY A O   1 
ATOM   549  N N   . THR A 1 73  ? 4.244   -2.108  -13.157 1.00 18.29 ? 209 THR A N   1 
ATOM   550  C CA  . THR A 1 73  ? 3.446   -2.554  -14.334 1.00 19.25 ? 209 THR A CA  1 
ATOM   551  C C   . THR A 1 73  ? 2.479   -3.712  -14.019 1.00 20.21 ? 209 THR A C   1 
ATOM   552  O O   . THR A 1 73  ? 1.633   -4.016  -14.844 1.00 20.05 ? 209 THR A O   1 
ATOM   553  C CB  . THR A 1 73  ? 4.352   -2.970  -15.545 1.00 19.84 ? 209 THR A CB  1 
ATOM   554  O OG1 . THR A 1 73  ? 5.181   -4.090  -15.210 1.00 19.19 ? 209 THR A OG1 1 
ATOM   555  C CG2 . THR A 1 73  ? 5.382   -1.841  -16.005 1.00 20.13 ? 209 THR A CG2 1 
ATOM   556  N N   . GLY A 1 74  ? 2.535   -4.304  -12.817 1.00 18.49 ? 210 GLY A N   1 
ATOM   557  C CA  . GLY A 1 74  ? 1.820   -5.549  -12.610 1.00 17.15 ? 210 GLY A CA  1 
ATOM   558  C C   . GLY A 1 74  ? 0.941   -5.498  -11.394 1.00 16.67 ? 210 GLY A C   1 
ATOM   559  O O   . GLY A 1 74  ? 0.421   -4.414  -11.076 1.00 17.34 ? 210 GLY A O   1 
ATOM   560  N N   . GLY A 1 75  ? 0.840   -6.636  -10.701 1.00 15.22 ? 211 GLY A N   1 
ATOM   561  C CA  . GLY A 1 75  ? -0.133  -6.810  -9.637  1.00 16.80 ? 211 GLY A CA  1 
ATOM   562  C C   . GLY A 1 75  ? -1.489  -7.288  -10.153 1.00 18.08 ? 211 GLY A C   1 
ATOM   563  O O   . GLY A 1 75  ? -1.804  -7.226  -11.367 1.00 16.37 ? 211 GLY A O   1 
ATOM   564  N N   . LYS A 1 76  ? -2.303  -7.773  -9.241  1.00 17.28 ? 212 LYS A N   1 
ATOM   565  C CA  . LYS A 1 76  ? -3.671  -8.168  -9.616  1.00 18.61 ? 212 LYS A CA  1 
ATOM   566  C C   . LYS A 1 76  ? -4.526  -8.190  -8.380  1.00 17.74 ? 212 LYS A C   1 
ATOM   567  O O   . LYS A 1 76  ? -4.084  -8.513  -7.256  1.00 17.66 ? 212 LYS A O   1 
ATOM   568  C CB  . LYS A 1 76  ? -3.681  -9.558  -10.326 1.00 20.04 ? 212 LYS A CB  1 
ATOM   569  C CG  . LYS A 1 76  ? -3.360  -10.705 -9.389  1.00 22.31 ? 212 LYS A CG  1 
ATOM   570  C CD  . LYS A 1 76  ? -3.587  -12.071 -10.183 1.00 29.04 ? 212 LYS A CD  1 
ATOM   571  C CE  . LYS A 1 76  ? -2.941  -13.240 -9.455  1.00 30.30 ? 212 LYS A CE  1 
ATOM   572  N NZ  . LYS A 1 76  ? -3.499  -14.570 -9.960  1.00 32.62 ? 212 LYS A NZ  1 
ATOM   573  N N   . SER A 1 77  ? -5.767  -7.793  -8.581  1.00 18.53 ? 213 SER A N   1 
ATOM   574  C CA  . SER A 1 77  ? -6.754  -7.837  -7.514  1.00 16.12 ? 213 SER A CA  1 
ATOM   575  C C   . SER A 1 77  ? -7.259  -9.240  -7.263  1.00 16.92 ? 213 SER A C   1 
ATOM   576  O O   . SER A 1 77  ? -6.929  -10.222 -8.005  1.00 16.95 ? 213 SER A O   1 
ATOM   577  C CB  . SER A 1 77  ? -7.938  -6.948  -7.851  1.00 19.91 ? 213 SER A CB  1 
ATOM   578  O OG  . SER A 1 77  ? -8.889  -7.634  -8.696  1.00 20.54 ? 213 SER A OG  1 
ATOM   579  N N   . ILE A 1 78  ? -8.015  -9.399  -6.199  1.00 15.23 ? 214 ILE A N   1 
ATOM   580  C CA  . ILE A 1 78  ? -8.615  -10.715 -5.925  1.00 17.08 ? 214 ILE A CA  1 
ATOM   581  C C   . ILE A 1 78  ? -9.848  -10.993 -6.849  1.00 20.47 ? 214 ILE A C   1 
ATOM   582  O O   . ILE A 1 78  ? -10.493 -12.076 -6.797  1.00 18.50 ? 214 ILE A O   1 
ATOM   583  C CB  . ILE A 1 78  ? -9.044  -10.781 -4.457  1.00 17.30 ? 214 ILE A CB  1 
ATOM   584  C CG1 . ILE A 1 78  ? -10.145 -9.780  -4.079  1.00 17.95 ? 214 ILE A CG1 1 
ATOM   585  C CG2 . ILE A 1 78  ? -7.809  -10.810 -3.466  1.00 17.32 ? 214 ILE A CG2 1 
ATOM   586  C CD1 . ILE A 1 78  ? -10.728 -10.099 -2.613  1.00 22.44 ? 214 ILE A CD1 1 
ATOM   587  N N   . TYR A 1 79  ? -10.260 -9.956  -7.584  1.00 21.51 ? 215 TYR A N   1 
ATOM   588  C CA  . TYR A 1 79  ? -11.507 -10.033 -8.340  1.00 25.93 ? 215 TYR A CA  1 
ATOM   589  C C   . TYR A 1 79  ? -11.380 -10.568 -9.757  1.00 27.81 ? 215 TYR A C   1 
ATOM   590  O O   . TYR A 1 79  ? -12.385 -10.657 -10.465 1.00 27.93 ? 215 TYR A O   1 
ATOM   591  C CB  . TYR A 1 79  ? -12.251 -8.675  -8.338  1.00 25.35 ? 215 TYR A CB  1 
ATOM   592  C CG  . TYR A 1 79  ? -12.523 -8.222  -6.956  1.00 25.01 ? 215 TYR A CG  1 
ATOM   593  C CD1 . TYR A 1 79  ? -13.347 -9.001  -6.076  1.00 24.42 ? 215 TYR A CD1 1 
ATOM   594  C CD2 . TYR A 1 79  ? -11.891 -7.056  -6.448  1.00 22.98 ? 215 TYR A CD2 1 
ATOM   595  C CE1 . TYR A 1 79  ? -13.601 -8.543  -4.799  1.00 20.18 ? 215 TYR A CE1 1 
ATOM   596  C CE2 . TYR A 1 79  ? -12.139 -6.634  -5.130  1.00 17.02 ? 215 TYR A CE2 1 
ATOM   597  C CZ  . TYR A 1 79  ? -12.924 -7.362  -4.341  1.00 20.50 ? 215 TYR A CZ  1 
ATOM   598  O OH  . TYR A 1 79  ? -13.105 -6.952  -3.069  1.00 20.75 ? 215 TYR A OH  1 
ATOM   599  N N   . GLY A 1 80  ? -10.156 -10.893 -10.185 1.00 29.10 ? 216 GLY A N   1 
ATOM   600  C CA  . GLY A 1 80  ? -9.991  -11.593 -11.458 1.00 31.09 ? 216 GLY A CA  1 
ATOM   601  C C   . GLY A 1 80  ? -9.742  -10.606 -12.606 1.00 31.10 ? 216 GLY A C   1 
ATOM   602  O O   . GLY A 1 80  ? -9.507  -10.990 -13.787 1.00 31.37 ? 216 GLY A O   1 
ATOM   603  N N   . LYS A 1 81  ? -9.839  -9.316  -12.262 1.00 29.74 ? 217 LYS A N   1 
ATOM   604  C CA  . LYS A 1 81  ? -9.722  -8.224  -13.223 1.00 30.21 ? 217 LYS A CA  1 
ATOM   605  C C   . LYS A 1 81  ? -9.497  -6.990  -12.339 1.00 28.09 ? 217 LYS A C   1 
ATOM   606  O O   . LYS A 1 81  ? -9.766  -7.075  -11.108 1.00 27.43 ? 217 LYS A O   1 
ATOM   607  C CB  . LYS A 1 81  ? -11.047 -8.053  -14.043 1.00 31.56 ? 217 LYS A CB  1 
ATOM   608  C CG  . LYS A 1 81  ? -12.282 -8.619  -13.321 1.00 36.52 ? 217 LYS A CG  1 
ATOM   609  C CD  . LYS A 1 81  ? -13.650 -8.419  -14.001 1.00 40.64 ? 217 LYS A CD  1 
ATOM   610  C CE  . LYS A 1 81  ? -13.436 -8.150  -15.468 1.00 44.72 ? 217 LYS A CE  1 
ATOM   611  N NZ  . LYS A 1 81  ? -14.226 -8.987  -16.454 1.00 45.31 ? 217 LYS A NZ  1 
ATOM   612  N N   . LYS A 1 82  ? -8.971  -5.909  -12.921 1.00 24.61 ? 218 LYS A N   1 
ATOM   613  C CA  . LYS A 1 82  ? -9.011  -4.593  -12.257 1.00 23.16 ? 218 LYS A CA  1 
ATOM   614  C C   . LYS A 1 82  ? -10.435 -4.300  -11.760 1.00 22.21 ? 218 LYS A C   1 
ATOM   615  O O   . LYS A 1 82  ? -11.403 -4.914  -12.237 1.00 22.02 ? 218 LYS A O   1 
ATOM   616  C CB  . LYS A 1 82  ? -8.516  -3.502  -13.197 1.00 23.10 ? 218 LYS A CB  1 
ATOM   617  C CG  . LYS A 1 82  ? -7.005  -3.671  -13.523 1.00 29.90 ? 218 LYS A CG  1 
ATOM   618  C CD  . LYS A 1 82  ? -6.444  -2.645  -14.537 1.00 36.41 ? 218 LYS A CD  1 
ATOM   619  C CE  . LYS A 1 82  ? -4.946  -2.927  -14.869 1.00 40.52 ? 218 LYS A CE  1 
ATOM   620  N NZ  . LYS A 1 82  ? -4.096  -2.956  -13.614 1.00 41.22 ? 218 LYS A NZ  1 
ATOM   621  N N   . PHE A 1 83  ? -10.574 -3.413  -10.783 1.00 19.24 ? 219 PHE A N   1 
ATOM   622  C CA  . PHE A 1 83  ? -11.898 -3.116  -10.263 1.00 16.63 ? 219 PHE A CA  1 
ATOM   623  C C   . PHE A 1 83  ? -12.118 -1.623  -10.179 1.00 17.59 ? 219 PHE A C   1 
ATOM   624  O O   . PHE A 1 83  ? -11.149 -0.853  -10.144 1.00 17.89 ? 219 PHE A O   1 
ATOM   625  C CB  . PHE A 1 83  ? -12.177 -3.852  -8.973  1.00 18.82 ? 219 PHE A CB  1 
ATOM   626  C CG  . PHE A 1 83  ? -11.268 -3.493  -7.815  1.00 16.51 ? 219 PHE A CG  1 
ATOM   627  C CD1 . PHE A 1 83  ? -11.731 -2.618  -6.817  1.00 18.06 ? 219 PHE A CD1 1 
ATOM   628  C CD2 . PHE A 1 83  ? -10.036 -4.088  -7.651  1.00 14.44 ? 219 PHE A CD2 1 
ATOM   629  C CE1 . PHE A 1 83  ? -10.995 -2.345  -5.665  1.00 17.48 ? 219 PHE A CE1 1 
ATOM   630  C CE2 . PHE A 1 83  ? -9.221  -3.734  -6.511  1.00 16.10 ? 219 PHE A CE2 1 
ATOM   631  C CZ  . PHE A 1 83  ? -9.731  -2.847  -5.511  1.00 14.29 ? 219 PHE A CZ  1 
ATOM   632  N N   . ASP A 1 84  ? -13.386 -1.188  -10.176 1.00 16.88 ? 220 ASP A N   1 
ATOM   633  C CA  . ASP A 1 84  ? -13.705 0.217   -10.229 1.00 18.56 ? 220 ASP A CA  1 
ATOM   634  C C   . ASP A 1 84  ? -13.269 0.999   -8.992  1.00 18.88 ? 220 ASP A C   1 
ATOM   635  O O   . ASP A 1 84  ? -13.204 0.455   -7.884  1.00 20.31 ? 220 ASP A O   1 
ATOM   636  C CB  . ASP A 1 84  ? -15.222 0.432   -10.380 1.00 20.33 ? 220 ASP A CB  1 
ATOM   637  C CG  . ASP A 1 84  ? -15.750 -0.024  -11.756 1.00 25.55 ? 220 ASP A CG  1 
ATOM   638  O OD1 . ASP A 1 84  ? -14.925 -0.467  -12.593 1.00 23.79 ? 220 ASP A OD1 1 
ATOM   639  O OD2 . ASP A 1 84  ? -16.983 -0.054  -12.050 1.00 29.12 ? 220 ASP A OD2 1 
ATOM   640  N N   . ASP A 1 85  ? -13.080 2.304   -9.171  1.00 19.78 ? 221 ASP A N   1 
ATOM   641  C CA  . ASP A 1 85  ? -13.041 3.206   -7.993  1.00 19.58 ? 221 ASP A CA  1 
ATOM   642  C C   . ASP A 1 85  ? -14.387 3.188   -7.285  1.00 20.58 ? 221 ASP A C   1 
ATOM   643  O O   . ASP A 1 85  ? -15.439 3.588   -7.872  1.00 20.01 ? 221 ASP A O   1 
ATOM   644  C CB  . ASP A 1 85  ? -12.747 4.606   -8.447  1.00 20.29 ? 221 ASP A CB  1 
ATOM   645  C CG  . ASP A 1 85  ? -11.502 4.694   -9.249  1.00 19.86 ? 221 ASP A CG  1 
ATOM   646  O OD1 . ASP A 1 85  ? -10.500 4.120   -8.804  1.00 18.42 ? 221 ASP A OD1 1 
ATOM   647  O OD2 . ASP A 1 85  ? -11.399 5.359   -10.302 1.00 16.34 ? 221 ASP A OD2 1 
ATOM   648  N N   . GLU A 1 86  ? -14.383 2.711   -6.051  1.00 18.56 ? 222 GLU A N   1 
ATOM   649  C CA  . GLU A 1 86  ? -15.587 2.590   -5.223  1.00 19.99 ? 222 GLU A CA  1 
ATOM   650  C C   . GLU A 1 86  ? -16.189 3.941   -4.895  1.00 20.10 ? 222 GLU A C   1 
ATOM   651  O O   . GLU A 1 86  ? -17.410 4.221   -5.181  1.00 20.72 ? 222 GLU A O   1 
ATOM   652  C CB  . GLU A 1 86  ? -15.212 1.887   -3.925  1.00 19.64 ? 222 GLU A CB  1 
ATOM   653  C CG  . GLU A 1 86  ? -15.496 0.438   -3.994  1.00 22.27 ? 222 GLU A CG  1 
ATOM   654  C CD  . GLU A 1 86  ? -15.398 -0.222  -2.648  1.00 15.71 ? 222 GLU A CD  1 
ATOM   655  O OE1 . GLU A 1 86  ? -14.307 -0.236  -2.166  1.00 14.88 ? 222 GLU A OE1 1 
ATOM   656  O OE2 . GLU A 1 86  ? -16.347 -0.836  -2.134  1.00 16.29 ? 222 GLU A OE2 1 
ATOM   657  N N   . ASN A 1 87  ? -15.328 4.824   -4.372  1.00 18.23 ? 223 ASN A N   1 
ATOM   658  C CA  . ASN A 1 87  ? -15.724 6.240   -4.103  1.00 16.86 ? 223 ASN A CA  1 
ATOM   659  C C   . ASN A 1 87  ? -14.469 6.994   -3.672  1.00 16.37 ? 223 ASN A C   1 
ATOM   660  O O   . ASN A 1 87  ? -13.419 6.365   -3.480  1.00 16.33 ? 223 ASN A O   1 
ATOM   661  C CB  . ASN A 1 87  ? -16.820 6.329   -3.047  1.00 16.39 ? 223 ASN A CB  1 
ATOM   662  C CG  . ASN A 1 87  ? -16.391 5.754   -1.692  1.00 15.15 ? 223 ASN A CG  1 
ATOM   663  O OD1 . ASN A 1 87  ? -15.462 6.305   -1.051  1.00 15.03 ? 223 ASN A OD1 1 
ATOM   664  N ND2 . ASN A 1 87  ? -17.054 4.684   -1.234  1.00 15.28 ? 223 ASN A ND2 1 
ATOM   665  N N   . PHE A 1 88  ? -14.573 8.318   -3.572  1.00 15.79 ? 224 PHE A N   1 
ATOM   666  C CA  . PHE A 1 88  ? -13.447 9.129   -3.102  1.00 14.64 ? 224 PHE A CA  1 
ATOM   667  C C   . PHE A 1 88  ? -13.789 9.843   -1.837  1.00 13.92 ? 224 PHE A C   1 
ATOM   668  O O   . PHE A 1 88  ? -13.321 10.971  -1.591  1.00 15.22 ? 224 PHE A O   1 
ATOM   669  C CB  . PHE A 1 88  ? -13.067 10.146  -4.187  1.00 15.31 ? 224 PHE A CB  1 
ATOM   670  C CG  . PHE A 1 88  ? -12.603 9.446   -5.466  1.00 15.69 ? 224 PHE A CG  1 
ATOM   671  C CD1 . PHE A 1 88  ? -11.345 8.821   -5.491  1.00 12.44 ? 224 PHE A CD1 1 
ATOM   672  C CD2 . PHE A 1 88  ? -13.456 9.339   -6.588  1.00 17.87 ? 224 PHE A CD2 1 
ATOM   673  C CE1 . PHE A 1 88  ? -10.888 8.135   -6.606  1.00 12.85 ? 224 PHE A CE1 1 
ATOM   674  C CE2 . PHE A 1 88  ? -13.015 8.694   -7.759  1.00 25.98 ? 224 PHE A CE2 1 
ATOM   675  C CZ  . PHE A 1 88  ? -11.718 8.070   -7.789  1.00 19.80 ? 224 PHE A CZ  1 
ATOM   676  N N   . ILE A 1 89  ? -14.544 9.214   -0.980  1.00 13.35 ? 225 ILE A N   1 
ATOM   677  C CA  . ILE A 1 89  ? -14.938 9.889   0.294   1.00 12.74 ? 225 ILE A CA  1 
ATOM   678  C C   . ILE A 1 89  ? -13.757 10.234  1.183   1.00 13.88 ? 225 ILE A C   1 
ATOM   679  O O   . ILE A 1 89  ? -13.605 11.352  1.683   1.00 13.99 ? 225 ILE A O   1 
ATOM   680  C CB  . ILE A 1 89  ? -15.931 8.966   1.009   1.00 12.17 ? 225 ILE A CB  1 
ATOM   681  C CG1 . ILE A 1 89  ? -17.264 9.002   0.212   1.00 16.23 ? 225 ILE A CG1 1 
ATOM   682  C CG2 . ILE A 1 89  ? -16.204 9.446   2.410   1.00 17.64 ? 225 ILE A CG2 1 
ATOM   683  C CD1 . ILE A 1 89  ? -18.310 7.975   0.706   1.00 19.96 ? 225 ILE A CD1 1 
ATOM   684  N N   . LEU A 1 90  ? -12.892 9.240   1.381   1.00 12.58 ? 226 LEU A N   1 
ATOM   685  C CA  . LEU A 1 90  ? -11.686 9.468   2.162   1.00 14.45 ? 226 LEU A CA  1 
ATOM   686  C C   . LEU A 1 90  ? -10.674 10.300  1.319   1.00 13.66 ? 226 LEU A C   1 
ATOM   687  O O   . LEU A 1 90  ? -10.416 9.987   0.170   1.00 13.95 ? 226 LEU A O   1 
ATOM   688  C CB  . LEU A 1 90  ? -11.060 8.117   2.561   1.00 12.68 ? 226 LEU A CB  1 
ATOM   689  C CG  . LEU A 1 90  ? -12.010 7.384   3.531   1.00 12.32 ? 226 LEU A CG  1 
ATOM   690  C CD1 . LEU A 1 90  ? -11.541 5.914   3.632   1.00 10.73 ? 226 LEU A CD1 1 
ATOM   691  C CD2 . LEU A 1 90  ? -11.753 8.045   4.963   1.00 20.51 ? 226 LEU A CD2 1 
ATOM   692  N N   . LYS A 1 91  ? -10.077 11.307  1.958   1.00 14.43 ? 227 LYS A N   1 
ATOM   693  C CA  . LYS A 1 91  ? -9.199  12.271  1.283   1.00 13.75 ? 227 LYS A CA  1 
ATOM   694  C C   . LYS A 1 91  ? -7.730  12.047  1.765   1.00 13.31 ? 227 LYS A C   1 
ATOM   695  O O   . LYS A 1 91  ? -7.499  11.400  2.797   1.00 11.44 ? 227 LYS A O   1 
ATOM   696  C CB  . LYS A 1 91  ? -9.606  13.742  1.544   1.00 13.45 ? 227 LYS A CB  1 
ATOM   697  C CG  . LYS A 1 91  ? -11.041 14.187  0.967   1.00 19.73 ? 227 LYS A CG  1 
ATOM   698  C CD  . LYS A 1 91  ? -11.476 13.517  -0.341  1.00 24.04 ? 227 LYS A CD  1 
ATOM   699  C CE  . LYS A 1 91  ? -12.968 14.054  -0.740  1.00 27.68 ? 227 LYS A CE  1 
ATOM   700  N NZ  . LYS A 1 91  ? -13.568 13.429  -1.980  1.00 24.97 ? 227 LYS A NZ  1 
ATOM   701  N N   . HIS A 1 92  ? -6.773  12.619  1.036   1.00 12.14 ? 228 HIS A N   1 
ATOM   702  C CA  . HIS A 1 92  ? -5.340  12.374  1.268   1.00 13.10 ? 228 HIS A CA  1 
ATOM   703  C C   . HIS A 1 92  ? -4.913  13.508  2.211   1.00 15.05 ? 228 HIS A C   1 
ATOM   704  O O   . HIS A 1 92  ? -4.309  14.502  1.776   1.00 18.72 ? 228 HIS A O   1 
ATOM   705  C CB  . HIS A 1 92  ? -4.549  12.480  -0.079  1.00 11.09 ? 228 HIS A CB  1 
ATOM   706  C CG  . HIS A 1 92  ? -4.833  11.368  -1.036  1.00 12.37 ? 228 HIS A CG  1 
ATOM   707  N ND1 . HIS A 1 92  ? -5.935  11.373  -1.872  1.00 11.40 ? 228 HIS A ND1 1 
ATOM   708  C CD2 . HIS A 1 92  ? -4.136  10.225  -1.328  1.00 13.11 ? 228 HIS A CD2 1 
ATOM   709  C CE1 . HIS A 1 92  ? -5.922  10.285  -2.617  1.00 11.94 ? 228 HIS A CE1 1 
ATOM   710  N NE2 . HIS A 1 92  ? -4.849  9.564   -2.317  1.00 12.74 ? 228 HIS A NE2 1 
ATOM   711  N N   . THR A 1 93  ? -5.252  13.365  3.497   1.00 14.44 ? 229 THR A N   1 
ATOM   712  C CA  . THR A 1 93  ? -5.196  14.521  4.393   1.00 14.15 ? 229 THR A CA  1 
ATOM   713  C C   . THR A 1 93  ? -3.912  14.575  5.163   1.00 14.49 ? 229 THR A C   1 
ATOM   714  O O   . THR A 1 93  ? -3.686  15.548  5.900   1.00 14.19 ? 229 THR A O   1 
ATOM   715  C CB  . THR A 1 93  ? -6.318  14.399  5.418   1.00 15.97 ? 229 THR A CB  1 
ATOM   716  O OG1 . THR A 1 93  ? -6.341  13.051  5.920   1.00 14.57 ? 229 THR A OG1 1 
ATOM   717  C CG2 . THR A 1 93  ? -7.767  14.690  4.763   1.00 17.57 ? 229 THR A CG2 1 
ATOM   718  N N   . GLY A 1 94  ? -3.048  13.546  5.078   1.00 13.18 ? 230 GLY A N   1 
ATOM   719  C CA  . GLY A 1 94  ? -1.814  13.609  5.903   1.00 13.33 ? 230 GLY A CA  1 
ATOM   720  C C   . GLY A 1 94  ? -1.032  12.297  5.677   1.00 13.40 ? 230 GLY A C   1 
ATOM   721  O O   . GLY A 1 94  ? -1.417  11.499  4.813   1.00 13.05 ? 230 GLY A O   1 
ATOM   722  N N   . PRO A 1 95  ? 0.037   12.080  6.413   1.00 13.78 ? 231 PRO A N   1 
ATOM   723  C CA  . PRO A 1 95  ? 0.887   10.894  6.231   1.00 13.89 ? 231 PRO A CA  1 
ATOM   724  C C   . PRO A 1 95  ? 0.209   9.684   6.798   1.00 14.32 ? 231 PRO A C   1 
ATOM   725  O O   . PRO A 1 95  ? -0.713  9.850   7.645   1.00 13.67 ? 231 PRO A O   1 
ATOM   726  C CB  . PRO A 1 95  ? 2.130   11.231  7.094   1.00 12.83 ? 231 PRO A CB  1 
ATOM   727  C CG  . PRO A 1 95  ? 1.521   12.187  8.251   1.00 13.09 ? 231 PRO A CG  1 
ATOM   728  C CD  . PRO A 1 95  ? 0.595   13.045  7.389   1.00 14.78 ? 231 PRO A CD  1 
ATOM   729  N N   . GLY A 1 96  ? 0.669   8.484   6.451   1.00 13.84 ? 232 GLY A N   1 
ATOM   730  C CA  . GLY A 1 96  ? 0.125   7.348   7.178   1.00 14.75 ? 232 GLY A CA  1 
ATOM   731  C C   . GLY A 1 96  ? -1.197  6.834   6.595   1.00 15.21 ? 232 GLY A C   1 
ATOM   732  O O   . GLY A 1 96  ? -1.819  6.000   7.250   1.00 14.86 ? 232 GLY A O   1 
ATOM   733  N N   . LEU A 1 97  ? -1.582  7.259   5.362   1.00 12.76 ? 233 LEU A N   1 
ATOM   734  C CA  . LEU A 1 97  ? -2.812  6.781   4.738   1.00 11.01 ? 233 LEU A CA  1 
ATOM   735  C C   . LEU A 1 97  ? -2.562  5.768   3.635   1.00 11.28 ? 233 LEU A C   1 
ATOM   736  O O   . LEU A 1 97  ? -1.565  5.897   2.908   1.00 12.33 ? 233 LEU A O   1 
ATOM   737  C CB  . LEU A 1 97  ? -3.665  7.924   4.166   1.00 10.35 ? 233 LEU A CB  1 
ATOM   738  C CG  . LEU A 1 97  ? -3.884  9.054   5.205   1.00 12.27 ? 233 LEU A CG  1 
ATOM   739  C CD1 . LEU A 1 97  ? -4.560  10.261  4.489   1.00 12.95 ? 233 LEU A CD1 1 
ATOM   740  C CD2 . LEU A 1 97  ? -4.692  8.455   6.366   1.00 15.34 ? 233 LEU A CD2 1 
ATOM   741  N N   . LEU A 1 98  ? -3.450  4.792   3.525   1.00 10.59 ? 234 LEU A N   1 
ATOM   742  C CA  . LEU A 1 98  ? -3.403  3.851   2.431   1.00 11.49 ? 234 LEU A CA  1 
ATOM   743  C C   . LEU A 1 98  ? -4.302  4.332   1.284   1.00 11.18 ? 234 LEU A C   1 
ATOM   744  O O   . LEU A 1 98  ? -5.499  4.615   1.484   1.00 11.55 ? 234 LEU A O   1 
ATOM   745  C CB  . LEU A 1 98  ? -3.915  2.448   2.864   1.00 9.90  ? 234 LEU A CB  1 
ATOM   746  C CG  . LEU A 1 98  ? -2.987  1.547   3.625   1.00 11.50 ? 234 LEU A CG  1 
ATOM   747  C CD1 . LEU A 1 98  ? -3.831  0.438   4.299   1.00 11.26 ? 234 LEU A CD1 1 
ATOM   748  C CD2 . LEU A 1 98  ? -1.877  0.968   2.730   1.00 9.91  ? 234 LEU A CD2 1 
ATOM   749  N N   . SER A 1 99  ? -3.748  4.298   0.076   1.00 10.59 ? 235 SER A N   1 
ATOM   750  C CA  . SER A 1 99  ? -4.484  4.701   -1.111  1.00 10.63 ? 235 SER A CA  1 
ATOM   751  C C   . SER A 1 99  ? -4.118  3.780   -2.272  1.00 11.01 ? 235 SER A C   1 
ATOM   752  O O   . SER A 1 99  ? -3.004  3.258   -2.314  1.00 11.38 ? 235 SER A O   1 
ATOM   753  C CB  . SER A 1 99  ? -4.062  6.162   -1.463  1.00 12.09 ? 235 SER A CB  1 
ATOM   754  O OG  . SER A 1 99  ? -4.955  6.707   -2.434  1.00 11.59 ? 235 SER A OG  1 
ATOM   755  N N   . MET A 1 100 ? -5.031  3.560   -3.211  1.00 12.09 ? 236 MET A N   1 
ATOM   756  C CA  . MET A 1 100 ? -4.781  2.670   -4.344  1.00 12.40 ? 236 MET A CA  1 
ATOM   757  C C   . MET A 1 100 ? -3.978  3.366   -5.440  1.00 12.10 ? 236 MET A C   1 
ATOM   758  O O   . MET A 1 100 ? -4.354  4.402   -5.906  1.00 11.87 ? 236 MET A O   1 
ATOM   759  C CB  . MET A 1 100 ? -6.084  2.171   -4.952  1.00 13.58 ? 236 MET A CB  1 
ATOM   760  C CG  . MET A 1 100 ? -6.855  1.222   -4.093  1.00 14.08 ? 236 MET A CG  1 
ATOM   761  S SD  . MET A 1 100 ? -5.857  -0.144  -3.466  1.00 14.93 ? 236 MET A SD  1 
ATOM   762  C CE  . MET A 1 100 ? -5.604  -1.059  -4.931  1.00 13.56 ? 236 MET A CE  1 
ATOM   763  N N   . ALA A 1 101 ? -2.883  2.754   -5.865  1.00 13.65 ? 237 ALA A N   1 
ATOM   764  C CA  . ALA A 1 101 ? -2.294  3.153   -7.152  1.00 14.09 ? 237 ALA A CA  1 
ATOM   765  C C   . ALA A 1 101 ? -3.220  2.758   -8.285  1.00 14.71 ? 237 ALA A C   1 
ATOM   766  O O   . ALA A 1 101 ? -4.047  1.813   -8.171  1.00 13.29 ? 237 ALA A O   1 
ATOM   767  C CB  . ALA A 1 101 ? -0.818  2.510   -7.365  1.00 15.24 ? 237 ALA A CB  1 
ATOM   768  N N   . ASN A 1 102 ? -3.112  3.509   -9.379  1.00 13.80 ? 238 ASN A N   1 
ATOM   769  C CA  . ASN A 1 102 ? -3.860  3.077   -10.568 1.00 16.99 ? 238 ASN A CA  1 
ATOM   770  C C   . ASN A 1 102 ? -3.259  3.643   -11.874 1.00 19.32 ? 238 ASN A C   1 
ATOM   771  O O   . ASN A 1 102 ? -2.256  4.449   -11.871 1.00 20.36 ? 238 ASN A O   1 
ATOM   772  C CB  . ASN A 1 102 ? -5.362  3.466   -10.471 1.00 15.00 ? 238 ASN A CB  1 
ATOM   773  C CG  . ASN A 1 102 ? -5.573  4.974   -10.399 1.00 17.55 ? 238 ASN A CG  1 
ATOM   774  O OD1 . ASN A 1 102 ? -5.154  5.675   -11.286 1.00 17.38 ? 238 ASN A OD1 1 
ATOM   775  N ND2 . ASN A 1 102 ? -6.208  5.470   -9.327  1.00 15.06 ? 238 ASN A ND2 1 
ATOM   776  N N   . SER A 1 103 ? -3.939  3.325   -12.972 1.00 21.86 ? 239 SER A N   1 
ATOM   777  C CA  . SER A 1 103 ? -3.487  3.863   -14.241 1.00 24.67 ? 239 SER A CA  1 
ATOM   778  C C   . SER A 1 103 ? -4.651  4.577   -14.910 1.00 26.05 ? 239 SER A C   1 
ATOM   779  O O   . SER A 1 103 ? -4.834  4.476   -16.149 1.00 28.01 ? 239 SER A O   1 
ATOM   780  C CB  . SER A 1 103 ? -2.902  2.730   -15.107 1.00 25.34 ? 239 SER A CB  1 
ATOM   781  O OG  . SER A 1 103 ? -3.820  1.623   -15.206 1.00 28.82 ? 239 SER A OG  1 
ATOM   782  N N   . GLY A 1 104 ? -5.443  5.290   -14.106 1.00 24.74 ? 240 GLY A N   1 
ATOM   783  C CA  . GLY A 1 104 ? -6.645  5.946   -14.606 1.00 24.58 ? 240 GLY A CA  1 
ATOM   784  C C   . GLY A 1 104 ? -7.900  5.457   -13.909 1.00 24.17 ? 240 GLY A C   1 
ATOM   785  O O   . GLY A 1 104 ? -7.869  4.530   -13.072 1.00 21.85 ? 240 GLY A O   1 
ATOM   786  N N   . PRO A 1 105 ? -9.035  6.092   -14.236 1.00 24.46 ? 241 PRO A N   1 
ATOM   787  C CA  . PRO A 1 105 ? -10.316 5.716   -13.610 1.00 23.50 ? 241 PRO A CA  1 
ATOM   788  C C   . PRO A 1 105 ? -10.528 4.202   -13.679 1.00 21.36 ? 241 PRO A C   1 
ATOM   789  O O   . PRO A 1 105 ? -10.323 3.580   -14.707 1.00 21.42 ? 241 PRO A O   1 
ATOM   790  C CB  . PRO A 1 105 ? -11.368 6.457   -14.468 1.00 23.69 ? 241 PRO A CB  1 
ATOM   791  C CG  . PRO A 1 105 ? -10.619 7.730   -14.916 1.00 26.41 ? 241 PRO A CG  1 
ATOM   792  C CD  . PRO A 1 105 ? -9.176  7.238   -15.172 1.00 25.48 ? 241 PRO A CD  1 
ATOM   793  N N   . ASN A 1 106 ? -10.978 3.620   -12.586 1.00 19.83 ? 242 ASN A N   1 
ATOM   794  C CA  . ASN A 1 106 ? -11.425 2.232   -12.561 1.00 20.12 ? 242 ASN A CA  1 
ATOM   795  C C   . ASN A 1 106 ? -10.361 1.211   -12.954 1.00 20.07 ? 242 ASN A C   1 
ATOM   796  O O   . ASN A 1 106 ? -10.663 0.224   -13.641 1.00 20.12 ? 242 ASN A O   1 
ATOM   797  C CB  . ASN A 1 106 ? -12.781 2.042   -13.353 1.00 21.79 ? 242 ASN A CB  1 
ATOM   798  C CG  . ASN A 1 106 ? -13.840 3.059   -12.932 1.00 25.38 ? 242 ASN A CG  1 
ATOM   799  O OD1 . ASN A 1 106 ? -14.391 3.767   -13.765 1.00 29.59 ? 242 ASN A OD1 1 
ATOM   800  N ND2 . ASN A 1 106 ? -14.085 3.177   -11.654 1.00 16.69 ? 242 ASN A ND2 1 
ATOM   801  N N   . THR A 1 107 ? -9.113  1.414   -12.499 1.00 18.35 ? 243 THR A N   1 
ATOM   802  C CA  . THR A 1 107 ? -8.026  0.474   -12.790 1.00 17.44 ? 243 THR A CA  1 
ATOM   803  C C   . THR A 1 107 ? -7.295  -0.002  -11.529 1.00 16.94 ? 243 THR A C   1 
ATOM   804  O O   . THR A 1 107 ? -6.065  -0.228  -11.543 1.00 16.92 ? 243 THR A O   1 
ATOM   805  C CB  . THR A 1 107 ? -6.993  1.045   -13.779 1.00 15.78 ? 243 THR A CB  1 
ATOM   806  O OG1 . THR A 1 107 ? -6.535  2.315   -13.334 1.00 16.67 ? 243 THR A OG1 1 
ATOM   807  C CG2 . THR A 1 107 ? -7.683  1.404   -15.152 1.00 22.27 ? 243 THR A CG2 1 
ATOM   808  N N   . ASN A 1 108 ? -8.050  -0.198  -10.467 1.00 16.34 ? 244 ASN A N   1 
ATOM   809  C CA  . ASN A 1 108 ? -7.453  -0.722  -9.250  1.00 17.73 ? 244 ASN A CA  1 
ATOM   810  C C   . ASN A 1 108 ? -7.052  -2.210  -9.399  1.00 17.48 ? 244 ASN A C   1 
ATOM   811  O O   . ASN A 1 108 ? -7.844  -3.082  -9.895  1.00 17.50 ? 244 ASN A O   1 
ATOM   812  C CB  . ASN A 1 108 ? -8.441  -0.582  -8.100  1.00 16.58 ? 244 ASN A CB  1 
ATOM   813  C CG  . ASN A 1 108 ? -8.773  0.827   -7.847  1.00 21.61 ? 244 ASN A CG  1 
ATOM   814  O OD1 . ASN A 1 108 ? -7.922  1.600   -7.295  1.00 15.98 ? 244 ASN A OD1 1 
ATOM   815  N ND2 . ASN A 1 108 ? -9.986  1.237   -8.292  1.00 13.47 ? 244 ASN A ND2 1 
ATOM   816  N N   . GLY A 1 109 ? -5.845  -2.512  -8.923  1.00 15.77 ? 245 GLY A N   1 
ATOM   817  C CA  . GLY A 1 109 ? -5.435  -3.910  -8.941  1.00 15.91 ? 245 GLY A CA  1 
ATOM   818  C C   . GLY A 1 109 ? -4.942  -4.315  -7.524  1.00 14.71 ? 245 GLY A C   1 
ATOM   819  O O   . GLY A 1 109 ? -5.746  -4.499  -6.644  1.00 14.27 ? 245 GLY A O   1 
ATOM   820  N N   . SER A 1 110 ? -3.623  -4.440  -7.304  1.00 12.87 ? 246 SER A N   1 
ATOM   821  C CA  . SER A 1 110 ? -3.141  -4.807  -5.955  1.00 13.20 ? 246 SER A CA  1 
ATOM   822  C C   . SER A 1 110 ? -2.185  -3.645  -5.547  1.00 13.33 ? 246 SER A C   1 
ATOM   823  O O   . SER A 1 110 ? -1.827  -3.553  -4.403  1.00 12.80 ? 246 SER A O   1 
ATOM   824  C CB  . SER A 1 110 ? -2.327  -6.146  -5.997  1.00 12.63 ? 246 SER A CB  1 
ATOM   825  O OG  . SER A 1 110 ? -1.231  -6.051  -6.978  1.00 11.69 ? 246 SER A OG  1 
ATOM   826  N N   . GLN A 1 111 ? -1.757  -2.774  -6.491  1.00 11.72 ? 247 GLN A N   1 
ATOM   827  C CA  . GLN A 1 111 ? -0.771  -1.745  -6.071  1.00 11.55 ? 247 GLN A CA  1 
ATOM   828  C C   . GLN A 1 111 ? -1.375  -0.672  -5.215  1.00 11.86 ? 247 GLN A C   1 
ATOM   829  O O   . GLN A 1 111 ? -2.517  -0.257  -5.464  1.00 13.72 ? 247 GLN A O   1 
ATOM   830  C CB  . GLN A 1 111 ? -0.045  -1.101  -7.266  1.00 12.14 ? 247 GLN A CB  1 
ATOM   831  C CG  . GLN A 1 111 ? 0.860   -2.168  -8.002  1.00 12.92 ? 247 GLN A CG  1 
ATOM   832  C CD  . GLN A 1 111 ? 1.560   -1.457  -9.113  1.00 16.43 ? 247 GLN A CD  1 
ATOM   833  O OE1 . GLN A 1 111 ? 2.287   -0.468  -8.876  1.00 14.97 ? 247 GLN A OE1 1 
ATOM   834  N NE2 . GLN A 1 111 ? 1.269   -1.886  -10.349 1.00 15.74 ? 247 GLN A NE2 1 
ATOM   835  N N   . PHE A 1 112 ? -0.599  -0.183  -4.243  1.00 10.32 ? 248 PHE A N   1 
ATOM   836  C CA  . PHE A 1 112 ? -1.111  0.771   -3.279  1.00 10.89 ? 248 PHE A CA  1 
ATOM   837  C C   . PHE A 1 112 ? 0.073   1.646   -2.827  1.00 11.80 ? 248 PHE A C   1 
ATOM   838  O O   . PHE A 1 112 ? 1.261   1.305   -3.075  1.00 11.89 ? 248 PHE A O   1 
ATOM   839  C CB  . PHE A 1 112 ? -1.697  0.041   -2.039  1.00 10.50 ? 248 PHE A CB  1 
ATOM   840  C CG  . PHE A 1 112 ? -0.627  -0.678  -1.201  1.00 10.99 ? 248 PHE A CG  1 
ATOM   841  C CD1 . PHE A 1 112 ? 0.080   -0.007  -0.186  1.00 12.87 ? 248 PHE A CD1 1 
ATOM   842  C CD2 . PHE A 1 112 ? -0.227  -1.996  -1.560  1.00 11.12 ? 248 PHE A CD2 1 
ATOM   843  C CE1 . PHE A 1 112 ? 1.087   -0.625  0.515   1.00 9.91  ? 248 PHE A CE1 1 
ATOM   844  C CE2 . PHE A 1 112 ? 0.813   -2.632  -0.887  1.00 9.46  ? 248 PHE A CE2 1 
ATOM   845  C CZ  . PHE A 1 112 ? 1.442   -1.962  0.189   1.00 10.29 ? 248 PHE A CZ  1 
ATOM   846  N N   . PHE A 1 113 ? -0.213  2.764   -2.149  1.00 9.54  ? 249 PHE A N   1 
ATOM   847  C CA  . PHE A 1 113 ? 0.876   3.517   -1.549  1.00 10.28 ? 249 PHE A CA  1 
ATOM   848  C C   . PHE A 1 113 ? 0.494   3.929   -0.146  1.00 10.17 ? 249 PHE A C   1 
ATOM   849  O O   . PHE A 1 113 ? -0.701  4.001   0.191   1.00 10.06 ? 249 PHE A O   1 
ATOM   850  C CB  . PHE A 1 113 ? 1.297   4.738   -2.426  1.00 10.38 ? 249 PHE A CB  1 
ATOM   851  C CG  . PHE A 1 113 ? 0.149   5.705   -2.788  1.00 11.76 ? 249 PHE A CG  1 
ATOM   852  C CD1 . PHE A 1 113 ? 0.004   6.948   -2.080  1.00 13.77 ? 249 PHE A CD1 1 
ATOM   853  C CD2 . PHE A 1 113 ? -0.678  5.438   -3.875  1.00 11.49 ? 249 PHE A CD2 1 
ATOM   854  C CE1 . PHE A 1 113 ? -1.058  7.896   -2.449  1.00 13.16 ? 249 PHE A CE1 1 
ATOM   855  C CE2 . PHE A 1 113 ? -1.715  6.322   -4.242  1.00 14.73 ? 249 PHE A CE2 1 
ATOM   856  C CZ  . PHE A 1 113 ? -1.900  7.569   -3.526  1.00 10.52 ? 249 PHE A CZ  1 
ATOM   857  N N   . LEU A 1 114 ? 1.530   4.189   0.658   1.00 11.91 ? 250 LEU A N   1 
ATOM   858  C CA  . LEU A 1 114 ? 1.368   4.767   2.010   1.00 10.45 ? 250 LEU A CA  1 
ATOM   859  C C   . LEU A 1 114 ? 1.836   6.226   1.895   1.00 11.20 ? 250 LEU A C   1 
ATOM   860  O O   . LEU A 1 114 ? 2.945   6.460   1.453   1.00 10.78 ? 250 LEU A O   1 
ATOM   861  C CB  . LEU A 1 114 ? 2.218   4.055   3.040   1.00 9.47  ? 250 LEU A CB  1 
ATOM   862  C CG  . LEU A 1 114 ? 1.554   2.694   3.386   1.00 13.30 ? 250 LEU A CG  1 
ATOM   863  C CD1 . LEU A 1 114 ? 2.601   1.716   4.047   1.00 12.88 ? 250 LEU A CD1 1 
ATOM   864  C CD2 . LEU A 1 114 ? 0.376   2.902   4.379   1.00 13.28 ? 250 LEU A CD2 1 
ATOM   865  N N   . THR A 1 115 ? 0.964   7.185   2.211   1.00 10.53 ? 251 THR A N   1 
ATOM   866  C CA  . THR A 1 115 ? 1.361   8.550   2.073   1.00 12.06 ? 251 THR A CA  1 
ATOM   867  C C   . THR A 1 115 ? 2.383   8.938   3.137   1.00 12.03 ? 251 THR A C   1 
ATOM   868  O O   . THR A 1 115 ? 2.350   8.442   4.307   1.00 12.36 ? 251 THR A O   1 
ATOM   869  C CB  . THR A 1 115 ? 0.161   9.491   2.231   1.00 13.21 ? 251 THR A CB  1 
ATOM   870  O OG1 . THR A 1 115 ? -0.458  9.254   3.532   1.00 11.46 ? 251 THR A OG1 1 
ATOM   871  C CG2 . THR A 1 115 ? -0.944  9.144   1.212   1.00 12.76 ? 251 THR A CG2 1 
ATOM   872  N N   . CYS A 1 116 ? 3.264   9.870   2.756   1.00 11.93 ? 252 CYS A N   1 
ATOM   873  C CA  . CYS A 1 116 ? 4.275   10.443  3.686   1.00 11.52 ? 252 CYS A CA  1 
ATOM   874  C C   . CYS A 1 116 ? 4.053   11.928  4.037   1.00 11.73 ? 252 CYS A C   1 
ATOM   875  O O   . CYS A 1 116 ? 4.895   12.590  4.695   1.00 12.20 ? 252 CYS A O   1 
ATOM   876  C CB  . CYS A 1 116 ? 5.660   10.237  3.077   1.00 12.89 ? 252 CYS A CB  1 
ATOM   877  S SG  . CYS A 1 116 ? 6.067   8.433   3.135   1.00 17.18 ? 252 CYS A SG  1 
ATOM   878  N N   . ASP A 1 117 ? 2.966   12.488  3.510   1.00 14.21 ? 253 ASP A N   1 
ATOM   879  C CA  . ASP A 1 117 ? 2.581   13.891  3.848   1.00 14.70 ? 253 ASP A CA  1 
ATOM   880  C C   . ASP A 1 117 ? 1.133   14.002  3.412   1.00 15.88 ? 253 ASP A C   1 
ATOM   881  O O   . ASP A 1 117 ? 0.562   13.055  2.821   1.00 14.73 ? 253 ASP A O   1 
ATOM   882  C CB  . ASP A 1 117 ? 3.405   14.835  2.979   1.00 16.35 ? 253 ASP A CB  1 
ATOM   883  C CG  . ASP A 1 117 ? 3.582   16.227  3.610   1.00 22.89 ? 253 ASP A CG  1 
ATOM   884  O OD1 . ASP A 1 117 ? 2.784   16.643  4.453   1.00 27.94 ? 253 ASP A OD1 1 
ATOM   885  O OD2 . ASP A 1 117 ? 4.542   16.931  3.336   1.00 29.27 ? 253 ASP A OD2 1 
ATOM   886  N N   . LYS A 1 118 ? 0.547   15.170  3.615   1.00 16.02 ? 254 LYS A N   1 
ATOM   887  C CA  . LYS A 1 118 ? -0.718  15.469  3.026   1.00 17.26 ? 254 LYS A CA  1 
ATOM   888  C C   . LYS A 1 118 ? -0.498  15.548  1.486   1.00 18.31 ? 254 LYS A C   1 
ATOM   889  O O   . LYS A 1 118 ? 0.423   16.261  1.020   1.00 19.84 ? 254 LYS A O   1 
ATOM   890  C CB  . LYS A 1 118 ? -1.233  16.821  3.613   1.00 18.67 ? 254 LYS A CB  1 
ATOM   891  C CG  . LYS A 1 118 ? -2.450  17.337  2.869   1.00 22.07 ? 254 LYS A CG  1 
ATOM   892  C CD  . LYS A 1 118 ? -2.902  18.674  3.548   1.00 25.53 ? 254 LYS A CD  1 
ATOM   893  C CE  . LYS A 1 118 ? -4.165  19.281  2.905   1.00 25.65 ? 254 LYS A CE  1 
ATOM   894  N NZ  . LYS A 1 118 ? -4.786  20.194  3.966   1.00 27.65 ? 254 LYS A NZ  1 
ATOM   895  N N   . THR A 1 119 ? -1.294  14.801  0.700   1.00 15.94 ? 255 THR A N   1 
ATOM   896  C CA  . THR A 1 119 ? -1.141  14.731  -0.764  1.00 16.33 ? 255 THR A CA  1 
ATOM   897  C C   . THR A 1 119 ? -2.460  15.025  -1.458  1.00 15.90 ? 255 THR A C   1 
ATOM   898  O O   . THR A 1 119 ? -2.958  14.253  -2.258  1.00 12.42 ? 255 THR A O   1 
ATOM   899  C CB  . THR A 1 119 ? -0.552  13.393  -1.227  1.00 16.54 ? 255 THR A CB  1 
ATOM   900  O OG1 . THR A 1 119 ? -1.428  12.321  -0.919  1.00 16.37 ? 255 THR A OG1 1 
ATOM   901  C CG2 . THR A 1 119 ? 0.805   13.135  -0.505  1.00 17.11 ? 255 THR A CG2 1 
ATOM   902  N N   . ASP A 1 120 ? -3.003  16.206  -1.156  1.00 15.56 ? 256 ASP A N   1 
ATOM   903  C CA  . ASP A 1 120 ? -4.374  16.461  -1.541  1.00 17.85 ? 256 ASP A CA  1 
ATOM   904  C C   . ASP A 1 120 ? -4.605  16.648  -3.034  1.00 16.93 ? 256 ASP A C   1 
ATOM   905  O O   . ASP A 1 120 ? -5.734  16.524  -3.520  1.00 14.17 ? 256 ASP A O   1 
ATOM   906  C CB  . ASP A 1 120 ? -4.877  17.662  -0.783  1.00 19.02 ? 256 ASP A CB  1 
ATOM   907  C CG  . ASP A 1 120 ? -3.924  18.840  -0.866  1.00 27.68 ? 256 ASP A CG  1 
ATOM   908  O OD1 . ASP A 1 120 ? -2.688  18.722  -0.592  1.00 28.51 ? 256 ASP A OD1 1 
ATOM   909  O OD2 . ASP A 1 120 ? -4.363  19.971  -1.131  1.00 33.36 ? 256 ASP A OD2 1 
ATOM   910  N N   . TRP A 1 121 ? -3.516  16.873  -3.778  1.00 16.58 ? 257 TRP A N   1 
ATOM   911  C CA  . TRP A 1 121 ? -3.593  16.903  -5.247  1.00 16.51 ? 257 TRP A CA  1 
ATOM   912  C C   . TRP A 1 121 ? -3.957  15.512  -5.824  1.00 18.30 ? 257 TRP A C   1 
ATOM   913  O O   . TRP A 1 121 ? -4.294  15.401  -7.023  1.00 17.65 ? 257 TRP A O   1 
ATOM   914  C CB  . TRP A 1 121 ? -2.275  17.482  -5.862  1.00 16.92 ? 257 TRP A CB  1 
ATOM   915  C CG  . TRP A 1 121 ? -1.025  16.619  -5.511  1.00 14.98 ? 257 TRP A CG  1 
ATOM   916  C CD1 . TRP A 1 121 ? -0.527  15.612  -6.239  1.00 18.99 ? 257 TRP A CD1 1 
ATOM   917  C CD2 . TRP A 1 121 ? -0.211  16.707  -4.337  1.00 16.69 ? 257 TRP A CD2 1 
ATOM   918  N NE1 . TRP A 1 121 ? 0.591   15.082  -5.634  1.00 17.70 ? 257 TRP A NE1 1 
ATOM   919  C CE2 . TRP A 1 121 ? 0.812   15.747  -4.470  1.00 14.76 ? 257 TRP A CE2 1 
ATOM   920  C CE3 . TRP A 1 121 ? -0.195  17.557  -3.231  1.00 17.78 ? 257 TRP A CE3 1 
ATOM   921  C CZ2 . TRP A 1 121 ? 1.796   15.569  -3.535  1.00 22.35 ? 257 TRP A CZ2 1 
ATOM   922  C CZ3 . TRP A 1 121 ? 0.803   17.387  -2.275  1.00 22.38 ? 257 TRP A CZ3 1 
ATOM   923  C CH2 . TRP A 1 121 ? 1.792   16.393  -2.450  1.00 20.76 ? 257 TRP A CH2 1 
ATOM   924  N N   . LEU A 1 122 ? -3.938  14.429  -5.008  1.00 15.72 ? 258 LEU A N   1 
ATOM   925  C CA  . LEU A 1 122 ? -4.423  13.128  -5.501  1.00 15.20 ? 258 LEU A CA  1 
ATOM   926  C C   . LEU A 1 122 ? -5.908  12.871  -5.208  1.00 16.58 ? 258 LEU A C   1 
ATOM   927  O O   . LEU A 1 122 ? -6.489  11.845  -5.639  1.00 15.14 ? 258 LEU A O   1 
ATOM   928  C CB  . LEU A 1 122 ? -3.595  11.969  -4.807  1.00 17.84 ? 258 LEU A CB  1 
ATOM   929  C CG  . LEU A 1 122 ? -2.103  12.132  -5.005  1.00 14.86 ? 258 LEU A CG  1 
ATOM   930  C CD1 . LEU A 1 122 ? -1.222  11.022  -4.329  1.00 19.08 ? 258 LEU A CD1 1 
ATOM   931  C CD2 . LEU A 1 122 ? -1.796  12.161  -6.565  1.00 15.44 ? 258 LEU A CD2 1 
ATOM   932  N N   . ASP A 1 123 ? -6.547  13.767  -4.427  1.00 16.13 ? 259 ASP A N   1 
ATOM   933  C CA  . ASP A 1 123 ? -7.955  13.558  -4.068  1.00 14.67 ? 259 ASP A CA  1 
ATOM   934  C C   . ASP A 1 123 ? -8.796  13.484  -5.343  1.00 17.71 ? 259 ASP A C   1 
ATOM   935  O O   . ASP A 1 123 ? -8.542  14.244  -6.293  1.00 18.22 ? 259 ASP A O   1 
ATOM   936  C CB  . ASP A 1 123 ? -8.500  14.749  -3.219  1.00 15.55 ? 259 ASP A CB  1 
ATOM   937  C CG  . ASP A 1 123 ? -7.869  14.819  -1.849  1.00 17.23 ? 259 ASP A CG  1 
ATOM   938  O OD1 . ASP A 1 123 ? -7.211  13.785  -1.456  1.00 15.72 ? 259 ASP A OD1 1 
ATOM   939  O OD2 . ASP A 1 123 ? -8.034  15.810  -1.051  1.00 13.08 ? 259 ASP A OD2 1 
ATOM   940  N N   . GLY A 1 124 ? -9.725  12.536  -5.350  1.00 16.71 ? 260 GLY A N   1 
ATOM   941  C CA  . GLY A 1 124 ? -10.546 12.208  -6.471  1.00 19.27 ? 260 GLY A CA  1 
ATOM   942  C C   . GLY A 1 124 ? -9.848  11.475  -7.577  1.00 19.43 ? 260 GLY A C   1 
ATOM   943  O O   . GLY A 1 124 ? -10.502 11.157  -8.563  1.00 20.51 ? 260 GLY A O   1 
ATOM   944  N N   . LYS A 1 125 ? -8.534  11.219  -7.451  1.00 19.93 ? 261 LYS A N   1 
ATOM   945  C CA  . LYS A 1 125 ? -7.834  10.432  -8.486  1.00 18.67 ? 261 LYS A CA  1 
ATOM   946  C C   . LYS A 1 125 ? -7.518  9.003   -7.966  1.00 18.43 ? 261 LYS A C   1 
ATOM   947  O O   . LYS A 1 125 ? -7.495  8.029   -8.756  1.00 19.06 ? 261 LYS A O   1 
ATOM   948  C CB  . LYS A 1 125 ? -6.545  11.113  -8.935  1.00 19.97 ? 261 LYS A CB  1 
ATOM   949  C CG  . LYS A 1 125 ? -6.798  12.495  -9.688  1.00 25.87 ? 261 LYS A CG  1 
ATOM   950  C CD  . LYS A 1 125 ? -5.512  13.131  -10.186 1.00 31.10 ? 261 LYS A CD  1 
ATOM   951  C CE  . LYS A 1 125 ? -5.738  14.272  -11.276 1.00 35.29 ? 261 LYS A CE  1 
ATOM   952  N NZ  . LYS A 1 125 ? -4.407  15.070  -11.376 1.00 33.94 ? 261 LYS A NZ  1 
ATOM   953  N N   . HIS A 1 126 ? -7.275  8.901   -6.657  1.00 16.23 ? 262 HIS A N   1 
ATOM   954  C CA  . HIS A 1 126 ? -6.885  7.612   -6.081  1.00 14.04 ? 262 HIS A CA  1 
ATOM   955  C C   . HIS A 1 126 ? -7.807  7.340   -4.916  1.00 13.90 ? 262 HIS A C   1 
ATOM   956  O O   . HIS A 1 126 ? -8.105  8.248   -4.148  1.00 12.21 ? 262 HIS A O   1 
ATOM   957  C CB  . HIS A 1 126 ? -5.449  7.776   -5.554  1.00 13.84 ? 262 HIS A CB  1 
ATOM   958  C CG  . HIS A 1 126 ? -4.437  7.790   -6.660  1.00 14.22 ? 262 HIS A CG  1 
ATOM   959  N ND1 . HIS A 1 126 ? -4.020  8.941   -7.322  1.00 23.84 ? 262 HIS A ND1 1 
ATOM   960  C CD2 . HIS A 1 126 ? -3.845  6.759   -7.298  1.00 11.13 ? 262 HIS A CD2 1 
ATOM   961  C CE1 . HIS A 1 126 ? -3.174  8.612   -8.301  1.00 18.36 ? 262 HIS A CE1 1 
ATOM   962  N NE2 . HIS A 1 126 ? -3.066  7.285   -8.313  1.00 23.21 ? 262 HIS A NE2 1 
ATOM   963  N N   . VAL A 1 127 ? -8.229  6.067   -4.755  1.00 13.18 ? 263 VAL A N   1 
ATOM   964  C CA  . VAL A 1 127 ? -9.130  5.728   -3.642  1.00 13.57 ? 263 VAL A CA  1 
ATOM   965  C C   . VAL A 1 127 ? -8.336  5.481   -2.346  1.00 13.63 ? 263 VAL A C   1 
ATOM   966  O O   . VAL A 1 127 ? -7.574  4.519   -2.258  1.00 12.14 ? 263 VAL A O   1 
ATOM   967  C CB  . VAL A 1 127 ? -9.913  4.469   -3.983  1.00 13.73 ? 263 VAL A CB  1 
ATOM   968  C CG1 . VAL A 1 127 ? -10.736 3.989   -2.750  1.00 14.71 ? 263 VAL A CG1 1 
ATOM   969  C CG2 . VAL A 1 127 ? -10.915 4.771   -5.178  1.00 17.03 ? 263 VAL A CG2 1 
ATOM   970  N N   . VAL A 1 128 ? -8.613  6.272   -1.323  1.00 12.83 ? 264 VAL A N   1 
ATOM   971  C CA  . VAL A 1 128 ? -8.001  6.084   -0.017  1.00 12.08 ? 264 VAL A CA  1 
ATOM   972  C C   . VAL A 1 128 ? -8.849  5.048   0.715   1.00 13.13 ? 264 VAL A C   1 
ATOM   973  O O   . VAL A 1 128 ? -10.080 5.118   0.635   1.00 12.38 ? 264 VAL A O   1 
ATOM   974  C CB  . VAL A 1 128 ? -7.993  7.420   0.774   1.00 11.00 ? 264 VAL A CB  1 
ATOM   975  C CG1 . VAL A 1 128 ? -7.460  7.257   2.225   1.00 10.57 ? 264 VAL A CG1 1 
ATOM   976  C CG2 . VAL A 1 128 ? -7.153  8.492   -0.005  1.00 10.36 ? 264 VAL A CG2 1 
ATOM   977  N N   . PHE A 1 129 ? -8.211  4.112   1.460   1.00 9.26  ? 265 PHE A N   1 
ATOM   978  C CA  . PHE A 1 129 ? -8.990  2.984   1.989   1.00 10.52 ? 265 PHE A CA  1 
ATOM   979  C C   . PHE A 1 129 ? -8.527  2.522   3.334   1.00 8.42  ? 265 PHE A C   1 
ATOM   980  O O   . PHE A 1 129 ? -9.057  1.562   3.887   1.00 9.91  ? 265 PHE A O   1 
ATOM   981  C CB  . PHE A 1 129 ? -8.974  1.824   0.963   1.00 10.38 ? 265 PHE A CB  1 
ATOM   982  C CG  . PHE A 1 129 ? -7.570  1.245   0.730   1.00 11.34 ? 265 PHE A CG  1 
ATOM   983  C CD1 . PHE A 1 129 ? -7.138  0.086   1.457   1.00 11.44 ? 265 PHE A CD1 1 
ATOM   984  C CD2 . PHE A 1 129 ? -6.721  1.797   -0.250  1.00 8.56  ? 265 PHE A CD2 1 
ATOM   985  C CE1 . PHE A 1 129 ? -5.892  -0.464  1.274   1.00 11.55 ? 265 PHE A CE1 1 
ATOM   986  C CE2 . PHE A 1 129 ? -5.483  1.228   -0.483  1.00 10.18 ? 265 PHE A CE2 1 
ATOM   987  C CZ  . PHE A 1 129 ? -5.033  0.102   0.299   1.00 10.74 ? 265 PHE A CZ  1 
ATOM   988  N N   . GLY A 1 130 ? -7.603  3.277   3.964   1.00 9.89  ? 266 GLY A N   1 
ATOM   989  C CA  . GLY A 1 130 ? -7.155  2.802   5.269   1.00 12.03 ? 266 GLY A CA  1 
ATOM   990  C C   . GLY A 1 130 ? -6.115  3.765   5.920   1.00 11.41 ? 266 GLY A C   1 
ATOM   991  O O   . GLY A 1 130 ? -5.731  4.810   5.328   1.00 11.51 ? 266 GLY A O   1 
ATOM   992  N N   . GLU A 1 131 ? -5.612  3.393   7.108   1.00 11.31 ? 267 GLU A N   1 
ATOM   993  C CA  . GLU A 1 131 ? -4.652  4.268   7.758   1.00 12.46 ? 267 GLU A CA  1 
ATOM   994  C C   . GLU A 1 131 ? -3.779  3.449   8.643   1.00 11.98 ? 267 GLU A C   1 
ATOM   995  O O   . GLU A 1 131 ? -4.190  2.383   9.121   1.00 11.74 ? 267 GLU A O   1 
ATOM   996  C CB  . GLU A 1 131 ? -5.361  5.377   8.618   1.00 13.91 ? 267 GLU A CB  1 
ATOM   997  C CG  . GLU A 1 131 ? -6.217  4.757   9.742   1.00 17.28 ? 267 GLU A CG  1 
ATOM   998  C CD  . GLU A 1 131 ? -6.890  5.875   10.557  1.00 27.45 ? 267 GLU A CD  1 
ATOM   999  O OE1 . GLU A 1 131 ? -7.869  6.440   10.077  1.00 23.69 ? 267 GLU A OE1 1 
ATOM   1000 O OE2 . GLU A 1 131 ? -6.385  6.271   11.635  1.00 31.26 ? 267 GLU A OE2 1 
ATOM   1001 N N   . VAL A 1 132 ? -2.577  3.964   8.886   1.00 10.35 ? 268 VAL A N   1 
ATOM   1002 C CA  . VAL A 1 132 ? -1.600  3.293   9.765   1.00 9.29  ? 268 VAL A CA  1 
ATOM   1003 C C   . VAL A 1 132 ? -2.015  3.590   11.182  1.00 12.55 ? 268 VAL A C   1 
ATOM   1004 O O   . VAL A 1 132 ? -2.172  4.781   11.554  1.00 11.95 ? 268 VAL A O   1 
ATOM   1005 C CB  . VAL A 1 132 ? -0.155  3.860   9.496   1.00 10.92 ? 268 VAL A CB  1 
ATOM   1006 C CG1 . VAL A 1 132 ? 0.872   3.470   10.645  1.00 10.85 ? 268 VAL A CG1 1 
ATOM   1007 C CG2 . VAL A 1 132 ? 0.345   3.430   8.036   1.00 11.65 ? 268 VAL A CG2 1 
ATOM   1008 N N   . THR A 1 133 ? -2.109  2.533   11.997  1.00 14.46 ? 269 THR A N   1 
ATOM   1009 C CA  . THR A 1 133 ? -2.487  2.681   13.430  1.00 16.49 ? 269 THR A CA  1 
ATOM   1010 C C   . THR A 1 133 ? -1.291  2.461   14.374  1.00 16.86 ? 269 THR A C   1 
ATOM   1011 O O   . THR A 1 133 ? -1.276  3.002   15.496  1.00 17.90 ? 269 THR A O   1 
ATOM   1012 C CB  . THR A 1 133 ? -3.591  1.703   13.811  1.00 17.57 ? 269 THR A CB  1 
ATOM   1013 O OG1 . THR A 1 133 ? -3.121  0.400   13.518  1.00 18.62 ? 269 THR A OG1 1 
ATOM   1014 C CG2 . THR A 1 133 ? -4.875  1.939   12.943  1.00 16.93 ? 269 THR A CG2 1 
ATOM   1015 N N   . GLU A 1 134 ? -0.267  1.729   13.926  1.00 15.48 ? 270 GLU A N   1 
ATOM   1016 C CA  . GLU A 1 134 ? 0.964   1.609   14.707  1.00 16.47 ? 270 GLU A CA  1 
ATOM   1017 C C   . GLU A 1 134 ? 2.089   1.433   13.638  1.00 15.52 ? 270 GLU A C   1 
ATOM   1018 O O   . GLU A 1 134 ? 1.859   0.898   12.553  1.00 15.07 ? 270 GLU A O   1 
ATOM   1019 C CB  . GLU A 1 134 ? 0.949   0.334   15.552  1.00 17.69 ? 270 GLU A CB  1 
ATOM   1020 C CG  . GLU A 1 134 ? -0.321  0.219   16.424  1.00 24.89 ? 270 GLU A CG  1 
ATOM   1021 C CD  . GLU A 1 134 ? -0.245  1.062   17.661  1.00 33.44 ? 270 GLU A CD  1 
ATOM   1022 O OE1 . GLU A 1 134 ? 0.893   1.497   17.946  1.00 34.56 ? 270 GLU A OE1 1 
ATOM   1023 O OE2 . GLU A 1 134 ? -1.305  1.285   18.328  1.00 37.04 ? 270 GLU A OE2 1 
ATOM   1024 N N   . GLY A 1 135 ? 3.287   1.855   14.002  1.00 14.83 ? 271 GLY A N   1 
ATOM   1025 C CA  . GLY A 1 135 ? 4.421   1.687   13.095  1.00 14.38 ? 271 GLY A CA  1 
ATOM   1026 C C   . GLY A 1 135 ? 4.605   2.831   12.115  1.00 13.00 ? 271 GLY A C   1 
ATOM   1027 O O   . GLY A 1 135 ? 5.310   2.660   11.138  1.00 12.83 ? 271 GLY A O   1 
ATOM   1028 N N   . LEU A 1 136 ? 4.056   4.015   12.394  1.00 11.91 ? 272 LEU A N   1 
ATOM   1029 C CA  . LEU A 1 136 ? 4.361   5.160   11.511  1.00 12.46 ? 272 LEU A CA  1 
ATOM   1030 C C   . LEU A 1 136 ? 5.891   5.317   11.406  1.00 13.01 ? 272 LEU A C   1 
ATOM   1031 O O   . LEU A 1 136 ? 6.431   5.680   10.393  1.00 12.44 ? 272 LEU A O   1 
ATOM   1032 C CB  . LEU A 1 136 ? 3.698   6.429   12.017  1.00 10.64 ? 272 LEU A CB  1 
ATOM   1033 C CG  . LEU A 1 136 ? 4.003   7.627   11.098  1.00 13.90 ? 272 LEU A CG  1 
ATOM   1034 C CD1 . LEU A 1 136 ? 3.252   7.377   9.769   1.00 20.92 ? 272 LEU A CD1 1 
ATOM   1035 C CD2 . LEU A 1 136 ? 3.540   8.929   11.676  1.00 22.44 ? 272 LEU A CD2 1 
ATOM   1036 N N   . ASP A 1 137 ? 6.605   4.992   12.471  1.00 12.60 ? 273 ASP A N   1 
ATOM   1037 C CA  . ASP A 1 137 ? 8.062   5.174   12.410  1.00 12.23 ? 273 ASP A CA  1 
ATOM   1038 C C   . ASP A 1 137 ? 8.679   4.151   11.430  1.00 12.32 ? 273 ASP A C   1 
ATOM   1039 O O   . ASP A 1 137 ? 9.754   4.425   10.877  1.00 11.89 ? 273 ASP A O   1 
ATOM   1040 C CB  . ASP A 1 137 ? 8.628   4.921   13.807  1.00 12.27 ? 273 ASP A CB  1 
ATOM   1041 C CG  . ASP A 1 137 ? 8.093   3.605   14.408  1.00 17.74 ? 273 ASP A CG  1 
ATOM   1042 O OD1 . ASP A 1 137 ? 6.835   3.465   14.619  1.00 25.04 ? 273 ASP A OD1 1 
ATOM   1043 O OD2 . ASP A 1 137 ? 8.856   2.702   14.701  1.00 14.83 ? 273 ASP A OD2 1 
ATOM   1044 N N   . VAL A 1 138 ? 8.062   2.964   11.239  1.00 10.65 ? 274 VAL A N   1 
ATOM   1045 C CA  . VAL A 1 138 ? 8.605   2.009   10.247  1.00 11.17 ? 274 VAL A CA  1 
ATOM   1046 C C   . VAL A 1 138 ? 8.343   2.535   8.841   1.00 11.50 ? 274 VAL A C   1 
ATOM   1047 O O   . VAL A 1 138 ? 9.169   2.425   7.934   1.00 12.03 ? 274 VAL A O   1 
ATOM   1048 C CB  . VAL A 1 138 ? 7.902   0.571   10.455  1.00 11.83 ? 274 VAL A CB  1 
ATOM   1049 C CG1 . VAL A 1 138 ? 8.328   -0.446  9.375   1.00 13.56 ? 274 VAL A CG1 1 
ATOM   1050 C CG2 . VAL A 1 138 ? 8.213   0.100   11.968  1.00 11.90 ? 274 VAL A CG2 1 
ATOM   1051 N N   . LEU A 1 139 ? 7.165   3.105   8.648   1.00 12.85 ? 275 LEU A N   1 
ATOM   1052 C CA  . LEU A 1 139 ? 6.907   3.837   7.370   1.00 12.21 ? 275 LEU A CA  1 
ATOM   1053 C C   . LEU A 1 139 ? 7.967   4.939   7.076   1.00 12.13 ? 275 LEU A C   1 
ATOM   1054 O O   . LEU A 1 139 ? 8.412   5.117   5.960   1.00 10.69 ? 275 LEU A O   1 
ATOM   1055 C CB  . LEU A 1 139 ? 5.508   4.469   7.380   1.00 11.45 ? 275 LEU A CB  1 
ATOM   1056 C CG  . LEU A 1 139 ? 5.136   5.336   6.123   1.00 14.74 ? 275 LEU A CG  1 
ATOM   1057 C CD1 . LEU A 1 139 ? 5.356   4.485   4.773   1.00 13.44 ? 275 LEU A CD1 1 
ATOM   1058 C CD2 . LEU A 1 139 ? 3.719   5.807   6.273   1.00 13.74 ? 275 LEU A CD2 1 
ATOM   1059 N N   . ARG A 1 140 ? 8.328   5.700   8.103   1.00 12.27 ? 276 ARG A N   1 
ATOM   1060 C CA  . ARG A 1 140 ? 9.430   6.679   7.956   1.00 11.47 ? 276 ARG A CA  1 
ATOM   1061 C C   . ARG A 1 140 ? 10.744  6.023   7.566   1.00 11.72 ? 276 ARG A C   1 
ATOM   1062 O O   . ARG A 1 140 ? 11.517  6.627   6.813   1.00 9.19  ? 276 ARG A O   1 
ATOM   1063 C CB  . ARG A 1 140 ? 9.570   7.596   9.237   1.00 10.49 ? 276 ARG A CB  1 
ATOM   1064 C CG  . ARG A 1 140 ? 8.287   8.386   9.569   1.00 12.83 ? 276 ARG A CG  1 
ATOM   1065 C CD  . ARG A 1 140 ? 7.853   9.262   8.360   1.00 12.81 ? 276 ARG A CD  1 
ATOM   1066 N NE  . ARG A 1 140 ? 6.812   10.270  8.718   1.00 11.31 ? 276 ARG A NE  1 
ATOM   1067 C CZ  . ARG A 1 140 ? 6.188   11.091  7.845   1.00 9.53  ? 276 ARG A CZ  1 
ATOM   1068 N NH1 . ARG A 1 140 ? 6.507   11.114  6.551   1.00 11.22 ? 276 ARG A NH1 1 
ATOM   1069 N NH2 . ARG A 1 140 ? 5.195   11.955  8.294   1.00 12.43 ? 276 ARG A NH2 1 
ATOM   1070 N N   . GLN A 1 141 ? 11.026  4.817   8.091   1.00 11.06 ? 277 GLN A N   1 
ATOM   1071 C CA  . GLN A 1 141 ? 12.259  4.148   7.657   1.00 11.01 ? 277 GLN A CA  1 
ATOM   1072 C C   . GLN A 1 141 ? 12.181  3.735   6.190   1.00 12.97 ? 277 GLN A C   1 
ATOM   1073 O O   . GLN A 1 141 ? 13.219  3.677   5.470   1.00 11.68 ? 277 GLN A O   1 
ATOM   1074 C CB  . GLN A 1 141 ? 12.506  2.885   8.502   1.00 10.34 ? 277 GLN A CB  1 
ATOM   1075 C CG  . GLN A 1 141 ? 12.895  3.292   9.992   1.00 9.83  ? 277 GLN A CG  1 
ATOM   1076 C CD  . GLN A 1 141 ? 12.974  2.057   10.900  1.00 18.97 ? 277 GLN A CD  1 
ATOM   1077 O OE1 . GLN A 1 141 ? 14.052  1.495   11.066  1.00 22.65 ? 277 GLN A OE1 1 
ATOM   1078 N NE2 . GLN A 1 141 ? 11.850  1.640   11.475  1.00 18.39 ? 277 GLN A NE2 1 
ATOM   1079 N N   . ILE A 1 142 ? 10.980  3.343   5.755   1.00 11.33 ? 278 ILE A N   1 
ATOM   1080 C CA  . ILE A 1 142 ? 10.828  3.064   4.330   1.00 10.53 ? 278 ILE A CA  1 
ATOM   1081 C C   . ILE A 1 142 ? 11.086  4.281   3.498   1.00 10.72 ? 278 ILE A C   1 
ATOM   1082 O O   . ILE A 1 142 ? 11.866  4.251   2.518   1.00 11.89 ? 278 ILE A O   1 
ATOM   1083 C CB  . ILE A 1 142 ? 9.410   2.490   3.995   1.00 11.67 ? 278 ILE A CB  1 
ATOM   1084 C CG1 . ILE A 1 142 ? 9.166   1.160   4.720   1.00 9.98  ? 278 ILE A CG1 1 
ATOM   1085 C CG2 . ILE A 1 142 ? 9.294   2.358   2.398   1.00 10.61 ? 278 ILE A CG2 1 
ATOM   1086 C CD1 . ILE A 1 142 ? 7.725   0.610   4.609   1.00 9.45  ? 278 ILE A CD1 1 
ATOM   1087 N N   . GLU A 1 143 ? 10.492  5.387   3.922   1.00 9.83  ? 279 GLU A N   1 
ATOM   1088 C CA  . GLU A 1 143 ? 10.593  6.620   3.193   1.00 10.98 ? 279 GLU A CA  1 
ATOM   1089 C C   . GLU A 1 143 ? 12.064  7.053   3.116   1.00 11.31 ? 279 GLU A C   1 
ATOM   1090 O O   . GLU A 1 143 ? 12.502  7.743   2.133   1.00 11.13 ? 279 GLU A O   1 
ATOM   1091 C CB  . GLU A 1 143 ? 9.759   7.695   3.937   1.00 9.75  ? 279 GLU A CB  1 
ATOM   1092 C CG  . GLU A 1 143 ? 9.907   9.105   3.280   1.00 9.98  ? 279 GLU A CG  1 
ATOM   1093 C CD  . GLU A 1 143 ? 9.118   10.156  4.130   1.00 13.13 ? 279 GLU A CD  1 
ATOM   1094 O OE1 . GLU A 1 143 ? 8.835   9.855   5.295   1.00 15.80 ? 279 GLU A OE1 1 
ATOM   1095 O OE2 . GLU A 1 143 ? 8.850   11.280  3.681   1.00 15.33 ? 279 GLU A OE2 1 
ATOM   1096 N N   . ALA A 1 144 ? 12.799  6.702   4.173   1.00 11.96 ? 280 ALA A N   1 
ATOM   1097 C CA  . ALA A 1 144 ? 14.223  7.035   4.208   1.00 12.34 ? 280 ALA A CA  1 
ATOM   1098 C C   . ALA A 1 144 ? 15.044  6.405   3.086   1.00 13.93 ? 280 ALA A C   1 
ATOM   1099 O O   . ALA A 1 144 ? 16.151  6.933   2.728   1.00 14.17 ? 280 ALA A O   1 
ATOM   1100 C CB  . ALA A 1 144 ? 14.811  6.678   5.564   1.00 14.21 ? 280 ALA A CB  1 
ATOM   1101 N N   . GLN A 1 145 ? 14.515  5.334   2.493   1.00 11.54 ? 281 GLN A N   1 
ATOM   1102 C CA  . GLN A 1 145 ? 15.192  4.730   1.306   1.00 13.74 ? 281 GLN A CA  1 
ATOM   1103 C C   . GLN A 1 145 ? 14.789  5.350   -0.030  1.00 13.82 ? 281 GLN A C   1 
ATOM   1104 O O   . GLN A 1 145 ? 15.271  4.883   -1.086  1.00 13.97 ? 281 GLN A O   1 
ATOM   1105 C CB  . GLN A 1 145 ? 14.931  3.212   1.277   1.00 11.93 ? 281 GLN A CB  1 
ATOM   1106 C CG  . GLN A 1 145 ? 15.374  2.546   2.591   1.00 14.70 ? 281 GLN A CG  1 
ATOM   1107 C CD  . GLN A 1 145 ? 16.912  2.716   2.809   1.00 14.08 ? 281 GLN A CD  1 
ATOM   1108 O OE1 . GLN A 1 145 ? 17.664  2.836   1.843   1.00 19.52 ? 281 GLN A OE1 1 
ATOM   1109 N NE2 . GLN A 1 145 ? 17.304  2.876   4.030   1.00 17.51 ? 281 GLN A NE2 1 
ATOM   1110 N N   . GLY A 1 146 ? 13.985  6.420   0.007   1.00 12.91 ? 282 GLY A N   1 
ATOM   1111 C CA  . GLY A 1 146 ? 13.426  6.983   -1.225  1.00 13.99 ? 282 GLY A CA  1 
ATOM   1112 C C   . GLY A 1 146 ? 14.412  7.901   -1.968  1.00 15.09 ? 282 GLY A C   1 
ATOM   1113 O O   . GLY A 1 146 ? 15.459  8.240   -1.441  1.00 14.22 ? 282 GLY A O   1 
ATOM   1114 N N   . SER A 1 147 ? 14.090  8.178   -3.209  1.00 14.78 ? 283 SER A N   1 
ATOM   1115 C CA  . SER A 1 147 ? 14.820  9.107   -4.069  1.00 16.68 ? 283 SER A CA  1 
ATOM   1116 C C   . SER A 1 147 ? 13.854  9.985   -4.760  1.00 14.98 ? 283 SER A C   1 
ATOM   1117 O O   . SER A 1 147 ? 12.661  9.648   -4.975  1.00 13.96 ? 283 SER A O   1 
ATOM   1118 C CB  . SER A 1 147 ? 15.666  8.335   -5.156  1.00 17.12 ? 283 SER A CB  1 
ATOM   1119 O OG  . SER A 1 147 ? 16.648  7.550   -4.482  1.00 22.47 ? 283 SER A OG  1 
ATOM   1120 N N   . LYS A 1 148 ? 14.322  11.165  -5.202  1.00 16.37 ? 284 LYS A N   1 
ATOM   1121 C CA  . LYS A 1 148 ? 13.418  12.011  -5.967  1.00 18.11 ? 284 LYS A CA  1 
ATOM   1122 C C   . LYS A 1 148 ? 12.778  11.285  -7.149  1.00 19.87 ? 284 LYS A C   1 
ATOM   1123 O O   . LYS A 1 148 ? 11.601  11.507  -7.506  1.00 19.24 ? 284 LYS A O   1 
ATOM   1124 C CB  . LYS A 1 148 ? 14.202  13.239  -6.529  1.00 20.74 ? 284 LYS A CB  1 
ATOM   1125 C CG  . LYS A 1 148 ? 14.239  14.403  -5.551  1.00 27.99 ? 284 LYS A CG  1 
ATOM   1126 C CD  . LYS A 1 148 ? 14.509  15.788  -6.317  1.00 37.67 ? 284 LYS A CD  1 
ATOM   1127 C CE  . LYS A 1 148 ? 13.175  16.362  -6.935  1.00 44.81 ? 284 LYS A CE  1 
ATOM   1128 N NZ  . LYS A 1 148 ? 13.285  17.147  -8.271  1.00 47.83 ? 284 LYS A NZ  1 
ATOM   1129 N N   . ASP A 1 149 ? 13.553  10.422  -7.799  1.00 21.29 ? 285 ASP A N   1 
ATOM   1130 C CA  . ASP A 1 149 ? 12.971  9.741   -8.972  1.00 22.21 ? 285 ASP A CA  1 
ATOM   1131 C C   . ASP A 1 149 ? 12.263  8.440   -8.598  1.00 22.28 ? 285 ASP A C   1 
ATOM   1132 O O   . ASP A 1 149 ? 11.791  7.708   -9.490  1.00 20.73 ? 285 ASP A O   1 
ATOM   1133 C CB  . ASP A 1 149 ? 14.026  9.509   -10.061 1.00 24.06 ? 285 ASP A CB  1 
ATOM   1134 C CG  . ASP A 1 149 ? 15.072  8.482   -9.660  1.00 27.30 ? 285 ASP A CG  1 
ATOM   1135 O OD1 . ASP A 1 149 ? 15.012  7.840   -8.545  1.00 25.03 ? 285 ASP A OD1 1 
ATOM   1136 O OD2 . ASP A 1 149 ? 16.014  8.250   -10.442 1.00 30.59 ? 285 ASP A OD2 1 
ATOM   1137 N N   . GLY A 1 150 ? 12.184  8.161   -7.290  1.00 19.17 ? 286 GLY A N   1 
ATOM   1138 C CA  . GLY A 1 150 ? 11.429  7.007   -6.810  1.00 17.60 ? 286 GLY A CA  1 
ATOM   1139 C C   . GLY A 1 150 ? 12.223  5.747   -6.599  1.00 17.76 ? 286 GLY A C   1 
ATOM   1140 O O   . GLY A 1 150 ? 11.735  4.752   -6.023  1.00 15.92 ? 286 GLY A O   1 
ATOM   1141 N N   . LYS A 1 151 ? 13.480  5.755   -7.039  1.00 16.28 ? 287 LYS A N   1 
ATOM   1142 C CA  . LYS A 1 151 ? 14.244  4.528   -6.959  1.00 17.22 ? 287 LYS A CA  1 
ATOM   1143 C C   . LYS A 1 151 ? 14.694  4.232   -5.526  1.00 16.36 ? 287 LYS A C   1 
ATOM   1144 O O   . LYS A 1 151 ? 15.392  5.066   -4.881  1.00 16.92 ? 287 LYS A O   1 
ATOM   1145 C CB  . LYS A 1 151 ? 15.481  4.673   -7.893  1.00 17.60 ? 287 LYS A CB  1 
ATOM   1146 C CG  . LYS A 1 151 ? 16.394  3.517   -7.812  1.00 21.04 ? 287 LYS A CG  1 
ATOM   1147 C CD  . LYS A 1 151 ? 17.629  3.779   -8.799  1.00 29.05 ? 287 LYS A CD  1 
ATOM   1148 N NZ  . LYS A 1 151 ? 16.478  1.814   -10.258 1.00 47.76 ? 287 LYS A NZ  1 
ATOM   1149 N N   . PRO A 1 152 ? 14.408  3.040   -5.010  1.00 13.27 ? 288 PRO A N   1 
ATOM   1150 C CA  . PRO A 1 152 ? 14.792  2.731   -3.626  1.00 13.61 ? 288 PRO A CA  1 
ATOM   1151 C C   . PRO A 1 152 ? 16.308  2.572   -3.482  1.00 14.89 ? 288 PRO A C   1 
ATOM   1152 O O   . PRO A 1 152 ? 16.909  1.902   -4.327  1.00 14.40 ? 288 PRO A O   1 
ATOM   1153 C CB  . PRO A 1 152 ? 14.081  1.377   -3.348  1.00 14.12 ? 288 PRO A CB  1 
ATOM   1154 C CG  . PRO A 1 152 ? 12.829  1.393   -4.337  1.00 14.63 ? 288 PRO A CG  1 
ATOM   1155 C CD  . PRO A 1 152 ? 13.518  2.021   -5.627  1.00 15.59 ? 288 PRO A CD  1 
ATOM   1156 N N   . LYS A 1 153 ? 16.909  3.138   -2.428  1.00 16.12 ? 289 LYS A N   1 
ATOM   1157 C CA  . LYS A 1 153 ? 18.374  3.108   -2.191  1.00 18.52 ? 289 LYS A CA  1 
ATOM   1158 C C   . LYS A 1 153 ? 18.773  1.738   -1.686  1.00 20.07 ? 289 LYS A C   1 
ATOM   1159 O O   . LYS A 1 153 ? 19.894  1.294   -1.952  1.00 21.41 ? 289 LYS A O   1 
ATOM   1160 C CB  . LYS A 1 153 ? 18.791  4.163   -1.151  1.00 18.54 ? 289 LYS A CB  1 
ATOM   1161 C CG  . LYS A 1 153 ? 18.635  5.536   -1.827  1.00 20.49 ? 289 LYS A CG  1 
ATOM   1162 C CD  . LYS A 1 153 ? 18.877  6.609   -0.827  1.00 30.54 ? 289 LYS A CD  1 
ATOM   1163 C CE  . LYS A 1 153 ? 18.942  7.974   -1.597  1.00 35.09 ? 289 LYS A CE  1 
ATOM   1164 N NZ  . LYS A 1 153 ? 19.308  8.999   -0.523  1.00 40.95 ? 289 LYS A NZ  1 
ATOM   1165 N N   . GLN A 1 154 ? 17.875  1.119   -0.924  1.00 17.98 ? 290 GLN A N   1 
ATOM   1166 C CA  . GLN A 1 154 ? 18.019  -0.286  -0.479  1.00 18.90 ? 290 GLN A CA  1 
ATOM   1167 C C   . GLN A 1 154 ? 16.637  -0.899  -0.680  1.00 17.82 ? 290 GLN A C   1 
ATOM   1168 O O   . GLN A 1 154 ? 15.660  -0.175  -0.684  1.00 14.33 ? 290 GLN A O   1 
ATOM   1169 C CB  . GLN A 1 154 ? 18.357  -0.431  0.994   1.00 17.52 ? 290 GLN A CB  1 
ATOM   1170 C CG  . GLN A 1 154 ? 19.616  0.242   1.411   1.00 25.55 ? 290 GLN A CG  1 
ATOM   1171 C CD  . GLN A 1 154 ? 19.966  -0.133  2.832   1.00 29.05 ? 290 GLN A CD  1 
ATOM   1172 O OE1 . GLN A 1 154 ? 20.234  -1.283  3.106   1.00 28.09 ? 290 GLN A OE1 1 
ATOM   1173 N NE2 . GLN A 1 154 ? 19.939  0.850   3.749   1.00 35.74 ? 290 GLN A NE2 1 
ATOM   1174 N N   . LYS A 1 155 ? 16.581  -2.227  -0.903  1.00 15.51 ? 291 LYS A N   1 
ATOM   1175 C CA  . LYS A 1 155 ? 15.309  -2.889  -1.104  1.00 15.80 ? 291 LYS A CA  1 
ATOM   1176 C C   . LYS A 1 155 ? 14.527  -2.935  0.193   1.00 13.38 ? 291 LYS A C   1 
ATOM   1177 O O   . LYS A 1 155 ? 15.070  -3.208  1.303   1.00 14.45 ? 291 LYS A O   1 
ATOM   1178 C CB  . LYS A 1 155 ? 15.593  -4.348  -1.551  1.00 19.04 ? 291 LYS A CB  1 
ATOM   1179 C CG  . LYS A 1 155 ? 16.354  -4.297  -2.875  1.00 22.22 ? 291 LYS A CG  1 
ATOM   1180 C CD  . LYS A 1 155 ? 15.599  -3.429  -3.930  1.00 25.02 ? 291 LYS A CD  1 
ATOM   1181 C CE  . LYS A 1 155 ? 16.139  -3.673  -5.372  1.00 24.42 ? 291 LYS A CE  1 
ATOM   1182 N NZ  . LYS A 1 155 ? 17.270  -2.825  -5.630  1.00 30.20 ? 291 LYS A NZ  1 
ATOM   1183 N N   . VAL A 1 156 ? 13.215  -2.710  0.058   1.00 13.25 ? 292 VAL A N   1 
ATOM   1184 C CA  . VAL A 1 156 ? 12.334  -2.724  1.210   1.00 11.70 ? 292 VAL A CA  1 
ATOM   1185 C C   . VAL A 1 156 ? 11.320  -3.849  0.864   1.00 13.62 ? 292 VAL A C   1 
ATOM   1186 O O   . VAL A 1 156 ? 10.593  -3.744  -0.146  1.00 13.15 ? 292 VAL A O   1 
ATOM   1187 C CB  . VAL A 1 156 ? 11.543  -1.383  1.235   1.00 12.15 ? 292 VAL A CB  1 
ATOM   1188 C CG1 . VAL A 1 156 ? 10.556  -1.373  2.413   1.00 9.07  ? 292 VAL A CG1 1 
ATOM   1189 C CG2 . VAL A 1 156 ? 12.554  -0.257  1.354   1.00 11.83 ? 292 VAL A CG2 1 
ATOM   1190 N N   . ILE A 1 157 ? 11.239  -4.826  1.747   1.00 13.10 ? 293 ILE A N   1 
ATOM   1191 C CA  . ILE A 1 157 ? 10.490  -6.027  1.508   1.00 14.36 ? 293 ILE A CA  1 
ATOM   1192 C C   . ILE A 1 157 ? 9.459   -6.208  2.600   1.00 13.42 ? 293 ILE A C   1 
ATOM   1193 O O   . ILE A 1 157 ? 9.724   -5.954  3.753   1.00 14.19 ? 293 ILE A O   1 
ATOM   1194 C CB  . ILE A 1 157 ? 11.479  -7.310  1.572   1.00 15.78 ? 293 ILE A CB  1 
ATOM   1195 C CG1 . ILE A 1 157 ? 12.559  -7.153  0.518   1.00 17.88 ? 293 ILE A CG1 1 
ATOM   1196 C CG2 . ILE A 1 157 ? 10.675  -8.582  1.338   1.00 12.06 ? 293 ILE A CG2 1 
ATOM   1197 C CD1 . ILE A 1 157 ? 12.054  -6.907  -0.738  1.00 20.95 ? 293 ILE A CD1 1 
ATOM   1198 N N   . ILE A 1 158 ? 8.290   -6.734  2.208   1.00 12.40 ? 294 ILE A N   1 
ATOM   1199 C CA  . ILE A 1 158 ? 7.264   -7.143  3.130   1.00 12.66 ? 294 ILE A CA  1 
ATOM   1200 C C   . ILE A 1 158 ? 7.695   -8.573  3.476   1.00 12.78 ? 294 ILE A C   1 
ATOM   1201 O O   . ILE A 1 158 ? 7.361   -9.560  2.745   1.00 13.25 ? 294 ILE A O   1 
ATOM   1202 C CB  . ILE A 1 158 ? 5.856   -7.087  2.408   1.00 10.97 ? 294 ILE A CB  1 
ATOM   1203 C CG1 . ILE A 1 158 ? 5.570   -5.616  2.031   1.00 12.27 ? 294 ILE A CG1 1 
ATOM   1204 C CG2 . ILE A 1 158 ? 4.756   -7.717  3.338   1.00 10.80 ? 294 ILE A CG2 1 
ATOM   1205 C CD1 . ILE A 1 158 ? 4.220   -5.450  1.202   1.00 15.31 ? 294 ILE A CD1 1 
ATOM   1206 N N   . ALA A 1 159 ? 8.432   -8.681  4.593   1.00 14.31 ? 295 ALA A N   1 
ATOM   1207 C CA  . ALA A 1 159 ? 8.930   -9.991  5.025   1.00 15.69 ? 295 ALA A CA  1 
ATOM   1208 C C   . ALA A 1 159 ? 7.787   -10.914 5.480   1.00 15.69 ? 295 ALA A C   1 
ATOM   1209 O O   . ALA A 1 159 ? 7.856   -12.121 5.243   1.00 15.46 ? 295 ALA A O   1 
ATOM   1210 C CB  . ALA A 1 159 ? 9.943   -9.837  6.184   1.00 17.34 ? 295 ALA A CB  1 
ATOM   1211 N N   . ASP A 1 160 ? 6.744   -10.350 6.096   1.00 14.06 ? 296 ASP A N   1 
ATOM   1212 C CA  . ASP A 1 160 ? 5.574   -11.160 6.481   1.00 15.59 ? 296 ASP A CA  1 
ATOM   1213 C C   . ASP A 1 160 ? 4.346   -10.207 6.535   1.00 15.45 ? 296 ASP A C   1 
ATOM   1214 O O   . ASP A 1 160 ? 4.548   -8.979  6.585   1.00 15.22 ? 296 ASP A O   1 
ATOM   1215 C CB  . ASP A 1 160 ? 5.822   -11.770 7.875   1.00 16.25 ? 296 ASP A CB  1 
ATOM   1216 C CG  . ASP A 1 160 ? 4.888   -12.989 8.129   1.00 23.69 ? 296 ASP A CG  1 
ATOM   1217 O OD1 . ASP A 1 160 ? 4.072   -13.384 7.216   1.00 19.35 ? 296 ASP A OD1 1 
ATOM   1218 O OD2 . ASP A 1 160 ? 4.878   -13.519 9.231   1.00 25.74 ? 296 ASP A OD2 1 
ATOM   1219 N N   . CYS A 1 161 ? 3.126   -10.743 6.532   1.00 14.06 ? 297 CYS A N   1 
ATOM   1220 C CA  . CYS A 1 161 ? 1.942   -9.894  6.573   1.00 14.94 ? 297 CYS A CA  1 
ATOM   1221 C C   . CYS A 1 161 ? 0.771   -10.808 6.955   1.00 16.43 ? 297 CYS A C   1 
ATOM   1222 O O   . CYS A 1 161 ? 0.897   -12.081 6.894   1.00 14.36 ? 297 CYS A O   1 
ATOM   1223 C CB  . CYS A 1 161 ? 1.683   -9.182  5.209   1.00 14.72 ? 297 CYS A CB  1 
ATOM   1224 S SG  . CYS A 1 161 ? 1.718   -10.242 3.746   1.00 13.96 ? 297 CYS A SG  1 
ATOM   1225 N N   . GLY A 1 162 ? -0.323  -10.210 7.395   1.00 13.47 ? 298 GLY A N   1 
ATOM   1226 C CA  . GLY A 1 162 ? -1.449  -11.046 7.761   1.00 15.16 ? 298 GLY A CA  1 
ATOM   1227 C C   . GLY A 1 162 ? -2.515  -10.126 8.310   1.00 15.42 ? 298 GLY A C   1 
ATOM   1228 O O   . GLY A 1 162 ? -2.433  -8.914  8.137   1.00 14.63 ? 298 GLY A O   1 
ATOM   1229 N N   . GLU A 1 163 ? -3.487  -10.704 9.021   1.00 16.41 ? 299 GLU A N   1 
ATOM   1230 C CA  . GLU A 1 163 ? -4.584  -9.933  9.575   1.00 16.57 ? 299 GLU A CA  1 
ATOM   1231 C C   . GLU A 1 163 ? -4.663  -10.334 11.043  1.00 18.71 ? 299 GLU A C   1 
ATOM   1232 O O   . GLU A 1 163 ? -4.307  -11.489 11.395  1.00 18.42 ? 299 GLU A O   1 
ATOM   1233 C CB  . GLU A 1 163 ? -5.880  -10.361 8.902   1.00 16.94 ? 299 GLU A CB  1 
ATOM   1234 C CG  . GLU A 1 163 ? -7.011  -9.548  9.427   1.00 19.39 ? 299 GLU A CG  1 
ATOM   1235 C CD  . GLU A 1 163 ? -8.362  -9.943  8.857   1.00 24.97 ? 299 GLU A CD  1 
ATOM   1236 O OE1 . GLU A 1 163 ? -8.455  -10.927 8.076   1.00 17.58 ? 299 GLU A OE1 1 
ATOM   1237 O OE2 . GLU A 1 163 ? -9.301  -9.209  9.233   1.00 29.22 ? 299 GLU A OE2 1 
ATOM   1238 N N   . TYR A 1 164 ? -5.184  -9.438  11.892  1.00 19.27 ? 300 TYR A N   1 
ATOM   1239 C CA  . TYR A 1 164 ? -5.406  -9.715  13.288  1.00 21.07 ? 300 TYR A CA  1 
ATOM   1240 C C   . TYR A 1 164 ? -6.872  -10.252 13.503  1.00 23.09 ? 300 TYR A C   1 
ATOM   1241 O O   . TYR A 1 164 ? -7.787  -9.476  13.115  1.00 22.78 ? 300 TYR A O   1 
ATOM   1242 C CB  . TYR A 1 164 ? -5.246  -8.415  14.047  1.00 22.35 ? 300 TYR A CB  1 
ATOM   1243 C CG  . TYR A 1 164 ? -3.797  -7.921  14.184  1.00 22.75 ? 300 TYR A CG  1 
ATOM   1244 C CD1 . TYR A 1 164 ? -2.870  -8.647  14.933  1.00 30.83 ? 300 TYR A CD1 1 
ATOM   1245 C CD2 . TYR A 1 164 ? -3.379  -6.700  13.608  1.00 28.25 ? 300 TYR A CD2 1 
ATOM   1246 C CE1 . TYR A 1 164 ? -1.556  -8.179  15.109  1.00 32.06 ? 300 TYR A CE1 1 
ATOM   1247 C CE2 . TYR A 1 164 ? -2.087  -6.243  13.784  1.00 27.37 ? 300 TYR A CE2 1 
ATOM   1248 C CZ  . TYR A 1 164 ? -1.171  -7.001  14.533  1.00 29.19 ? 300 TYR A CZ  1 
ATOM   1249 O OH  . TYR A 1 164 ? 0.176   -6.609  14.738  1.00 36.58 ? 300 TYR A OH  1 
HETATM 1250 O O   . HOH B 2 .   ? 7.463   -6.066  -5.533  1.00 13.04 ? 302 HOH A O   1 
HETATM 1251 O O   . HOH B 2 .   ? -7.241  -2.763  -2.371  1.00 14.88 ? 303 HOH A O   1 
HETATM 1252 O O   . HOH B 2 .   ? -10.838 7.968   -1.553  1.00 11.68 ? 304 HOH A O   1 
HETATM 1253 O O   . HOH B 2 .   ? 11.287  9.495   6.804   1.00 12.31 ? 305 HOH A O   1 
HETATM 1254 O O   . HOH B 2 .   ? -3.943  -0.778  -7.905  1.00 13.98 ? 306 HOH A O   1 
HETATM 1255 O O   . HOH B 2 .   ? 12.442  -2.078  -2.732  1.00 14.00 ? 307 HOH A O   1 
HETATM 1256 O O   . HOH B 2 .   ? -5.218  -13.648 -1.252  1.00 14.56 ? 308 HOH A O   1 
HETATM 1257 O O   . HOH B 2 .   ? -2.000  12.230  1.958   1.00 17.81 ? 309 HOH A O   1 
HETATM 1258 O O   . HOH B 2 .   ? -9.430  10.565  -3.052  1.00 14.36 ? 310 HOH A O   1 
HETATM 1259 O O   . HOH B 2 .   ? -0.642  5.172   -9.581  1.00 13.39 ? 311 HOH A O   1 
HETATM 1260 O O   . HOH B 2 .   ? 4.688   -4.900  -2.158  1.00 16.15 ? 312 HOH A O   1 
HETATM 1261 O O   . HOH B 2 .   ? -12.729 6.443   -0.099  1.00 14.65 ? 313 HOH A O   1 
HETATM 1262 O O   . HOH B 2 .   ? -7.914  4.260   -7.130  1.00 15.08 ? 314 HOH A O   1 
HETATM 1263 O O   . HOH B 2 .   ? -8.541  3.459   -10.697 1.00 14.30 ? 315 HOH A O   1 
HETATM 1264 O O   . HOH B 2 .   ? 5.772   -3.691  -5.660  1.00 13.04 ? 316 HOH A O   1 
HETATM 1265 O O   . HOH B 2 .   ? -9.345  6.062   8.002   1.00 18.08 ? 317 HOH A O   1 
HETATM 1266 O O   . HOH B 2 .   ? 5.141   2.400   -9.944  1.00 16.56 ? 318 HOH A O   1 
HETATM 1267 O O   . HOH B 2 .   ? -15.352 -1.173  -6.783  1.00 24.19 ? 319 HOH A O   1 
HETATM 1268 O O   . HOH B 2 .   ? -9.407  7.396   -10.676 1.00 20.83 ? 320 HOH A O   1 
HETATM 1269 O O   . HOH B 2 .   ? 12.373  -0.414  -7.583  1.00 19.29 ? 321 HOH A O   1 
HETATM 1270 O O   . HOH B 2 .   ? 8.731   13.284  5.541   1.00 19.81 ? 322 HOH A O   1 
HETATM 1271 O O   . HOH B 2 .   ? -2.048  -3.718  -9.472  1.00 18.98 ? 323 HOH A O   1 
HETATM 1272 O O   . HOH B 2 .   ? -12.996 -6.848  4.437   1.00 17.33 ? 324 HOH A O   1 
HETATM 1273 O O   . HOH B 2 .   ? -15.325 -3.111  -10.522 1.00 22.57 ? 325 HOH A O   1 
HETATM 1274 O O   . HOH B 2 .   ? 8.652   -11.176 -4.271  1.00 22.96 ? 326 HOH A O   1 
HETATM 1275 O O   . HOH B 2 .   ? -9.165  -7.781  11.332  1.00 19.82 ? 327 HOH A O   1 
HETATM 1276 O O   . HOH B 2 .   ? 1.892   -14.025 -4.170  1.00 23.84 ? 328 HOH A O   1 
HETATM 1277 O O   . HOH B 2 .   ? 11.275  -1.806  -9.848  1.00 18.61 ? 329 HOH A O   1 
HETATM 1278 O O   . HOH B 2 .   ? -11.923 1.372   -5.346  1.00 18.69 ? 330 HOH A O   1 
HETATM 1279 O O   . HOH B 2 .   ? -8.154  6.506   5.562   1.00 18.43 ? 331 HOH A O   1 
HETATM 1280 O O   . HOH B 2 .   ? 8.127   -12.696 -9.022  1.00 13.81 ? 332 HOH A O   1 
HETATM 1281 O O   . HOH B 2 .   ? 15.659  3.073   6.433   1.00 24.77 ? 333 HOH A O   1 
HETATM 1282 O O   . HOH B 2 .   ? -6.969  16.281  1.421   1.00 20.90 ? 334 HOH A O   1 
HETATM 1283 O O   . HOH B 2 .   ? 0.739   5.982   -7.010  1.00 24.39 ? 335 HOH A O   1 
HETATM 1284 O O   . HOH B 2 .   ? -20.963 1.964   5.922   1.00 26.60 ? 336 HOH A O   1 
HETATM 1285 O O   . HOH B 2 .   ? 11.275  2.540   13.964  1.00 24.64 ? 337 HOH A O   1 
HETATM 1286 O O   . HOH B 2 .   ? -1.900  -18.944 -0.012  1.00 19.84 ? 338 HOH A O   1 
HETATM 1287 O O   . HOH B 2 .   ? 2.371   4.831   14.612  1.00 25.10 ? 339 HOH A O   1 
HETATM 1288 O O   . HOH B 2 .   ? 0.481   -17.563 -1.413  1.00 24.32 ? 340 HOH A O   1 
HETATM 1289 O O   . HOH B 2 .   ? -15.203 -10.998 -17.478 1.00 25.76 ? 341 HOH A O   1 
HETATM 1290 O O   . HOH B 2 .   ? -3.085  -13.485 8.675   1.00 27.62 ? 342 HOH A O   1 
HETATM 1291 O O   . HOH B 2 .   ? -2.560  11.676  8.674   1.00 22.08 ? 343 HOH A O   1 
HETATM 1292 O O   . HOH B 2 .   ? -19.078 3.139   -2.735  1.00 22.82 ? 344 HOH A O   1 
HETATM 1293 O O   . HOH B 2 .   ? 7.464   -2.370  15.061  1.00 26.74 ? 345 HOH A O   1 
HETATM 1294 O O   . HOH B 2 .   ? 4.408   14.431  7.204   1.00 23.38 ? 346 HOH A O   1 
HETATM 1295 O O   . HOH B 2 .   ? 8.482   -9.749  -13.367 1.00 20.06 ? 347 HOH A O   1 
HETATM 1296 O O   . HOH B 2 .   ? 17.128  11.913  -4.722  1.00 30.83 ? 348 HOH A O   1 
HETATM 1297 O O   . HOH B 2 .   ? 13.804  10.192  2.903   1.00 27.74 ? 349 HOH A O   1 
HETATM 1298 O O   . HOH B 2 .   ? -13.524 -12.125 -0.460  1.00 24.12 ? 350 HOH A O   1 
HETATM 1299 O O   . HOH B 2 .   ? -6.462  -6.876  -11.342 1.00 32.65 ? 351 HOH A O   1 
HETATM 1300 O O   . HOH B 2 .   ? 11.363  -11.608 -1.238  1.00 22.84 ? 352 HOH A O   1 
HETATM 1301 O O   . HOH B 2 .   ? -14.708 -5.098  3.213   1.00 23.03 ? 353 HOH A O   1 
HETATM 1302 O O   . HOH B 2 .   ? -5.343  -1.531  12.846  1.00 34.57 ? 354 HOH A O   1 
HETATM 1303 O O   . HOH B 2 .   ? 4.281   -11.891 -3.266  1.00 22.63 ? 355 HOH A O   1 
HETATM 1304 O O   . HOH B 2 .   ? -2.535  -0.927  -10.479 1.00 24.25 ? 356 HOH A O   1 
HETATM 1305 O O   . HOH B 2 .   ? -3.811  -0.171  -12.914 1.00 27.37 ? 357 HOH A O   1 
HETATM 1306 O O   . HOH B 2 .   ? -4.818  12.669  8.253   1.00 21.48 ? 358 HOH A O   1 
HETATM 1307 O O   . HOH B 2 .   ? 11.283  -4.111  -6.674  1.00 23.21 ? 359 HOH A O   1 
HETATM 1308 O O   . HOH B 2 .   ? 11.149  13.806  -2.856  1.00 26.08 ? 360 HOH A O   1 
HETATM 1309 O O   . HOH B 2 .   ? -15.509 -8.099  -1.933  1.00 22.92 ? 361 HOH A O   1 
HETATM 1310 O O   . HOH B 2 .   ? 10.599  -6.843  10.310  1.00 25.46 ? 362 HOH A O   1 
HETATM 1311 O O   . HOH B 2 .   ? 9.843   14.880  -5.067  1.00 24.39 ? 363 HOH A O   1 
HETATM 1312 O O   . HOH B 2 .   ? -18.823 -0.755  -2.896  1.00 27.95 ? 364 HOH A O   1 
HETATM 1313 O O   . HOH B 2 .   ? 19.354  -3.759  -0.621  1.00 29.10 ? 365 HOH A O   1 
HETATM 1314 O O   . HOH B 2 .   ? 17.161  4.973   7.545   1.00 28.58 ? 366 HOH A O   1 
HETATM 1315 O O   . HOH B 2 .   ? -8.525  11.278  5.528   1.00 28.73 ? 367 HOH A O   1 
HETATM 1316 O O   . HOH B 2 .   ? -1.299  0.894   -11.654 1.00 29.41 ? 368 HOH A O   1 
HETATM 1317 O O   . HOH B 2 .   ? 3.445   2.601   16.815  1.00 30.03 ? 369 HOH A O   1 
HETATM 1318 O O   . HOH B 2 .   ? 9.629   13.526  -7.224  1.00 21.16 ? 370 HOH A O   1 
HETATM 1319 O O   . HOH B 2 .   ? 15.828  -1.620  9.219   1.00 23.91 ? 371 HOH A O   1 
HETATM 1320 O O   . HOH B 2 .   ? -17.387 9.641   -4.541  1.00 33.28 ? 372 HOH A O   1 
HETATM 1321 O O   . HOH B 2 .   ? 8.519   -6.793  12.691  1.00 31.07 ? 373 HOH A O   1 
HETATM 1322 O O   . HOH B 2 .   ? -9.962  8.069   11.124  1.00 27.16 ? 374 HOH A O   1 
HETATM 1323 O O   . HOH B 2 .   ? 12.824  -2.517  -5.493  1.00 31.76 ? 375 HOH A O   1 
HETATM 1324 O O   . HOH B 2 .   ? -11.823 -14.784 5.758   1.00 23.19 ? 376 HOH A O   1 
HETATM 1325 O O   . HOH B 2 .   ? 16.627  0.399   -6.379  1.00 27.01 ? 377 HOH A O   1 
HETATM 1326 O O   . HOH B 2 .   ? -17.755 -0.288  -7.108  1.00 27.76 ? 378 HOH A O   1 
HETATM 1327 O O   . HOH B 2 .   ? -11.482 0.051   -16.527 1.00 33.37 ? 379 HOH A O   1 
HETATM 1328 O O   . HOH B 2 .   ? 0.602   2.905   -10.789 1.00 34.52 ? 380 HOH A O   1 
HETATM 1329 O O   . HOH B 2 .   ? -8.296  -13.312 8.125   1.00 26.59 ? 381 HOH A O   1 
HETATM 1330 O O   . HOH B 2 .   ? 6.688   14.891  5.065   1.00 26.65 ? 382 HOH A O   1 
HETATM 1331 O O   . HOH B 2 .   ? 18.718  7.079   3.969   1.00 25.89 ? 383 HOH A O   1 
HETATM 1332 O O   . HOH B 2 .   ? 10.984  17.452  -5.585  1.00 26.82 ? 384 HOH A O   1 
HETATM 1333 O O   . HOH B 2 .   ? 0.707   -11.218 15.110  1.00 29.14 ? 385 HOH A O   1 
HETATM 1334 O O   . HOH B 2 .   ? 15.217  -6.318  2.256   1.00 29.99 ? 386 HOH A O   1 
HETATM 1335 O O   . HOH B 2 .   ? 11.223  2.847   -9.017  1.00 25.55 ? 387 HOH A O   1 
HETATM 1336 O O   . HOH B 2 .   ? -19.372 -1.225  4.033   1.00 27.05 ? 388 HOH A O   1 
HETATM 1337 O O   . HOH B 2 .   ? -2.285  -15.607 6.427   1.00 24.41 ? 389 HOH A O   1 
HETATM 1338 O O   . HOH B 2 .   ? -13.611 6.785   -11.033 1.00 26.88 ? 390 HOH A O   1 
HETATM 1339 O O   . HOH B 2 .   ? -9.576  4.065   -17.265 1.00 26.12 ? 391 HOH A O   1 
HETATM 1340 O O   . HOH B 2 .   ? 1.781   -14.573 -6.910  1.00 29.31 ? 392 HOH A O   1 
HETATM 1341 O O   . HOH B 2 .   ? 2.112   13.930  -7.793  1.00 31.21 ? 393 HOH A O   1 
HETATM 1342 O O   . HOH B 2 .   ? -11.569 -6.491  12.882  1.00 33.19 ? 394 HOH A O   1 
HETATM 1343 O O   . HOH B 2 .   ? 11.151  -12.334 1.938   1.00 25.36 ? 395 HOH A O   1 
HETATM 1344 O O   . HOH B 2 .   ? 11.169  -1.355  14.825  1.00 35.90 ? 396 HOH A O   1 
HETATM 1345 O O   . HOH B 2 .   ? -6.941  9.616   9.381   1.00 33.65 ? 397 HOH A O   1 
HETATM 1346 O O   . HOH B 2 .   ? -8.518  -11.671 13.938  1.00 34.89 ? 398 HOH A O   1 
HETATM 1347 O O   . HOH B 2 .   ? 6.107   -13.608 -7.393  1.00 25.66 ? 399 HOH A O   1 
HETATM 1348 O O   . HOH B 2 .   ? 16.890  -4.793  13.248  1.00 31.85 ? 400 HOH A O   1 
HETATM 1349 O O   . HOH B 2 .   ? -6.676  7.695   -12.078 1.00 34.96 ? 401 HOH A O   1 
HETATM 1350 O O   . HOH B 2 .   ? 5.707   11.346  -8.950  1.00 30.70 ? 402 HOH A O   1 
HETATM 1351 O O   . HOH B 2 .   ? -10.622 9.776   -10.975 1.00 30.28 ? 403 HOH A O   1 
HETATM 1352 O O   . HOH B 2 .   ? -15.192 3.121   10.751  1.00 28.37 ? 404 HOH A O   1 
HETATM 1353 O O   . HOH B 2 .   ? -16.863 -1.974  9.011   1.00 32.70 ? 405 HOH A O   1 
HETATM 1354 O O   . HOH B 2 .   ? -12.981 0.846   13.146  1.00 35.55 ? 406 HOH A O   1 
HETATM 1355 O O   . HOH B 2 .   ? -4.308  8.834   10.150  1.00 32.42 ? 407 HOH A O   1 
HETATM 1356 O O   . HOH B 2 .   ? 17.835  7.770   -8.003  1.00 38.00 ? 408 HOH A O   1 
HETATM 1357 O O   . HOH B 2 .   ? -11.387 -16.378 1.503   1.00 34.72 ? 409 HOH A O   1 
HETATM 1358 O O   . HOH B 2 .   ? -4.060  -18.680 -6.166  1.00 36.88 ? 410 HOH A O   1 
HETATM 1359 O O   . HOH B 2 .   ? -0.957  -3.111  -13.552 1.00 34.49 ? 411 HOH A O   1 
HETATM 1360 O O   . HOH B 2 .   ? -4.095  18.007  -10.757 1.00 39.47 ? 412 HOH A O   1 
HETATM 1361 O O   . HOH B 2 .   ? -5.513  19.254  -8.738  1.00 36.71 ? 413 HOH A O   1 
HETATM 1362 O O   . HOH B 2 .   ? 1.444   -9.084  -13.981 1.00 34.94 ? 414 HOH A O   1 
HETATM 1363 O O   . HOH B 2 .   ? -7.493  -20.250 -1.669  1.00 33.77 ? 415 HOH A O   1 
HETATM 1364 O O   . HOH B 2 .   ? 20.148  -1.774  -2.913  1.00 35.79 ? 416 HOH A O   1 
HETATM 1365 O O   . HOH B 2 .   ? -5.218  17.814  5.796   1.00 37.05 ? 417 HOH A O   1 
HETATM 1366 O O   . HOH B 2 .   ? 2.044   19.395  4.521   1.00 32.02 ? 418 HOH A O   1 
HETATM 1367 O O   . HOH B 2 .   ? -1.775  -13.808 11.129  1.00 37.32 ? 419 HOH A O   1 
HETATM 1368 O O   . HOH B 2 .   ? -13.093 12.440  -8.730  1.00 33.81 ? 420 HOH A O   1 
HETATM 1369 O O   . HOH B 2 .   ? -15.872 -5.099  12.399  1.00 41.03 ? 421 HOH A O   1 
HETATM 1370 O O   . HOH B 2 .   ? 5.939   -13.178 -11.807 1.00 38.41 ? 422 HOH A O   1 
HETATM 1371 O O   . HOH B 2 .   ? 16.605  11.157  -7.870  1.00 37.62 ? 423 HOH A O   1 
HETATM 1372 O O   . HOH B 2 .   ? 4.055   12.368  10.874  1.00 36.86 ? 424 HOH A O   1 
HETATM 1373 O O   . HOH B 2 .   ? -20.547 4.989   -4.534  1.00 35.73 ? 425 HOH A O   1 
HETATM 1374 O O   . HOH B 2 .   ? 18.576  -1.594  -7.079  1.00 36.57 ? 426 HOH A O   1 
HETATM 1375 O O   . HOH B 2 .   ? -10.795 5.424   12.341  1.00 44.21 ? 427 HOH A O   1 
HETATM 1376 O O   . HOH B 2 .   ? 1.322   11.858  11.715  1.00 32.59 ? 428 HOH A O   1 
HETATM 1377 O O   . HOH B 2 .   ? -4.224  6.072   12.619  1.00 38.23 ? 429 HOH A O   1 
HETATM 1378 O O   . HOH B 2 .   ? -9.089  -12.653 11.964  1.00 40.04 ? 430 HOH A O   1 
HETATM 1379 O O   . HOH B 2 .   ? -9.279  15.058  -9.386  1.00 38.82 ? 431 HOH A O   1 
HETATM 1380 O O   . HOH B 2 .   ? 13.669  14.254  -2.421  1.00 42.85 ? 432 HOH A O   1 
HETATM 1381 O O   . HOH B 2 .   ? 6.188   -12.313 11.322  1.00 38.77 ? 433 HOH A O   1 
HETATM 1382 O O   . HOH B 2 .   ? 16.521  -1.293  11.539  1.00 40.01 ? 434 HOH A O   1 
HETATM 1383 O O   . HOH B 2 .   ? -16.765 -8.294  -14.725 1.00 40.71 ? 435 HOH A O   1 
HETATM 1384 O O   . HOH B 2 .   ? 2.112   11.697  14.662  1.00 38.00 ? 436 HOH A O   1 
HETATM 1385 O O   . HOH B 2 .   ? 10.892  15.333  6.118   1.00 40.00 ? 437 HOH A O   1 
HETATM 1386 O O   . HOH B 2 .   ? 14.932  15.912  -3.826  1.00 40.00 ? 438 HOH A O   1 
HETATM 1387 O O   . HOH B 2 .   ? -1.906  21.327  -1.916  1.00 41.00 ? 439 HOH A O   1 
HETATM 1388 O O   . HOH B 2 .   ? -0.991  9.713   -8.951  1.00 41.00 ? 440 HOH A O   1 
HETATM 1389 O O   . HOH B 2 .   ? -7.688  16.916  -6.356  1.00 41.00 ? 441 HOH A O   1 
HETATM 1390 O O   . HOH B 2 .   ? 0.764   8.334   -7.041  1.00 42.00 ? 442 HOH A O   1 
HETATM 1391 O O   . HOH B 2 .   ? -17.024 -6.266  -0.110  1.00 42.00 ? 443 HOH A O   1 
# 
